data_8D9I
#
_entry.id   8D9I
#
loop_
_entity.id
_entity.type
_entity.pdbx_description
1 polymer 'RAMP superfamily protein'
2 polymer "RNA (5'-R(P*UP*CP*CP*GP*GP*GP*GP*CP*AP*GP*AP*AP*AP*AP*UP*UP*GP*GP*A)-3')"
3 polymer 'RNA (35-MER)'
4 non-polymer 'ZINC ION'
#
loop_
_entity_poly.entity_id
_entity_poly.type
_entity_poly.pdbx_seq_one_letter_code
_entity_poly.pdbx_strand_id
1 'polypeptide(L)'
;MNITVELTFFEPYRLVEWFDWDARKKSHSAMRGQAFAQWTWKGKGRTAGKSFITGTLVRSAVIKAVEELLSLNNGKWEGV
PCCNGSFQTDESKGKKPSFLRKRHTLQWQANNKNICDKEEACPFCILLGRFDNAGKVHERNKDYDIHFSNFDLDHKQEKN
DLRLVDIASGRILNRVDFDTGKAKDYFRTWEADYETYGTYTGRITLRNEHAKKLLLASLGFVDKLCGALCRIEVIKKEVL
SEDHNDELRKQAEVIVEAFKQNDKLEKIRILADAIRTLRLHGEGVIEKDELPDGKEERDKGHHLWDIKVQGTALRTKLKE
LWQSNKDIGWRKFTEMLGSNLYLIYKKETGIETKEWIIVGRLKAATPFYFGVQQPSDSIPGVINEHTSFNILLDKENRYR
IPRSALRGALRRDLRTAFGSGCNVSLGGQILCNCKVCIEMRRITLKDSVSDFSEPPEIRYRIAKNPGTATVEDGSLFDIE
VGPEGLTFPFVLRYRGHKFPEQLSSVIRYWEENDGKNGMAWLGGLDSTGKGRFALKDIKIFEWDLNQKINEYIKERGMRG
KEKELLEMGESSLPDGLIPYKFFEERECLFPYKENLKPQWSEVQYTIEVGSPLLTADTISALTEPGNRDAIAYKKRVYND
GNNAIEPEPRFAVKSETHRGIFRTAVGRRTGDLGKEDHEDCTCDMCIIFGNEHESSKIRFEDLELINGNEFEKLEKHIDH
VAIDRFTGGALDKAKFDTYPLAGSPKKPLKLKGRFWIKKGFSGDHKLLITTALSDIRDGLYPLGSKGGVGYGWVAGISID
DNVPDDFKEMINKTEAAAAAAAAAAAAAAAAAAAKNKNIYYPHYFLDSGSKVYREKDIITHEEFTEELLSGKINCKLETL
TPLIIPDTSDENGLKLQGNKPGHKNYKFFNINGELMIPGSELRGMLRTHFEALTKSCFAIFGEDSTLSWRRKCASKTLGG
KLDKALHPCTGLSDGLCPGCHLFGTTDYKGRVKFGFAKYENGPEWLITRGNNPERSLTLGVLESPRPAFSIPDDESEIPG
RKFYLHHNGWRIIRQKQLEIRETVQPERNVTTEVMDKGNVFSFDVKFENLREWELGLLLQSLDPGKNIAHKLGKGKPYGF
GSVKIKIDSLHTFKINSNNDKIKRVPQSDIREYINKGYQKLIEWSGNNSIQKGNVLPQWHVIPHIDKLYKLLWVPFLNDS
KLEPDVRYPVLNEESKGYIEGSDYTYKKLGDKDNLPYKTRVKGLTTPWSPWNPFQV
;
B
2 'polyribonucleotide' UCCGGGGCAGAAAAUUGGA D
3 'polyribonucleotide' ACUUAAUGUCACGGUACCCAAUUUUCUGCCCCGGA C
#
loop_
_chem_comp.id
_chem_comp.type
_chem_comp.name
_chem_comp.formula
A RNA linking ADENOSINE-5'-MONOPHOSPHATE 'C10 H14 N5 O7 P'
C RNA linking CYTIDINE-5'-MONOPHOSPHATE 'C9 H14 N3 O8 P'
G RNA linking GUANOSINE-5'-MONOPHOSPHATE 'C10 H14 N5 O8 P'
U RNA linking URIDINE-5'-MONOPHOSPHATE 'C9 H13 N2 O9 P'
ZN non-polymer 'ZINC ION' 'Zn 2'
#
# COMPACT_ATOMS: atom_id res chain seq x y z
N MET A 1 1.08 32.59 -59.88
CA MET A 1 0.68 33.00 -58.54
C MET A 1 0.69 31.80 -57.60
N ASN A 2 1.88 31.43 -57.12
CA ASN A 2 2.07 30.24 -56.29
C ASN A 2 2.54 30.69 -54.92
N ILE A 3 1.89 30.18 -53.88
CA ILE A 3 2.22 30.49 -52.50
C ILE A 3 2.51 29.19 -51.77
N THR A 4 3.66 29.11 -51.11
CA THR A 4 3.99 27.98 -50.26
C THR A 4 3.58 28.28 -48.83
N VAL A 5 3.21 27.22 -48.10
CA VAL A 5 2.76 27.35 -46.72
C VAL A 5 3.42 26.29 -45.86
N GLU A 6 3.86 26.70 -44.69
CA GLU A 6 4.39 25.80 -43.67
C GLU A 6 3.38 25.72 -42.54
N LEU A 7 3.49 24.68 -41.74
CA LEU A 7 2.64 24.53 -40.57
C LEU A 7 3.46 23.85 -39.49
N THR A 8 3.13 24.11 -38.23
CA THR A 8 3.94 23.60 -37.12
C THR A 8 3.04 23.34 -35.91
N PHE A 9 2.65 22.09 -35.73
CA PHE A 9 1.94 21.71 -34.53
C PHE A 9 2.87 21.79 -33.32
N PHE A 10 2.36 22.32 -32.22
CA PHE A 10 3.11 22.45 -30.97
C PHE A 10 2.58 21.54 -29.89
N GLU A 11 1.81 20.52 -30.26
CA GLU A 11 1.07 19.71 -29.31
C GLU A 11 0.45 18.55 -30.09
N PRO A 12 0.30 17.39 -29.45
CA PRO A 12 -0.11 16.19 -30.21
C PRO A 12 -1.45 16.38 -30.93
N TYR A 13 -1.44 16.12 -32.24
CA TYR A 13 -2.63 16.20 -33.06
C TYR A 13 -3.25 14.82 -33.21
N ARG A 14 -4.24 14.68 -34.09
CA ARG A 14 -5.05 13.47 -34.16
C ARG A 14 -5.09 12.92 -35.59
N LEU A 15 -5.01 11.60 -35.71
CA LEU A 15 -5.13 10.91 -36.98
C LEU A 15 -6.35 10.00 -36.98
N VAL A 16 -6.88 9.74 -38.18
CA VAL A 16 -7.91 8.74 -38.38
C VAL A 16 -7.63 8.01 -39.69
N GLU A 17 -8.38 6.95 -39.95
CA GLU A 17 -8.23 6.23 -41.21
C GLU A 17 -9.16 6.85 -42.27
N TRP A 18 -8.73 6.74 -43.52
CA TRP A 18 -9.38 7.44 -44.62
C TRP A 18 -10.44 6.54 -45.25
N PHE A 19 -11.70 6.96 -45.15
CA PHE A 19 -12.83 6.28 -45.77
C PHE A 19 -13.35 7.12 -46.92
N ASP A 20 -13.58 6.50 -48.06
CA ASP A 20 -14.26 7.19 -49.16
C ASP A 20 -15.62 7.69 -48.68
N TRP A 21 -15.96 8.91 -49.09
CA TRP A 21 -17.11 9.60 -48.50
C TRP A 21 -18.38 8.75 -48.58
N ASP A 22 -18.60 8.08 -49.72
CA ASP A 22 -19.76 7.20 -49.84
C ASP A 22 -19.70 6.11 -48.78
N ALA A 23 -18.59 5.38 -48.71
CA ALA A 23 -18.42 4.38 -47.65
C ALA A 23 -18.31 5.04 -46.29
N ARG A 24 -17.74 6.24 -46.23
CA ARG A 24 -17.53 6.91 -44.96
C ARG A 24 -18.87 7.19 -44.27
N LYS A 25 -19.91 7.50 -45.05
CA LYS A 25 -21.20 7.87 -44.45
C LYS A 25 -21.77 6.73 -43.61
N LYS A 26 -21.58 5.48 -44.04
CA LYS A 26 -22.11 4.36 -43.26
C LYS A 26 -21.46 4.27 -41.89
N SER A 27 -20.14 4.43 -41.81
CA SER A 27 -19.42 4.27 -40.56
C SER A 27 -19.51 5.57 -39.76
N HIS A 28 -20.16 5.49 -38.59
CA HIS A 28 -20.26 6.67 -37.72
C HIS A 28 -18.90 7.08 -37.18
N SER A 29 -17.99 6.12 -37.02
CA SER A 29 -16.68 6.43 -36.45
C SER A 29 -15.91 7.42 -37.32
N ALA A 30 -16.24 7.48 -38.60
CA ALA A 30 -15.57 8.44 -39.47
C ALA A 30 -16.34 9.76 -39.56
N MET A 31 -17.55 9.82 -38.98
CA MET A 31 -18.29 11.07 -38.95
C MET A 31 -17.63 12.08 -38.03
N ARG A 32 -17.01 11.61 -36.94
CA ARG A 32 -16.26 12.53 -36.09
C ARG A 32 -15.03 13.05 -36.80
N GLY A 33 -14.25 12.16 -37.39
CA GLY A 33 -12.96 12.54 -37.95
C GLY A 33 -13.01 13.11 -39.35
N GLN A 34 -13.87 14.10 -39.57
CA GLN A 34 -13.83 14.87 -40.80
C GLN A 34 -12.91 16.07 -40.69
N ALA A 35 -12.35 16.34 -39.52
CA ALA A 35 -11.49 17.50 -39.29
C ALA A 35 -10.04 17.12 -39.04
N PHE A 36 -9.77 15.91 -38.55
CA PHE A 36 -8.41 15.53 -38.20
C PHE A 36 -7.59 15.26 -39.46
N ALA A 37 -6.34 14.86 -39.26
CA ALA A 37 -5.50 14.47 -40.38
C ALA A 37 -5.93 13.09 -40.90
N GLN A 38 -5.50 12.76 -42.11
CA GLN A 38 -5.94 11.54 -42.77
C GLN A 38 -4.80 10.57 -42.96
N TRP A 39 -5.11 9.29 -42.78
CA TRP A 39 -4.19 8.17 -42.96
C TRP A 39 -4.78 7.18 -43.95
N THR A 40 -3.95 6.77 -44.91
CA THR A 40 -4.36 5.84 -45.96
C THR A 40 -3.36 4.68 -46.01
N TRP A 41 -3.86 3.46 -45.99
CA TRP A 41 -3.00 2.29 -46.07
C TRP A 41 -2.51 2.10 -47.50
N LYS A 42 -1.36 1.46 -47.63
CA LYS A 42 -0.75 1.20 -48.93
C LYS A 42 0.16 -0.01 -48.80
N GLY A 43 0.50 -0.61 -49.93
CA GLY A 43 1.37 -1.77 -49.94
C GLY A 43 0.66 -3.10 -49.80
N LYS A 44 -0.66 -3.14 -50.05
CA LYS A 44 -1.44 -4.38 -50.04
C LYS A 44 -1.34 -5.08 -48.69
N GLY A 45 -1.83 -4.44 -47.64
CA GLY A 45 -1.76 -5.04 -46.31
C GLY A 45 -1.75 -3.96 -45.25
N ARG A 46 -0.78 -4.05 -44.33
CA ARG A 46 -0.68 -3.12 -43.22
C ARG A 46 0.72 -2.55 -43.17
N THR A 47 0.87 -1.48 -42.39
CA THR A 47 2.12 -0.87 -41.89
C THR A 47 2.89 -0.06 -42.93
N ALA A 48 2.33 0.22 -44.11
CA ALA A 48 3.01 1.03 -45.11
C ALA A 48 2.05 2.11 -45.62
N GLY A 49 2.01 3.24 -44.94
CA GLY A 49 1.05 4.27 -45.30
C GLY A 49 1.60 5.68 -45.37
N LYS A 50 0.79 6.61 -45.87
CA LYS A 50 1.12 8.02 -45.96
C LYS A 50 0.01 8.84 -45.36
N SER A 51 0.38 9.90 -44.63
CA SER A 51 -0.56 10.75 -43.91
C SER A 51 -0.56 12.15 -44.50
N PHE A 52 -1.74 12.75 -44.59
CA PHE A 52 -1.87 14.09 -45.17
C PHE A 52 -2.97 14.87 -44.48
N ILE A 53 -3.20 16.08 -44.98
CA ILE A 53 -4.23 16.98 -44.47
C ILE A 53 -5.05 17.50 -45.63
N THR A 54 -6.36 17.33 -45.58
CA THR A 54 -7.23 17.75 -46.67
C THR A 54 -7.33 19.26 -46.72
N GLY A 55 -7.08 19.84 -47.90
CA GLY A 55 -7.04 21.29 -48.03
C GLY A 55 -8.35 21.96 -47.68
N THR A 56 -9.46 21.23 -47.79
CA THR A 56 -10.76 21.82 -47.51
C THR A 56 -10.86 22.27 -46.05
N LEU A 57 -10.27 21.49 -45.14
CA LEU A 57 -10.21 21.90 -43.74
C LEU A 57 -9.48 23.24 -43.59
N VAL A 58 -8.35 23.39 -44.28
CA VAL A 58 -7.61 24.64 -44.23
C VAL A 58 -8.46 25.78 -44.78
N ARG A 59 -9.20 25.51 -45.86
CA ARG A 59 -10.10 26.53 -46.40
C ARG A 59 -11.09 26.98 -45.34
N SER A 60 -11.72 26.03 -44.66
CA SER A 60 -12.73 26.39 -43.66
C SER A 60 -12.11 27.18 -42.52
N ALA A 61 -10.91 26.80 -42.10
CA ALA A 61 -10.23 27.54 -41.04
C ALA A 61 -9.97 28.98 -41.48
N VAL A 62 -9.53 29.17 -42.72
CA VAL A 62 -9.25 30.51 -43.21
C VAL A 62 -10.53 31.33 -43.32
N ILE A 63 -11.64 30.69 -43.73
CA ILE A 63 -12.91 31.39 -43.79
C ILE A 63 -13.31 31.88 -42.40
N LYS A 64 -13.21 31.01 -41.40
CA LYS A 64 -13.53 31.43 -40.04
C LYS A 64 -12.64 32.56 -39.57
N ALA A 65 -11.35 32.48 -39.89
CA ALA A 65 -10.42 33.53 -39.48
C ALA A 65 -10.77 34.87 -40.13
N VAL A 66 -11.08 34.87 -41.43
CA VAL A 66 -11.42 36.12 -42.10
C VAL A 66 -12.70 36.70 -41.52
N GLU A 67 -13.69 35.84 -41.27
CA GLU A 67 -14.94 36.34 -40.68
C GLU A 67 -14.68 36.98 -39.33
N GLU A 68 -13.87 36.32 -38.48
CA GLU A 68 -13.57 36.88 -37.17
C GLU A 68 -12.83 38.21 -37.29
N LEU A 69 -11.86 38.30 -38.18
CA LEU A 69 -11.06 39.52 -38.29
C LEU A 69 -11.90 40.68 -38.80
N LEU A 70 -12.79 40.41 -39.77
CA LEU A 70 -13.69 41.48 -40.22
C LEU A 70 -14.67 41.86 -39.12
N SER A 71 -15.05 40.90 -38.27
CA SER A 71 -15.89 41.25 -37.13
C SER A 71 -15.17 42.20 -36.18
N LEU A 72 -13.86 42.01 -35.99
CA LEU A 72 -13.13 42.80 -35.00
C LEU A 72 -13.18 44.30 -35.28
N ASN A 73 -12.90 44.71 -36.52
CA ASN A 73 -12.83 46.12 -36.88
C ASN A 73 -14.20 46.72 -37.21
N ASN A 74 -15.27 46.10 -36.73
CA ASN A 74 -16.64 46.59 -36.91
C ASN A 74 -17.04 46.52 -38.39
N GLY A 75 -16.37 45.64 -39.14
CA GLY A 75 -16.85 45.26 -40.46
C GLY A 75 -16.21 45.92 -41.65
N LYS A 76 -14.90 46.13 -41.65
CA LYS A 76 -14.26 46.79 -42.77
C LYS A 76 -12.75 46.64 -42.73
N TRP A 77 -12.15 46.54 -43.91
CA TRP A 77 -10.70 46.71 -44.10
C TRP A 77 -10.46 48.02 -44.83
N GLU A 78 -9.41 48.73 -44.42
CA GLU A 78 -8.98 49.98 -45.04
C GLU A 78 -10.11 51.01 -45.14
N GLY A 79 -11.12 50.90 -44.27
CA GLY A 79 -12.26 51.80 -44.33
C GLY A 79 -13.28 51.45 -45.38
N VAL A 80 -13.06 50.40 -46.15
CA VAL A 80 -13.98 49.99 -47.23
C VAL A 80 -14.98 49.01 -46.65
N PRO A 81 -16.29 49.28 -46.79
CA PRO A 81 -17.28 48.28 -46.35
C PRO A 81 -17.12 46.99 -47.11
N CYS A 82 -17.31 45.87 -46.40
CA CYS A 82 -17.09 44.55 -46.97
C CYS A 82 -18.42 43.80 -47.06
N CYS A 83 -18.44 42.76 -47.87
CA CYS A 83 -19.67 42.05 -48.14
C CYS A 83 -20.01 41.09 -47.00
N ASN A 84 -21.29 41.03 -46.65
CA ASN A 84 -21.73 40.15 -45.57
C ASN A 84 -21.55 38.69 -45.93
N GLY A 85 -21.82 38.33 -47.19
CA GLY A 85 -21.75 36.95 -47.64
C GLY A 85 -23.08 36.47 -48.18
N SER A 86 -23.03 35.27 -48.75
CA SER A 86 -24.20 34.67 -49.38
C SER A 86 -24.51 33.26 -48.87
N PHE A 87 -23.75 32.76 -47.90
CA PHE A 87 -23.96 31.41 -47.40
C PHE A 87 -25.23 31.34 -46.55
N GLN A 88 -25.45 30.16 -45.97
CA GLN A 88 -26.52 29.80 -45.04
C GLN A 88 -27.86 29.62 -45.76
N THR A 89 -27.96 29.94 -47.05
CA THR A 89 -29.24 29.81 -47.72
C THR A 89 -29.19 28.68 -48.75
N ASP A 90 -28.31 28.81 -49.74
CA ASP A 90 -27.78 27.71 -50.57
C ASP A 90 -28.82 26.62 -50.88
N GLU A 91 -29.89 27.00 -51.58
CA GLU A 91 -30.90 26.04 -52.00
C GLU A 91 -31.29 26.29 -53.45
N SER A 92 -31.84 25.26 -54.08
CA SER A 92 -32.49 25.34 -55.38
C SER A 92 -31.51 25.63 -56.51
N LYS A 93 -30.23 25.85 -56.17
CA LYS A 93 -29.21 26.01 -57.20
C LYS A 93 -28.78 24.67 -57.76
N GLY A 94 -28.92 23.60 -56.97
CA GLY A 94 -28.45 22.30 -57.37
C GLY A 94 -28.27 21.41 -56.15
N LYS A 95 -27.19 20.64 -56.17
CA LYS A 95 -26.84 19.85 -55.00
C LYS A 95 -26.35 20.76 -53.88
N LYS A 96 -26.86 20.53 -52.68
CA LYS A 96 -26.39 21.26 -51.52
C LYS A 96 -24.92 20.91 -51.27
N PRO A 97 -24.13 21.87 -50.78
CA PRO A 97 -22.72 21.58 -50.52
C PRO A 97 -22.58 20.45 -49.51
N SER A 98 -21.61 19.58 -49.76
CA SER A 98 -21.32 18.49 -48.84
C SER A 98 -20.92 19.05 -47.49
N PHE A 99 -20.93 18.20 -46.47
CA PHE A 99 -20.56 18.62 -45.13
C PHE A 99 -21.48 19.76 -44.65
N LEU A 100 -22.76 19.47 -44.42
CA LEU A 100 -23.68 20.45 -43.85
C LEU A 100 -23.36 20.58 -42.37
N ARG A 101 -23.10 21.81 -41.91
CA ARG A 101 -22.77 22.01 -40.51
C ARG A 101 -23.66 23.11 -39.92
N LYS A 102 -23.53 23.30 -38.61
CA LYS A 102 -24.34 24.25 -37.85
C LYS A 102 -23.42 25.15 -37.01
N ARG A 103 -23.63 26.46 -37.09
CA ARG A 103 -22.89 27.43 -36.30
C ARG A 103 -23.58 28.78 -36.42
N HIS A 104 -23.54 29.53 -35.33
CA HIS A 104 -24.15 30.86 -35.29
C HIS A 104 -23.30 31.82 -36.12
N THR A 105 -23.49 31.75 -37.44
CA THR A 105 -22.77 32.64 -38.35
C THR A 105 -23.15 34.08 -38.07
N LEU A 106 -22.16 34.95 -37.99
CA LEU A 106 -22.35 36.36 -37.70
C LEU A 106 -22.32 37.14 -39.00
N GLN A 107 -23.40 37.88 -39.27
CA GLN A 107 -23.50 38.76 -40.42
C GLN A 107 -23.69 40.18 -39.91
N TRP A 108 -22.58 40.87 -39.66
CA TRP A 108 -22.67 42.25 -39.20
C TRP A 108 -23.33 43.12 -40.27
N GLN A 109 -24.21 44.00 -39.83
CA GLN A 109 -24.88 44.89 -40.78
C GLN A 109 -23.87 45.90 -41.34
N ALA A 110 -23.85 46.04 -42.65
CA ALA A 110 -22.92 46.92 -43.33
C ALA A 110 -23.67 47.86 -44.26
N ASN A 111 -23.04 49.01 -44.52
CA ASN A 111 -23.67 50.01 -45.38
C ASN A 111 -23.77 49.54 -46.82
N ASN A 112 -22.84 48.68 -47.24
CA ASN A 112 -22.81 48.24 -48.63
C ASN A 112 -24.03 47.39 -48.97
N LYS A 113 -24.66 47.69 -50.10
CA LYS A 113 -25.77 46.90 -50.60
C LYS A 113 -25.33 45.85 -51.62
N ASN A 114 -24.12 45.95 -52.15
CA ASN A 114 -23.57 44.95 -53.04
C ASN A 114 -22.89 43.80 -52.32
N ILE A 115 -23.09 42.57 -52.79
CA ILE A 115 -22.66 41.35 -52.12
C ILE A 115 -21.31 40.92 -52.68
N CYS A 116 -20.52 41.89 -53.14
CA CYS A 116 -19.34 41.68 -53.98
C CYS A 116 -19.77 41.15 -55.35
N ASP A 117 -20.52 41.99 -56.05
CA ASP A 117 -21.07 41.61 -57.35
C ASP A 117 -19.95 41.46 -58.38
N LYS A 118 -20.36 41.13 -59.61
CA LYS A 118 -19.40 40.70 -60.63
C LYS A 118 -18.39 41.78 -60.98
N GLU A 119 -18.85 43.00 -61.29
CA GLU A 119 -17.95 43.99 -61.88
C GLU A 119 -16.97 44.55 -60.85
N GLU A 120 -17.46 44.85 -59.63
CA GLU A 120 -16.58 45.31 -58.55
C GLU A 120 -16.72 44.30 -57.40
N ALA A 121 -15.80 43.34 -57.39
CA ALA A 121 -15.87 42.28 -56.40
C ALA A 121 -15.02 42.63 -55.19
N CYS A 122 -15.67 42.84 -54.05
CA CYS A 122 -14.98 43.08 -52.81
C CYS A 122 -14.34 41.78 -52.28
N PRO A 123 -13.20 41.89 -51.58
CA PRO A 123 -12.27 40.75 -51.47
C PRO A 123 -12.84 39.50 -50.83
N PHE A 124 -13.77 39.64 -49.88
CA PHE A 124 -14.23 38.49 -49.11
C PHE A 124 -14.83 37.44 -50.02
N CYS A 125 -15.59 37.86 -51.04
CA CYS A 125 -16.23 36.89 -51.92
C CYS A 125 -15.25 36.30 -52.93
N ILE A 126 -14.21 37.05 -53.31
CA ILE A 126 -13.15 36.42 -54.10
C ILE A 126 -12.52 35.29 -53.32
N LEU A 127 -12.21 35.54 -52.04
CA LEU A 127 -11.61 34.50 -51.23
C LEU A 127 -12.60 33.36 -50.98
N LEU A 128 -13.89 33.68 -50.93
CA LEU A 128 -14.90 32.64 -50.87
C LEU A 128 -15.07 31.94 -52.22
N GLY A 129 -15.12 32.71 -53.30
CA GLY A 129 -15.32 32.17 -54.63
C GLY A 129 -16.75 32.22 -55.15
N ARG A 130 -17.47 33.34 -54.95
CA ARG A 130 -18.90 33.35 -55.24
C ARG A 130 -19.16 33.44 -56.75
N PHE A 131 -18.29 34.13 -57.49
CA PHE A 131 -18.32 34.10 -58.94
C PHE A 131 -17.10 33.37 -59.47
N ASP A 132 -17.32 32.19 -60.04
CA ASP A 132 -16.26 31.44 -60.72
C ASP A 132 -16.85 30.32 -61.57
N ASN A 133 -16.00 29.63 -62.32
CA ASN A 133 -16.38 28.41 -63.04
C ASN A 133 -15.74 27.24 -62.31
N ALA A 134 -16.41 26.76 -61.27
CA ALA A 134 -15.85 25.71 -60.43
C ALA A 134 -16.74 24.48 -60.39
N GLY A 135 -18.04 24.69 -60.21
CA GLY A 135 -18.94 23.57 -60.03
C GLY A 135 -19.12 23.20 -58.58
N LYS A 136 -20.36 22.90 -58.17
CA LYS A 136 -20.62 22.61 -56.76
C LYS A 136 -19.82 21.41 -56.27
N VAL A 137 -19.89 20.29 -56.98
CA VAL A 137 -19.14 19.09 -56.59
C VAL A 137 -18.34 18.60 -57.79
N HIS A 138 -17.97 19.52 -58.67
CA HIS A 138 -17.29 19.19 -59.91
C HIS A 138 -15.84 19.66 -59.84
N GLU A 139 -14.90 18.77 -60.13
CA GLU A 139 -13.48 19.06 -60.00
C GLU A 139 -12.72 18.69 -61.28
N ARG A 140 -13.33 18.93 -62.44
CA ARG A 140 -12.70 18.53 -63.70
C ARG A 140 -11.38 19.24 -63.91
N ASN A 141 -11.36 20.56 -63.71
CA ASN A 141 -10.15 21.35 -63.92
C ASN A 141 -9.98 22.30 -62.74
N LYS A 142 -8.73 22.72 -62.52
CA LYS A 142 -8.39 23.57 -61.39
C LYS A 142 -8.73 25.04 -61.71
N ASP A 143 -10.00 25.28 -61.99
CA ASP A 143 -10.52 26.62 -62.25
C ASP A 143 -11.16 27.17 -60.98
N TYR A 144 -10.29 27.48 -60.01
CA TYR A 144 -10.71 27.97 -58.71
C TYR A 144 -10.08 29.34 -58.46
N ASP A 145 -10.86 30.25 -57.88
CA ASP A 145 -10.27 31.52 -57.44
C ASP A 145 -9.19 31.29 -56.40
N ILE A 146 -9.49 30.47 -55.40
CA ILE A 146 -8.48 30.09 -54.41
C ILE A 146 -8.46 28.58 -54.24
N HIS A 147 -7.63 27.90 -55.04
CA HIS A 147 -7.52 26.45 -54.90
C HIS A 147 -6.66 26.12 -53.69
N PHE A 148 -7.04 25.07 -52.97
CA PHE A 148 -6.32 24.62 -51.79
C PHE A 148 -5.89 23.17 -51.99
N SER A 149 -4.66 22.99 -52.46
CA SER A 149 -4.14 21.66 -52.66
C SER A 149 -3.94 20.95 -51.32
N ASN A 150 -3.78 19.63 -51.40
CA ASN A 150 -3.61 18.84 -50.19
C ASN A 150 -2.30 19.18 -49.50
N PHE A 151 -2.29 19.00 -48.19
CA PHE A 151 -1.08 19.17 -47.38
C PHE A 151 -0.57 17.80 -46.97
N ASP A 152 0.61 17.44 -47.45
CA ASP A 152 1.21 16.15 -47.15
C ASP A 152 2.48 16.34 -46.32
N LEU A 153 2.75 15.35 -45.48
CA LEU A 153 3.82 15.47 -44.50
C LEU A 153 5.17 15.56 -45.20
N ASP A 154 6.07 16.34 -44.59
CA ASP A 154 7.44 16.49 -45.07
C ASP A 154 8.37 15.80 -44.07
N HIS A 155 9.13 14.82 -44.56
CA HIS A 155 9.97 13.98 -43.71
C HIS A 155 11.37 13.88 -44.31
N LYS A 156 12.38 14.08 -43.47
CA LYS A 156 13.76 14.06 -43.94
C LYS A 156 14.21 12.65 -44.31
N GLN A 157 13.88 11.67 -43.48
CA GLN A 157 14.24 10.28 -43.73
C GLN A 157 13.13 9.52 -44.42
N GLU A 158 12.35 10.20 -45.27
CA GLU A 158 11.19 9.63 -45.92
C GLU A 158 11.55 8.61 -47.00
N LYS A 159 12.82 8.28 -47.18
CA LYS A 159 13.21 7.29 -48.18
C LYS A 159 12.58 5.94 -47.87
N ASN A 160 12.66 5.50 -46.62
CA ASN A 160 11.99 4.28 -46.22
C ASN A 160 10.52 4.52 -45.95
N ASP A 161 9.73 3.45 -45.99
CA ASP A 161 8.30 3.56 -45.73
C ASP A 161 8.04 3.81 -44.25
N LEU A 162 7.14 4.75 -43.98
CA LEU A 162 6.74 4.98 -42.60
C LEU A 162 5.89 3.82 -42.09
N ARG A 163 5.86 3.66 -40.79
CA ARG A 163 5.07 2.62 -40.14
C ARG A 163 4.17 3.26 -39.09
N LEU A 164 2.89 2.88 -39.11
CA LEU A 164 1.92 3.55 -38.27
C LEU A 164 2.26 3.40 -36.79
N VAL A 165 2.98 2.34 -36.44
CA VAL A 165 3.37 2.16 -35.05
C VAL A 165 4.41 3.21 -34.64
N ASP A 166 5.02 3.89 -35.61
CA ASP A 166 6.10 4.82 -35.31
C ASP A 166 5.55 6.22 -35.04
N ILE A 167 4.57 6.69 -35.81
CA ILE A 167 4.17 8.09 -35.75
C ILE A 167 2.86 8.32 -35.01
N ALA A 168 2.42 7.38 -34.19
CA ALA A 168 1.17 7.56 -33.46
C ALA A 168 1.14 6.63 -32.27
N SER A 169 0.03 6.66 -31.55
CA SER A 169 -0.24 5.74 -30.44
C SER A 169 -1.72 5.85 -30.13
N GLY A 170 -2.23 4.87 -29.41
CA GLY A 170 -3.65 4.82 -29.14
C GLY A 170 -4.02 5.24 -27.72
N ARG A 171 -5.24 5.73 -27.54
CA ARG A 171 -5.73 6.00 -26.19
C ARG A 171 -7.25 6.07 -26.22
N ILE A 172 -7.87 5.74 -25.08
CA ILE A 172 -9.31 5.75 -24.95
C ILE A 172 -9.70 6.97 -24.12
N LEU A 173 -10.48 7.85 -24.72
CA LEU A 173 -11.11 8.95 -23.99
C LEU A 173 -12.47 8.50 -23.47
N ASN A 174 -13.01 9.23 -22.51
CA ASN A 174 -14.29 8.89 -21.91
C ASN A 174 -15.04 10.16 -21.53
N ARG A 175 -16.18 9.96 -20.86
CA ARG A 175 -17.03 11.05 -20.40
C ARG A 175 -17.61 10.69 -19.04
N VAL A 176 -17.65 11.66 -18.14
CA VAL A 176 -18.22 11.45 -16.81
C VAL A 176 -19.45 12.34 -16.66
N ASP A 177 -20.16 12.12 -15.56
CA ASP A 177 -21.35 12.89 -15.24
C ASP A 177 -21.01 13.97 -14.23
N PHE A 178 -21.91 14.95 -14.09
CA PHE A 178 -21.72 15.97 -13.08
C PHE A 178 -21.64 15.34 -11.70
N ASP A 179 -22.62 14.52 -11.35
CA ASP A 179 -22.62 13.78 -10.10
C ASP A 179 -22.42 12.29 -10.37
N THR A 180 -22.31 11.54 -9.29
CA THR A 180 -22.18 10.09 -9.26
C THR A 180 -20.87 9.58 -9.86
N GLY A 181 -19.94 10.43 -10.26
CA GLY A 181 -18.60 9.94 -10.54
C GLY A 181 -18.49 9.13 -11.81
N LYS A 182 -19.32 8.08 -11.91
CA LYS A 182 -19.29 7.09 -12.98
C LYS A 182 -19.15 7.68 -14.38
N ALA A 183 -18.48 6.94 -15.27
CA ALA A 183 -18.39 7.31 -16.67
C ALA A 183 -19.57 6.71 -17.42
N LYS A 184 -19.97 7.35 -18.51
CA LYS A 184 -21.12 6.91 -19.28
C LYS A 184 -20.75 6.42 -20.67
N ASP A 185 -19.54 6.70 -21.14
CA ASP A 185 -19.14 6.33 -22.50
C ASP A 185 -17.64 6.19 -22.61
N TYR A 186 -17.15 5.82 -23.79
CA TYR A 186 -15.72 5.80 -24.06
C TYR A 186 -15.53 5.56 -25.55
N PHE A 187 -14.42 6.08 -26.06
CA PHE A 187 -14.11 5.93 -27.47
C PHE A 187 -12.60 5.95 -27.66
N ARG A 188 -12.17 5.60 -28.87
CA ARG A 188 -10.77 5.29 -29.15
C ARG A 188 -10.21 6.30 -30.14
N THR A 189 -9.01 6.81 -29.88
CA THR A 189 -8.38 7.80 -30.74
C THR A 189 -6.90 7.50 -30.88
N TRP A 190 -6.30 8.07 -31.93
CA TRP A 190 -4.88 7.97 -32.20
C TRP A 190 -4.24 9.35 -32.03
N GLU A 191 -3.31 9.46 -31.11
CA GLU A 191 -2.54 10.67 -30.90
C GLU A 191 -1.20 10.55 -31.58
N ALA A 192 -0.80 11.61 -32.27
CA ALA A 192 0.43 11.64 -33.05
C ALA A 192 1.58 12.18 -32.19
N ASP A 193 2.70 12.48 -32.83
CA ASP A 193 3.90 12.99 -32.16
C ASP A 193 4.26 14.34 -32.75
N TYR A 194 4.47 15.33 -31.89
CA TYR A 194 4.72 16.70 -32.32
C TYR A 194 6.20 17.06 -32.28
N GLU A 195 7.08 16.10 -32.04
CA GLU A 195 8.50 16.36 -31.91
C GLU A 195 9.26 16.06 -33.19
N THR A 196 9.05 14.89 -33.79
CA THR A 196 9.76 14.56 -35.02
C THR A 196 8.85 14.65 -36.24
N TYR A 197 7.53 14.67 -36.03
CA TYR A 197 6.57 14.75 -37.13
C TYR A 197 5.66 15.93 -36.89
N GLY A 198 6.12 17.13 -37.23
CA GLY A 198 5.28 18.29 -37.03
C GLY A 198 4.93 19.08 -38.28
N THR A 199 5.85 19.14 -39.22
CA THR A 199 5.68 20.03 -40.36
C THR A 199 4.65 19.46 -41.33
N TYR A 200 4.04 20.34 -42.12
CA TYR A 200 3.18 19.96 -43.23
C TYR A 200 3.26 21.06 -44.26
N THR A 201 3.52 20.71 -45.51
CA THR A 201 3.78 21.69 -46.57
C THR A 201 2.84 21.46 -47.74
N GLY A 202 2.30 22.53 -48.30
CA GLY A 202 1.41 22.41 -49.43
C GLY A 202 1.54 23.54 -50.45
N ARG A 203 0.43 23.89 -51.10
CA ARG A 203 0.44 24.86 -52.18
C ARG A 203 -0.89 25.62 -52.19
N ILE A 204 -0.81 26.92 -52.50
CA ILE A 204 -1.97 27.79 -52.56
C ILE A 204 -1.86 28.64 -53.82
N THR A 205 -2.98 28.83 -54.53
CA THR A 205 -2.97 29.58 -55.76
C THR A 205 -4.08 30.63 -55.76
N LEU A 206 -3.74 31.82 -56.25
CA LEU A 206 -4.69 32.91 -56.36
C LEU A 206 -4.77 33.41 -57.80
N ARG A 207 -5.72 34.29 -58.10
CA ARG A 207 -5.87 34.80 -59.45
C ARG A 207 -5.78 36.32 -59.50
N ASN A 208 -6.32 37.01 -58.50
CA ASN A 208 -6.32 38.46 -58.48
C ASN A 208 -5.58 38.98 -57.24
N GLU A 209 -4.97 40.15 -57.39
CA GLU A 209 -4.22 40.77 -56.31
C GLU A 209 -5.11 41.37 -55.23
N HIS A 210 -6.32 41.78 -55.59
CA HIS A 210 -7.16 42.59 -54.70
C HIS A 210 -7.38 41.91 -53.35
N ALA A 211 -7.39 40.59 -53.33
CA ALA A 211 -7.67 39.86 -52.10
C ALA A 211 -6.43 39.33 -51.41
N LYS A 212 -5.28 39.36 -52.09
CA LYS A 212 -4.08 38.74 -51.50
C LYS A 212 -3.71 39.40 -50.18
N LYS A 213 -3.71 40.74 -50.14
CA LYS A 213 -3.36 41.44 -48.91
C LYS A 213 -4.27 41.05 -47.77
N LEU A 214 -5.49 40.60 -48.08
CA LEU A 214 -6.34 40.03 -47.06
C LEU A 214 -5.81 38.69 -46.58
N LEU A 215 -5.65 37.74 -47.51
CA LEU A 215 -5.34 36.36 -47.12
C LEU A 215 -4.02 36.29 -46.37
N LEU A 216 -2.99 36.95 -46.90
CA LEU A 216 -1.67 36.90 -46.29
C LEU A 216 -1.72 37.38 -44.83
N ALA A 217 -2.71 38.21 -44.50
CA ALA A 217 -2.90 38.60 -43.11
C ALA A 217 -3.64 37.52 -42.33
N SER A 218 -4.78 37.08 -42.86
CA SER A 218 -5.67 36.23 -42.07
C SER A 218 -5.02 34.90 -41.71
N LEU A 219 -4.06 34.45 -42.51
CA LEU A 219 -3.35 33.21 -42.19
C LEU A 219 -2.77 33.26 -40.78
N GLY A 220 -2.29 34.42 -40.35
CA GLY A 220 -1.72 34.51 -39.03
C GLY A 220 -2.73 34.23 -37.93
N PHE A 221 -3.99 34.60 -38.16
CA PHE A 221 -4.96 34.57 -37.08
C PHE A 221 -5.34 33.15 -36.67
N VAL A 222 -5.12 32.15 -37.53
CA VAL A 222 -5.62 30.81 -37.23
C VAL A 222 -4.75 30.17 -36.16
N ASP A 223 -5.41 29.56 -35.17
CA ASP A 223 -4.70 28.94 -34.06
C ASP A 223 -4.96 27.45 -33.95
N LYS A 224 -6.23 27.05 -33.92
CA LYS A 224 -6.62 25.66 -33.66
C LYS A 224 -6.81 24.95 -35.00
N LEU A 225 -5.93 24.00 -35.29
CA LEU A 225 -6.07 23.15 -36.46
C LEU A 225 -5.79 21.71 -36.06
N CYS A 226 -6.70 20.80 -36.42
CA CYS A 226 -6.58 19.38 -36.10
C CYS A 226 -6.47 19.14 -34.60
N GLY A 227 -6.91 20.10 -33.79
CA GLY A 227 -6.90 19.92 -32.36
C GLY A 227 -5.62 20.31 -31.65
N ALA A 228 -4.80 21.17 -32.25
CA ALA A 228 -3.55 21.58 -31.60
C ALA A 228 -3.17 22.98 -32.07
N LEU A 229 -2.46 23.70 -31.21
CA LEU A 229 -1.98 25.03 -31.56
C LEU A 229 -1.02 24.95 -32.72
N CYS A 230 -1.04 25.96 -33.59
CA CYS A 230 -0.19 25.95 -34.76
C CYS A 230 0.27 27.37 -35.07
N ARG A 231 1.14 27.48 -36.08
CA ARG A 231 1.68 28.76 -36.54
C ARG A 231 1.91 28.65 -38.05
N ILE A 232 0.93 29.08 -38.83
CA ILE A 232 1.10 29.07 -40.29
C ILE A 232 2.07 30.17 -40.69
N GLU A 233 3.08 29.79 -41.46
CA GLU A 233 4.12 30.73 -41.88
C GLU A 233 4.33 30.61 -43.37
N VAL A 234 4.24 31.74 -44.08
CA VAL A 234 4.57 31.74 -45.50
C VAL A 234 6.06 31.47 -45.68
N ILE A 235 6.37 30.61 -46.63
CA ILE A 235 7.74 30.22 -46.94
C ILE A 235 8.13 30.83 -48.27
N LYS A 236 9.07 31.77 -48.24
CA LYS A 236 9.55 32.37 -49.48
C LYS A 236 10.44 31.40 -50.24
N LYS A 237 10.29 31.39 -51.56
CA LYS A 237 11.07 30.49 -52.41
C LYS A 237 11.90 31.28 -53.43
N GLU A 238 20.30 -1.58 -34.82
CA GLU A 238 19.32 -1.63 -33.73
C GLU A 238 18.21 -2.61 -34.04
N VAL A 239 18.35 -3.35 -35.13
CA VAL A 239 17.35 -4.35 -35.50
C VAL A 239 17.31 -5.46 -34.44
N LEU A 240 18.49 -5.89 -33.98
CA LEU A 240 18.59 -6.93 -32.97
C LEU A 240 17.79 -6.62 -31.70
N SER A 241 17.44 -5.35 -31.48
CA SER A 241 16.55 -5.01 -30.38
C SER A 241 15.28 -5.86 -30.42
N GLU A 242 14.63 -5.92 -31.58
CA GLU A 242 13.48 -6.81 -31.73
C GLU A 242 13.86 -8.23 -31.37
N ASP A 243 15.00 -8.70 -31.90
CA ASP A 243 15.46 -10.06 -31.60
C ASP A 243 15.61 -10.28 -30.11
N HIS A 244 16.03 -9.26 -29.36
CA HIS A 244 16.15 -9.43 -27.92
C HIS A 244 14.81 -9.77 -27.30
N ASN A 245 13.74 -9.09 -27.73
CA ASN A 245 12.41 -9.39 -27.19
C ASN A 245 12.06 -10.86 -27.39
N ASP A 246 12.65 -11.49 -28.40
CA ASP A 246 12.52 -12.94 -28.55
C ASP A 246 13.61 -13.67 -27.78
N GLU A 247 14.86 -13.23 -27.94
CA GLU A 247 15.98 -14.04 -27.46
C GLU A 247 15.92 -14.26 -25.96
N LEU A 248 15.65 -13.20 -25.19
CA LEU A 248 15.59 -13.33 -23.75
C LEU A 248 14.62 -14.44 -23.34
N ARG A 249 13.55 -14.62 -24.11
CA ARG A 249 12.58 -15.67 -23.81
C ARG A 249 13.27 -17.00 -23.58
N LYS A 250 14.16 -17.39 -24.51
CA LYS A 250 14.86 -18.67 -24.34
C LYS A 250 15.56 -18.74 -22.99
N GLN A 251 16.36 -17.71 -22.66
CA GLN A 251 17.03 -17.72 -21.38
C GLN A 251 16.03 -17.71 -20.24
N ALA A 252 14.91 -16.99 -20.39
CA ALA A 252 13.86 -17.05 -19.39
C ALA A 252 13.49 -18.49 -19.08
N GLU A 253 13.30 -19.31 -20.13
CA GLU A 253 12.93 -20.70 -19.91
C GLU A 253 13.93 -21.41 -19.00
N VAL A 254 15.21 -21.15 -19.21
CA VAL A 254 16.24 -21.84 -18.42
C VAL A 254 16.05 -21.53 -16.95
N ILE A 255 15.70 -20.29 -16.62
CA ILE A 255 15.53 -19.93 -15.21
C ILE A 255 14.27 -20.59 -14.64
N VAL A 256 13.26 -20.81 -15.47
CA VAL A 256 11.97 -21.26 -14.94
C VAL A 256 12.00 -22.75 -14.66
N GLU A 257 12.19 -23.58 -15.69
CA GLU A 257 12.04 -25.01 -15.53
C GLU A 257 13.05 -25.56 -14.54
N ALA A 258 14.20 -24.91 -14.40
CA ALA A 258 15.20 -25.35 -13.43
C ALA A 258 14.61 -25.35 -12.02
N PHE A 259 13.87 -24.30 -11.67
CA PHE A 259 13.23 -24.28 -10.35
C PHE A 259 12.29 -25.47 -10.19
N LYS A 260 11.66 -25.93 -11.27
CA LYS A 260 10.74 -27.05 -11.16
C LYS A 260 11.48 -28.34 -10.81
N GLN A 261 12.77 -28.41 -11.11
CA GLN A 261 13.56 -29.57 -10.69
C GLN A 261 13.96 -29.46 -9.23
N ASN A 262 13.89 -28.26 -8.66
CA ASN A 262 14.01 -28.07 -7.22
C ASN A 262 12.66 -28.09 -6.52
N ASP A 263 11.58 -28.32 -7.27
CA ASP A 263 10.22 -28.34 -6.74
C ASP A 263 9.90 -27.03 -6.01
N LYS A 264 10.31 -25.91 -6.63
CA LYS A 264 9.99 -24.59 -6.14
C LYS A 264 9.53 -23.74 -7.32
N LEU A 265 8.24 -23.78 -7.62
CA LEU A 265 7.66 -22.95 -8.67
C LEU A 265 6.79 -21.83 -8.12
N GLU A 266 6.66 -21.74 -6.80
CA GLU A 266 5.89 -20.65 -6.22
C GLU A 266 6.71 -19.36 -6.23
N LYS A 267 8.03 -19.46 -6.26
CA LYS A 267 8.88 -18.28 -6.12
C LYS A 267 8.90 -17.43 -7.38
N ILE A 268 8.48 -17.98 -8.52
CA ILE A 268 8.65 -17.29 -9.80
C ILE A 268 7.98 -15.92 -9.79
N ARG A 269 6.77 -15.83 -9.25
CA ARG A 269 6.05 -14.56 -9.23
C ARG A 269 6.81 -13.51 -8.42
N ILE A 270 7.32 -13.91 -7.26
CA ILE A 270 8.10 -13.00 -6.43
C ILE A 270 9.36 -12.56 -7.17
N LEU A 271 10.00 -13.49 -7.89
CA LEU A 271 11.18 -13.15 -8.66
C LEU A 271 10.85 -12.12 -9.73
N ALA A 272 9.70 -12.28 -10.40
CA ALA A 272 9.30 -11.30 -11.41
C ALA A 272 9.07 -9.94 -10.79
N ASP A 273 8.41 -9.89 -9.63
CA ASP A 273 8.18 -8.61 -8.97
C ASP A 273 9.51 -7.95 -8.60
N ALA A 274 10.44 -8.71 -8.05
CA ALA A 274 11.72 -8.14 -7.65
C ALA A 274 12.52 -7.67 -8.85
N ILE A 275 12.49 -8.43 -9.95
CA ILE A 275 13.25 -8.04 -11.13
C ILE A 275 12.60 -6.85 -11.82
N ARG A 276 11.31 -6.61 -11.58
CA ARG A 276 10.73 -5.34 -12.03
C ARG A 276 11.18 -4.19 -11.13
N THR A 277 11.17 -4.41 -9.81
CA THR A 277 11.55 -3.36 -8.87
C THR A 277 13.01 -2.94 -9.03
N LEU A 278 13.87 -3.84 -9.50
CA LEU A 278 15.27 -3.48 -9.74
C LEU A 278 15.41 -2.37 -10.78
N ARG A 279 14.31 -1.90 -11.36
CA ARG A 279 14.36 -0.81 -12.32
C ARG A 279 14.87 0.48 -11.69
N LEU A 280 14.45 0.75 -10.45
CA LEU A 280 14.74 2.04 -9.83
C LEU A 280 16.21 2.17 -9.44
N HIS A 281 16.77 1.12 -8.85
CA HIS A 281 18.01 1.26 -8.09
C HIS A 281 19.17 1.72 -8.95
N GLY A 282 19.43 1.04 -10.06
CA GLY A 282 20.53 1.39 -10.92
C GLY A 282 21.32 0.18 -11.37
N GLU A 283 22.03 0.33 -12.49
CA GLU A 283 22.77 -0.78 -13.07
C GLU A 283 23.86 -1.28 -12.13
N GLY A 284 24.52 -0.37 -11.42
CA GLY A 284 25.65 -0.77 -10.58
C GLY A 284 25.30 -1.84 -9.57
N VAL A 285 24.02 -1.91 -9.19
CA VAL A 285 23.57 -2.90 -8.20
C VAL A 285 24.01 -4.30 -8.62
N ILE A 286 24.06 -4.55 -9.93
CA ILE A 286 24.49 -5.88 -10.37
C ILE A 286 26.01 -5.91 -10.52
N GLU A 287 26.62 -4.85 -11.02
CA GLU A 287 28.04 -4.88 -11.33
C GLU A 287 28.92 -4.60 -10.11
N LYS A 288 28.32 -4.32 -8.95
CA LYS A 288 29.05 -4.23 -7.69
C LYS A 288 28.65 -5.32 -6.70
N ASP A 289 27.71 -6.18 -7.08
CA ASP A 289 27.23 -7.26 -6.24
C ASP A 289 26.78 -6.75 -4.88
N GLU A 290 26.05 -5.64 -4.90
CA GLU A 290 25.43 -5.09 -3.70
C GLU A 290 24.15 -5.81 -3.32
N LEU A 291 23.90 -6.99 -3.89
CA LEU A 291 22.68 -7.72 -3.62
C LEU A 291 22.66 -8.22 -2.18
N PRO A 292 21.49 -8.60 -1.66
CA PRO A 292 21.37 -8.89 -0.23
C PRO A 292 22.04 -10.17 0.23
N ASP A 293 23.35 -10.28 0.01
CA ASP A 293 24.18 -11.35 0.58
C ASP A 293 23.68 -11.62 1.99
N GLY A 294 23.41 -12.89 2.30
CA GLY A 294 22.52 -13.21 3.41
C GLY A 294 23.23 -13.54 4.69
N LYS A 295 22.64 -14.50 5.41
CA LYS A 295 23.00 -14.81 6.78
C LYS A 295 24.43 -15.34 6.86
N GLU A 296 24.85 -15.65 8.10
CA GLU A 296 26.14 -16.27 8.34
C GLU A 296 26.32 -17.51 7.47
N GLU A 297 27.55 -18.00 7.39
CA GLU A 297 28.08 -18.82 6.29
C GLU A 297 26.99 -19.79 5.81
N ARG A 298 26.51 -20.69 6.65
CA ARG A 298 25.33 -21.55 6.44
C ARG A 298 25.46 -22.44 5.21
N ASP A 299 26.58 -22.40 4.49
CA ASP A 299 26.74 -23.12 3.22
C ASP A 299 25.63 -22.77 2.23
N LYS A 300 25.01 -21.61 2.45
CA LYS A 300 23.92 -21.12 1.62
C LYS A 300 23.96 -19.60 1.64
N GLY A 301 22.97 -18.99 0.99
CA GLY A 301 22.86 -17.55 0.97
C GLY A 301 21.39 -17.16 1.04
N HIS A 302 21.09 -15.99 0.47
CA HIS A 302 19.72 -15.52 0.42
C HIS A 302 18.87 -16.53 -0.33
N HIS A 303 17.69 -16.86 0.23
CA HIS A 303 16.92 -18.02 -0.22
C HIS A 303 16.47 -17.90 -1.67
N LEU A 304 16.44 -16.69 -2.21
CA LEU A 304 16.00 -16.48 -3.58
C LEU A 304 17.14 -16.15 -4.54
N TRP A 305 18.21 -15.53 -4.07
CA TRP A 305 19.30 -15.08 -4.93
C TRP A 305 20.42 -16.10 -5.05
N ASP A 306 20.26 -17.30 -4.48
CA ASP A 306 21.32 -18.29 -4.56
C ASP A 306 20.83 -19.69 -4.92
N ILE A 307 19.69 -19.82 -5.60
CA ILE A 307 19.29 -21.11 -6.15
C ILE A 307 20.24 -21.42 -7.29
N LYS A 308 20.33 -22.68 -7.68
CA LYS A 308 21.26 -23.12 -8.72
C LYS A 308 20.51 -23.37 -10.02
N VAL A 309 21.01 -22.78 -11.10
CA VAL A 309 20.44 -22.95 -12.43
C VAL A 309 21.57 -23.35 -13.38
N GLN A 310 21.51 -24.59 -13.86
CA GLN A 310 22.47 -25.12 -14.82
C GLN A 310 23.91 -25.04 -14.30
N GLY A 311 24.06 -25.13 -12.98
CA GLY A 311 25.36 -25.26 -12.36
C GLY A 311 25.90 -23.99 -11.73
N THR A 312 25.26 -22.84 -11.97
CA THR A 312 25.76 -21.57 -11.46
C THR A 312 24.68 -20.87 -10.66
N ALA A 313 25.10 -20.08 -9.67
CA ALA A 313 24.16 -19.35 -8.84
C ALA A 313 23.43 -18.29 -9.64
N LEU A 314 22.25 -17.91 -9.16
CA LEU A 314 21.40 -16.98 -9.90
C LEU A 314 22.05 -15.61 -10.05
N ARG A 315 22.69 -15.12 -8.98
CA ARG A 315 23.22 -13.76 -8.99
C ARG A 315 24.39 -13.64 -9.97
N THR A 316 25.00 -14.76 -10.36
CA THR A 316 26.05 -14.70 -11.36
C THR A 316 25.47 -14.80 -12.78
N LYS A 317 24.41 -15.59 -12.96
CA LYS A 317 23.75 -15.64 -14.26
C LYS A 317 23.13 -14.29 -14.61
N LEU A 318 22.60 -13.57 -13.62
CA LEU A 318 22.07 -12.24 -13.89
C LEU A 318 23.16 -11.32 -14.40
N LYS A 319 24.34 -11.36 -13.77
CA LYS A 319 25.45 -10.53 -14.22
C LYS A 319 25.89 -10.92 -15.63
N GLU A 320 25.92 -12.22 -15.91
CA GLU A 320 26.28 -12.67 -17.26
C GLU A 320 25.27 -12.18 -18.29
N LEU A 321 23.98 -12.24 -17.97
CA LEU A 321 22.96 -11.73 -18.89
C LEU A 321 23.11 -10.23 -19.09
N TRP A 322 23.39 -9.49 -18.03
CA TRP A 322 23.57 -8.05 -18.16
C TRP A 322 24.75 -7.72 -19.09
N GLN A 323 25.86 -8.45 -18.93
CA GLN A 323 26.95 -8.27 -19.89
C GLN A 323 26.55 -8.71 -21.30
N SER A 324 25.60 -9.64 -21.41
CA SER A 324 25.19 -10.08 -22.74
C SER A 324 24.47 -8.96 -23.48
N ASN A 325 23.55 -8.27 -22.82
CA ASN A 325 22.67 -7.27 -23.45
C ASN A 325 22.78 -5.97 -22.68
N LYS A 326 23.75 -5.13 -23.04
CA LYS A 326 23.88 -3.81 -22.44
C LYS A 326 23.67 -2.69 -23.45
N ASP A 327 23.32 -3.01 -24.70
CA ASP A 327 22.94 -1.98 -25.64
C ASP A 327 21.49 -1.55 -25.44
N ILE A 328 20.65 -2.47 -24.96
CA ILE A 328 19.24 -2.17 -24.75
C ILE A 328 19.06 -1.10 -23.68
N GLY A 329 19.80 -1.21 -22.59
CA GLY A 329 19.65 -0.29 -21.50
C GLY A 329 18.95 -0.93 -20.30
N TRP A 330 19.23 -0.38 -19.13
CA TRP A 330 18.75 -0.98 -17.88
C TRP A 330 17.23 -1.12 -17.87
N ARG A 331 16.52 -0.03 -18.16
CA ARG A 331 15.08 0.00 -17.94
C ARG A 331 14.35 -1.00 -18.81
N LYS A 332 14.58 -0.97 -20.12
CA LYS A 332 13.91 -1.88 -21.03
C LYS A 332 14.32 -3.33 -20.79
N PHE A 333 15.60 -3.56 -20.46
CA PHE A 333 16.04 -4.90 -20.13
C PHE A 333 15.26 -5.48 -18.96
N THR A 334 15.15 -4.71 -17.86
CA THR A 334 14.44 -5.23 -16.69
C THR A 334 12.96 -5.43 -17.00
N GLU A 335 12.33 -4.49 -17.71
CA GLU A 335 10.92 -4.65 -18.02
C GLU A 335 10.68 -5.89 -18.87
N MET A 336 11.51 -6.11 -19.89
CA MET A 336 11.32 -7.27 -20.76
C MET A 336 11.55 -8.56 -20.00
N LEU A 337 12.58 -8.62 -19.15
CA LEU A 337 12.82 -9.84 -18.38
C LEU A 337 11.65 -10.14 -17.46
N GLY A 338 11.14 -9.12 -16.77
CA GLY A 338 10.00 -9.33 -15.90
C GLY A 338 8.77 -9.82 -16.65
N SER A 339 8.48 -9.20 -17.80
CA SER A 339 7.31 -9.62 -18.58
C SER A 339 7.46 -11.06 -19.05
N ASN A 340 8.64 -11.43 -19.53
CA ASN A 340 8.83 -12.80 -20.01
C ASN A 340 8.64 -13.80 -18.87
N LEU A 341 9.22 -13.52 -17.70
CA LEU A 341 9.02 -14.44 -16.58
C LEU A 341 7.56 -14.55 -16.20
N TYR A 342 6.84 -13.43 -16.19
CA TYR A 342 5.42 -13.48 -15.81
C TYR A 342 4.63 -14.33 -16.80
N LEU A 343 4.85 -14.14 -18.10
CA LEU A 343 4.12 -14.93 -19.08
C LEU A 343 4.46 -16.42 -18.97
N ILE A 344 5.73 -16.76 -18.77
CA ILE A 344 6.09 -18.17 -18.65
C ILE A 344 5.42 -18.79 -17.43
N TYR A 345 5.41 -18.07 -16.31
CA TYR A 345 4.76 -18.61 -15.11
C TYR A 345 3.26 -18.79 -15.34
N LYS A 346 2.62 -17.82 -16.00
CA LYS A 346 1.20 -17.94 -16.25
C LYS A 346 0.88 -19.12 -17.16
N LYS A 347 1.73 -19.36 -18.16
CA LYS A 347 1.53 -20.53 -19.02
C LYS A 347 1.72 -21.83 -18.24
N GLU A 348 2.71 -21.87 -17.35
CA GLU A 348 2.95 -23.08 -16.58
C GLU A 348 1.80 -23.39 -15.64
N THR A 349 1.37 -22.40 -14.86
CA THR A 349 0.27 -22.65 -13.93
C THR A 349 -1.07 -22.77 -14.65
N GLY A 350 -1.33 -21.89 -15.60
CA GLY A 350 -2.57 -21.93 -16.36
C GLY A 350 -3.40 -20.66 -16.25
N ILE A 351 -18.17 48.32 -28.68
CA ILE A 351 -17.72 47.16 -27.92
C ILE A 351 -16.35 46.71 -28.42
N GLU A 352 -15.54 46.16 -27.52
CA GLU A 352 -14.20 45.69 -27.85
C GLU A 352 -13.99 44.31 -27.26
N THR A 353 -13.22 43.48 -27.95
CA THR A 353 -12.85 42.17 -27.45
C THR A 353 -11.35 42.15 -27.16
N LYS A 354 -10.99 41.71 -25.97
CA LYS A 354 -9.60 41.71 -25.53
C LYS A 354 -9.21 40.31 -25.09
N GLU A 355 -8.01 39.88 -25.48
CA GLU A 355 -7.54 38.52 -25.25
C GLU A 355 -6.60 38.49 -24.05
N TRP A 356 -6.85 37.58 -23.13
CA TRP A 356 -6.08 37.45 -21.90
C TRP A 356 -5.31 36.13 -21.89
N ILE A 357 -4.14 36.16 -21.26
CA ILE A 357 -3.30 34.98 -21.09
C ILE A 357 -2.97 34.82 -19.61
N ILE A 358 -3.03 33.58 -19.12
CA ILE A 358 -2.51 33.28 -17.80
C ILE A 358 -1.33 32.31 -17.94
N VAL A 359 -0.35 32.47 -17.06
CA VAL A 359 0.81 31.58 -16.99
C VAL A 359 0.95 31.09 -15.56
N GLY A 360 1.97 30.28 -15.33
CA GLY A 360 2.23 29.78 -14.00
C GLY A 360 2.63 28.32 -14.04
N ARG A 361 2.86 27.79 -12.85
CA ARG A 361 3.43 26.45 -12.69
C ARG A 361 2.53 25.63 -11.77
N LEU A 362 2.04 24.51 -12.28
CA LEU A 362 1.32 23.55 -11.46
C LEU A 362 2.29 22.71 -10.66
N LYS A 363 1.94 22.46 -9.40
CA LYS A 363 2.75 21.65 -8.50
C LYS A 363 1.84 20.63 -7.83
N ALA A 364 2.37 19.42 -7.65
CA ALA A 364 1.61 18.31 -7.10
C ALA A 364 1.98 18.11 -5.64
N ALA A 365 1.01 18.28 -4.75
CA ALA A 365 1.23 18.12 -3.32
C ALA A 365 1.04 16.69 -2.85
N THR A 366 0.56 15.80 -3.72
CA THR A 366 0.38 14.39 -3.41
C THR A 366 0.75 13.60 -4.65
N PRO A 367 1.08 12.32 -4.49
CA PRO A 367 1.37 11.49 -5.67
C PRO A 367 0.18 11.47 -6.62
N PHE A 368 0.46 11.53 -7.91
CA PHE A 368 -0.57 11.72 -8.93
C PHE A 368 -0.59 10.53 -9.87
N TYR A 369 -1.76 10.24 -10.44
CA TYR A 369 -1.96 9.08 -11.30
C TYR A 369 -2.90 9.41 -12.44
N PHE A 370 -2.47 9.09 -13.67
CA PHE A 370 -3.29 9.16 -14.86
C PHE A 370 -3.27 7.80 -15.55
N GLY A 371 -4.42 7.29 -15.92
CA GLY A 371 -4.53 5.95 -16.44
C GLY A 371 -4.55 5.87 -17.96
N VAL A 372 -4.06 4.73 -18.47
CA VAL A 372 -4.12 4.40 -19.88
C VAL A 372 -4.93 3.11 -20.01
N GLN A 373 -5.12 2.67 -21.26
CA GLN A 373 -5.92 1.47 -21.48
C GLN A 373 -5.30 0.25 -20.82
N GLN A 374 -4.18 -0.24 -21.37
CA GLN A 374 -3.27 -1.30 -20.96
C GLN A 374 -2.16 -1.36 -21.99
N PRO A 375 -1.07 -2.08 -21.75
CA PRO A 375 -0.09 -2.28 -22.82
C PRO A 375 -0.66 -3.14 -23.94
N SER A 376 0.14 -3.33 -24.99
CA SER A 376 -0.19 -4.23 -26.09
C SER A 376 -1.40 -3.78 -26.89
N ASP A 377 -1.70 -2.47 -26.89
CA ASP A 377 -2.70 -1.91 -27.79
C ASP A 377 -1.99 -1.47 -29.06
N SER A 378 -1.93 -2.35 -30.05
CA SER A 378 -1.42 -1.96 -31.34
C SER A 378 -2.31 -0.89 -31.95
N ILE A 379 -1.69 0.02 -32.70
CA ILE A 379 -2.44 1.16 -33.25
C ILE A 379 -3.53 0.69 -34.20
N PRO A 380 -3.27 -0.22 -35.16
CA PRO A 380 -4.38 -0.93 -35.80
C PRO A 380 -4.74 -2.19 -35.04
N GLY A 381 -5.75 -2.92 -35.49
CA GLY A 381 -6.16 -4.14 -34.83
C GLY A 381 -5.09 -5.22 -34.82
N VAL A 382 -5.76 -11.02 -23.24
CA VAL A 382 -5.39 -11.79 -22.06
C VAL A 382 -3.87 -11.92 -21.97
N ILE A 383 -3.19 -11.02 -22.66
CA ILE A 383 -1.73 -10.95 -22.62
C ILE A 383 -1.29 -10.05 -21.47
N ASN A 384 -2.23 -9.77 -20.56
CA ASN A 384 -2.05 -8.76 -19.52
C ASN A 384 -0.67 -8.81 -18.90
N GLU A 385 0.04 -7.68 -18.94
CA GLU A 385 1.33 -7.56 -18.29
C GLU A 385 1.15 -7.60 -16.78
N HIS A 386 2.24 -7.84 -16.06
CA HIS A 386 2.12 -8.02 -14.62
C HIS A 386 2.10 -6.67 -13.89
N THR A 387 1.30 -5.74 -14.42
CA THR A 387 0.95 -4.48 -13.76
C THR A 387 -0.48 -4.13 -14.15
N SER A 388 -1.40 -4.13 -13.19
CA SER A 388 -2.80 -3.97 -13.54
C SER A 388 -3.13 -2.58 -14.06
N PHE A 389 -2.48 -1.54 -13.54
CA PHE A 389 -2.69 -0.17 -13.99
C PHE A 389 -1.35 0.48 -14.27
N ASN A 390 -1.25 1.20 -15.38
CA ASN A 390 -0.01 1.85 -15.79
C ASN A 390 -0.24 3.34 -15.96
N ILE A 391 0.71 4.14 -15.47
CA ILE A 391 0.61 5.59 -15.60
C ILE A 391 0.84 5.99 -17.06
N LEU A 392 0.50 7.23 -17.37
CA LEU A 392 0.63 7.74 -18.73
C LEU A 392 2.00 8.40 -18.92
N LEU A 393 2.70 8.02 -19.98
CA LEU A 393 4.04 8.51 -20.23
C LEU A 393 4.19 8.91 -21.69
N ASP A 394 5.13 9.81 -21.95
CA ASP A 394 5.41 10.30 -23.30
C ASP A 394 6.40 9.34 -23.96
N LYS A 395 6.96 9.73 -25.11
CA LYS A 395 7.90 8.87 -25.82
C LYS A 395 9.18 8.66 -25.02
N GLU A 396 9.74 9.72 -24.45
CA GLU A 396 10.95 9.63 -23.65
C GLU A 396 10.65 9.38 -22.18
N ASN A 397 9.47 8.84 -21.88
CA ASN A 397 9.10 8.44 -20.52
C ASN A 397 8.99 9.64 -19.60
N ARG A 398 8.37 10.72 -20.06
CA ARG A 398 8.15 11.92 -19.26
C ARG A 398 6.68 12.02 -18.91
N TYR A 399 6.38 12.39 -17.67
CA TYR A 399 5.01 12.43 -17.20
C TYR A 399 4.21 13.51 -17.92
N ARG A 400 2.94 13.23 -18.18
CA ARG A 400 2.09 14.12 -18.95
C ARG A 400 0.79 14.42 -18.21
N ILE A 401 0.19 15.55 -18.57
CA ILE A 401 -1.22 15.82 -18.27
C ILE A 401 -1.93 16.09 -19.57
N PRO A 402 -2.73 15.13 -20.07
CA PRO A 402 -3.44 15.36 -21.33
C PRO A 402 -4.40 16.53 -21.23
N ARG A 403 -4.58 17.22 -22.37
CA ARG A 403 -5.48 18.36 -22.41
C ARG A 403 -6.89 17.99 -22.00
N SER A 404 -7.29 16.74 -22.25
CA SER A 404 -8.64 16.31 -21.91
C SER A 404 -8.91 16.43 -20.42
N ALA A 405 -7.94 16.01 -19.59
CA ALA A 405 -8.12 16.09 -18.15
C ALA A 405 -8.25 17.53 -17.69
N LEU A 406 -7.43 18.42 -18.25
CA LEU A 406 -7.51 19.82 -17.86
C LEU A 406 -8.86 20.42 -18.23
N ARG A 407 -9.33 20.18 -19.46
CA ARG A 407 -10.63 20.73 -19.84
C ARG A 407 -11.75 20.15 -18.98
N GLY A 408 -11.69 18.86 -18.69
CA GLY A 408 -12.72 18.26 -17.87
C GLY A 408 -12.77 18.84 -16.47
N ALA A 409 -11.61 18.97 -15.82
CA ALA A 409 -11.59 19.52 -14.48
C ALA A 409 -12.01 20.98 -14.45
N LEU A 410 -11.57 21.75 -15.45
CA LEU A 410 -12.00 23.15 -15.52
C LEU A 410 -13.50 23.24 -15.70
N ARG A 411 -14.07 22.39 -16.55
CA ARG A 411 -15.52 22.41 -16.72
C ARG A 411 -16.23 22.03 -15.42
N ARG A 412 -15.71 21.04 -14.69
CA ARG A 412 -16.35 20.68 -13.43
C ARG A 412 -16.32 21.85 -12.45
N ASP A 413 -15.18 22.52 -12.34
CA ASP A 413 -15.09 23.62 -11.38
C ASP A 413 -15.96 24.80 -11.80
N LEU A 414 -16.00 25.12 -13.10
CA LEU A 414 -16.88 26.18 -13.55
C LEU A 414 -18.34 25.83 -13.30
N ARG A 415 -18.71 24.58 -13.54
CA ARG A 415 -20.08 24.13 -13.27
C ARG A 415 -20.42 24.32 -11.81
N THR A 416 -19.48 24.01 -10.93
CA THR A 416 -19.69 24.27 -9.50
C THR A 416 -19.86 25.76 -9.25
N ALA A 417 -19.03 26.60 -9.88
CA ALA A 417 -19.02 28.02 -9.57
C ALA A 417 -20.31 28.70 -9.99
N PHE A 418 -20.75 28.47 -11.24
CA PHE A 418 -21.96 29.12 -11.72
C PHE A 418 -23.20 28.64 -10.96
N GLY A 419 -23.33 27.33 -10.77
CA GLY A 419 -24.43 26.80 -9.97
C GLY A 419 -25.22 25.70 -10.61
N SER A 420 -25.39 25.73 -11.93
CA SER A 420 -26.25 24.78 -12.62
C SER A 420 -25.41 23.89 -13.52
N GLY A 421 -25.81 22.63 -13.65
CA GLY A 421 -25.09 21.70 -14.49
C GLY A 421 -25.82 21.27 -15.74
N CYS A 422 -25.36 21.77 -16.89
CA CYS A 422 -25.91 21.39 -18.19
C CYS A 422 -25.04 20.28 -18.77
N ASN A 423 -25.52 19.04 -18.68
CA ASN A 423 -24.74 17.91 -19.16
C ASN A 423 -24.71 17.89 -20.68
N VAL A 424 -23.51 17.78 -21.25
CA VAL A 424 -23.34 17.92 -22.69
C VAL A 424 -23.98 16.74 -23.40
N SER A 425 -24.71 17.04 -24.48
CA SER A 425 -25.41 16.03 -25.27
C SER A 425 -24.67 15.84 -26.59
N LEU A 426 -24.27 14.60 -26.87
CA LEU A 426 -23.59 14.31 -28.12
C LEU A 426 -24.56 14.27 -29.28
N GLY A 427 -24.07 14.60 -30.47
CA GLY A 427 -24.89 14.55 -31.66
C GLY A 427 -26.02 15.54 -31.71
N GLY A 428 -26.04 16.52 -30.82
CA GLY A 428 -27.11 17.49 -30.81
C GLY A 428 -27.07 18.40 -32.01
N GLN A 429 -28.22 18.97 -32.34
CA GLN A 429 -28.35 19.92 -33.44
C GLN A 429 -28.60 21.34 -32.95
N ILE A 430 -28.83 21.52 -31.65
CA ILE A 430 -28.97 22.83 -31.03
C ILE A 430 -27.80 23.03 -30.08
N LEU A 431 -27.64 24.26 -29.62
CA LEU A 431 -26.55 24.64 -28.75
C LEU A 431 -27.10 24.92 -27.36
N CYS A 432 -26.60 24.17 -26.37
CA CYS A 432 -27.02 24.40 -25.00
C CYS A 432 -26.56 25.78 -24.54
N ASN A 433 -27.53 26.68 -24.35
CA ASN A 433 -27.23 28.07 -24.02
C ASN A 433 -27.11 28.29 -22.52
N CYS A 434 -26.89 27.22 -21.75
CA CYS A 434 -26.39 27.38 -20.40
C CYS A 434 -25.09 28.17 -20.44
N LYS A 435 -24.95 29.13 -19.52
CA LYS A 435 -23.80 30.03 -19.57
C LYS A 435 -22.48 29.29 -19.48
N VAL A 436 -22.49 28.09 -18.89
CA VAL A 436 -21.27 27.32 -18.77
C VAL A 436 -20.67 27.03 -20.14
N CYS A 437 -21.49 26.60 -21.10
CA CYS A 437 -20.98 26.35 -22.44
C CYS A 437 -20.50 27.63 -23.11
N ILE A 438 -21.22 28.74 -22.91
CA ILE A 438 -20.80 29.99 -23.53
C ILE A 438 -19.41 30.38 -23.04
N GLU A 439 -19.17 30.26 -21.74
CA GLU A 439 -17.82 30.51 -21.24
C GLU A 439 -16.84 29.48 -21.77
N MET A 440 -17.25 28.22 -21.85
CA MET A 440 -16.34 27.12 -22.11
C MET A 440 -16.00 26.95 -23.57
N ARG A 441 -16.61 27.71 -24.49
CA ARG A 441 -16.17 27.68 -25.87
C ARG A 441 -15.30 28.88 -26.24
N ARG A 442 -14.87 29.68 -25.26
CA ARG A 442 -13.89 30.72 -25.49
C ARG A 442 -12.55 30.43 -24.84
N ILE A 443 -12.48 29.46 -23.93
CA ILE A 443 -11.23 29.17 -23.23
C ILE A 443 -10.35 28.28 -24.09
N THR A 444 -9.03 28.31 -23.82
CA THR A 444 -8.07 27.59 -24.62
C THR A 444 -6.87 27.22 -23.75
N LEU A 445 -6.46 25.97 -23.82
CA LEU A 445 -5.42 25.45 -22.93
C LEU A 445 -4.30 24.83 -23.77
N LYS A 446 -3.39 24.14 -23.10
CA LYS A 446 -2.23 23.54 -23.73
C LYS A 446 -1.75 22.35 -22.93
N ASP A 447 -1.11 21.39 -23.60
CA ASP A 447 -0.55 20.22 -22.94
C ASP A 447 0.60 20.60 -22.03
N SER A 448 1.16 19.60 -21.35
CA SER A 448 2.19 19.84 -20.35
C SER A 448 3.05 18.60 -20.16
N VAL A 449 4.36 18.79 -20.05
CA VAL A 449 5.32 17.73 -19.81
C VAL A 449 6.45 18.30 -18.95
N SER A 450 6.89 17.54 -17.95
CA SER A 450 7.95 17.99 -17.07
C SER A 450 9.31 17.59 -17.63
N ASP A 451 10.37 17.76 -16.84
CA ASP A 451 11.70 17.32 -17.20
C ASP A 451 12.09 15.99 -16.56
N PHE A 452 11.47 15.65 -15.44
CA PHE A 452 11.79 14.41 -14.74
C PHE A 452 11.49 13.21 -15.63
N SER A 453 12.41 12.26 -15.66
CA SER A 453 12.30 11.08 -16.53
C SER A 453 12.72 9.81 -15.79
N GLU A 454 12.24 9.63 -14.57
CA GLU A 454 12.57 8.46 -13.78
C GLU A 454 11.33 7.59 -13.59
N PRO A 455 11.51 6.28 -13.40
CA PRO A 455 10.36 5.39 -13.40
C PRO A 455 9.50 5.59 -12.16
N PRO A 456 8.24 5.21 -12.22
CA PRO A 456 7.33 5.45 -11.08
C PRO A 456 7.59 4.49 -9.94
N GLU A 457 6.79 4.65 -8.89
CA GLU A 457 6.79 3.71 -7.79
C GLU A 457 5.55 2.81 -7.85
N ILE A 458 5.69 1.61 -7.28
CA ILE A 458 4.64 0.60 -7.27
C ILE A 458 3.96 0.62 -5.91
N ARG A 459 2.66 0.35 -5.88
CA ARG A 459 1.93 0.16 -4.64
C ARG A 459 0.99 -1.02 -4.81
N TYR A 460 0.62 -1.65 -3.70
CA TYR A 460 -0.26 -2.82 -3.71
C TYR A 460 -1.50 -2.55 -2.88
N ARG A 461 -2.63 -3.11 -3.30
CA ARG A 461 -3.88 -2.97 -2.56
C ARG A 461 -4.58 -4.31 -2.47
N ILE A 462 -4.52 -4.96 -1.31
CA ILE A 462 -5.27 -6.18 -1.06
C ILE A 462 -6.68 -5.83 -0.65
N ALA A 463 -7.57 -6.81 -0.63
CA ALA A 463 -8.87 -6.69 0.02
C ALA A 463 -8.84 -7.53 1.29
N LYS A 464 -9.91 -7.45 2.07
CA LYS A 464 -10.03 -8.23 3.29
C LYS A 464 -11.44 -8.77 3.43
N ASN A 465 -11.57 -10.05 3.75
CA ASN A 465 -12.86 -10.68 3.91
C ASN A 465 -13.49 -10.23 5.24
N PRO A 466 -14.66 -9.61 5.21
CA PRO A 466 -15.27 -9.17 6.49
C PRO A 466 -15.53 -10.29 7.45
N GLY A 467 -15.78 -11.51 6.95
CA GLY A 467 -16.19 -12.59 7.82
C GLY A 467 -15.08 -13.08 8.74
N THR A 468 -13.88 -13.26 8.20
CA THR A 468 -12.80 -13.89 8.95
C THR A 468 -11.51 -13.07 8.98
N ALA A 469 -11.57 -11.79 8.62
CA ALA A 469 -10.43 -10.88 8.71
C ALA A 469 -9.18 -11.49 8.08
N THR A 470 -9.27 -11.78 6.79
CA THR A 470 -8.21 -12.45 6.07
C THR A 470 -8.26 -12.03 4.61
N VAL A 471 -7.14 -12.21 3.90
CA VAL A 471 -7.09 -11.80 2.50
C VAL A 471 -8.02 -12.67 1.70
N GLU A 472 -9.13 -12.09 1.23
CA GLU A 472 -10.05 -12.81 0.38
C GLU A 472 -9.38 -13.13 -0.95
N ASP A 473 -9.41 -14.41 -1.32
CA ASP A 473 -8.72 -14.84 -2.53
C ASP A 473 -9.29 -14.17 -3.76
N GLY A 474 -8.41 -13.84 -4.71
CA GLY A 474 -8.82 -13.13 -5.90
C GLY A 474 -8.74 -11.64 -5.81
N SER A 475 -8.01 -11.09 -4.83
CA SER A 475 -7.91 -9.64 -4.68
C SER A 475 -6.50 -9.28 -4.23
N LEU A 476 -5.63 -9.03 -5.20
CA LEU A 476 -4.34 -8.39 -4.96
C LEU A 476 -3.87 -7.78 -6.27
N PHE A 477 -3.96 -6.46 -6.39
CA PHE A 477 -3.47 -5.77 -7.57
C PHE A 477 -2.52 -4.65 -7.16
N ASP A 478 -1.85 -4.09 -8.15
CA ASP A 478 -0.80 -3.10 -7.94
C ASP A 478 -0.99 -1.92 -8.86
N ILE A 479 -0.85 -0.72 -8.33
CA ILE A 479 -0.97 0.50 -9.08
C ILE A 479 0.41 1.16 -9.19
N GLU A 480 0.52 2.11 -10.11
CA GLU A 480 1.74 2.86 -10.34
C GLU A 480 1.47 4.34 -10.05
N VAL A 481 2.36 4.97 -9.27
CA VAL A 481 2.18 6.37 -8.93
C VAL A 481 3.50 7.11 -9.14
N GLY A 482 3.39 8.42 -9.35
CA GLY A 482 4.53 9.25 -9.60
C GLY A 482 5.06 9.92 -8.36
N PRO A 483 6.10 10.73 -8.51
CA PRO A 483 6.67 11.44 -7.35
C PRO A 483 5.70 12.48 -6.81
N GLU A 484 6.02 12.98 -5.62
CA GLU A 484 5.21 13.97 -4.93
C GLU A 484 5.95 15.29 -4.90
N GLY A 485 5.60 16.19 -5.80
CA GLY A 485 6.23 17.50 -5.81
C GLY A 485 6.69 17.93 -7.19
N LEU A 486 6.31 17.18 -8.21
CA LEU A 486 6.74 17.51 -9.57
C LEU A 486 6.03 18.78 -10.04
N THR A 487 6.61 19.42 -11.05
CA THR A 487 6.12 20.71 -11.55
C THR A 487 5.86 20.63 -13.04
N PHE A 488 4.78 21.25 -13.49
CA PHE A 488 4.33 21.31 -14.87
C PHE A 488 4.06 22.75 -15.28
N PRO A 489 4.31 23.12 -16.54
CA PRO A 489 3.88 24.45 -17.00
C PRO A 489 2.38 24.51 -17.20
N PHE A 490 1.83 25.72 -17.14
CA PHE A 490 0.40 25.91 -17.32
C PHE A 490 0.14 27.15 -18.15
N VAL A 491 -0.79 27.06 -19.09
CA VAL A 491 -1.14 28.18 -19.98
C VAL A 491 -2.64 28.16 -20.20
N LEU A 492 -3.30 29.30 -19.98
CA LEU A 492 -4.72 29.44 -20.22
C LEU A 492 -4.95 30.73 -20.98
N ARG A 493 -5.99 30.77 -21.81
CA ARG A 493 -6.28 31.94 -22.63
C ARG A 493 -7.74 32.31 -22.49
N TYR A 494 -8.12 33.46 -23.02
CA TYR A 494 -9.50 33.92 -23.02
C TYR A 494 -9.67 34.97 -24.10
N ARG A 495 -10.82 34.97 -24.77
CA ARG A 495 -11.16 35.97 -25.77
C ARG A 495 -12.60 36.41 -25.55
N GLY A 496 -12.78 37.60 -24.99
CA GLY A 496 -14.12 38.04 -24.68
C GLY A 496 -14.19 39.54 -24.50
N HIS A 497 -15.24 39.97 -23.79
CA HIS A 497 -15.51 41.39 -23.58
C HIS A 497 -15.15 41.86 -22.18
N LYS A 498 -15.29 40.99 -21.18
CA LYS A 498 -14.96 41.32 -19.81
C LYS A 498 -14.58 40.04 -19.10
N PHE A 499 -13.52 40.11 -18.29
CA PHE A 499 -13.04 38.92 -17.62
C PHE A 499 -14.07 38.45 -16.60
N PRO A 500 -14.64 37.26 -16.76
CA PRO A 500 -15.69 36.82 -15.84
C PRO A 500 -15.16 36.68 -14.42
N GLU A 501 -16.00 37.05 -13.45
CA GLU A 501 -15.59 36.90 -12.06
C GLU A 501 -15.66 35.46 -11.60
N GLN A 502 -16.43 34.62 -12.31
CA GLN A 502 -16.42 33.20 -12.01
C GLN A 502 -15.08 32.57 -12.35
N LEU A 503 -14.50 32.94 -13.49
CA LEU A 503 -13.19 32.42 -13.87
C LEU A 503 -12.11 32.90 -12.90
N SER A 504 -12.17 34.17 -12.51
CA SER A 504 -11.25 34.65 -11.48
C SER A 504 -11.46 33.88 -10.18
N SER A 505 -12.71 33.56 -9.86
CA SER A 505 -13.01 32.81 -8.65
C SER A 505 -12.33 31.44 -8.68
N VAL A 506 -12.45 30.72 -9.79
CA VAL A 506 -11.87 29.38 -9.85
C VAL A 506 -10.34 29.46 -9.88
N ILE A 507 -9.79 30.46 -10.56
CA ILE A 507 -8.34 30.62 -10.57
C ILE A 507 -7.82 30.87 -9.17
N ARG A 508 -8.48 31.76 -8.42
CA ARG A 508 -8.06 31.99 -7.05
C ARG A 508 -8.29 30.77 -6.18
N TYR A 509 -9.29 29.95 -6.54
CA TYR A 509 -9.50 28.69 -5.84
C TYR A 509 -8.31 27.77 -6.00
N TRP A 510 -7.74 27.70 -7.21
CA TRP A 510 -6.61 26.81 -7.44
C TRP A 510 -5.29 27.34 -6.87
N GLU A 511 -5.17 28.65 -6.64
CA GLU A 511 -3.89 29.22 -6.23
C GLU A 511 -3.55 28.85 -4.79
N GLU A 512 -2.26 28.74 -4.51
CA GLU A 512 -1.76 28.50 -3.18
C GLU A 512 -1.09 29.76 -2.65
N ASN A 513 -1.44 30.16 -1.43
CA ASN A 513 -0.82 31.28 -0.75
C ASN A 513 -0.34 30.82 0.63
N ASP A 514 0.07 31.78 1.45
CA ASP A 514 0.63 31.49 2.77
C ASP A 514 -0.23 30.54 3.59
N GLY A 515 -1.49 30.88 3.81
CA GLY A 515 -2.36 30.03 4.62
C GLY A 515 -3.56 29.50 3.87
N LYS A 516 -3.39 29.15 2.60
CA LYS A 516 -4.49 28.64 1.79
C LYS A 516 -3.90 27.75 0.71
N ASN A 517 -4.00 26.43 0.92
CA ASN A 517 -3.50 25.48 -0.05
C ASN A 517 -4.54 25.25 -1.15
N GLY A 518 -4.06 25.04 -2.38
CA GLY A 518 -4.96 24.88 -3.50
C GLY A 518 -5.72 23.56 -3.44
N MET A 519 -6.82 23.49 -4.19
CA MET A 519 -7.71 22.34 -4.16
C MET A 519 -8.10 21.96 -5.59
N ALA A 520 -7.17 22.13 -6.53
CA ALA A 520 -7.36 21.66 -7.89
C ALA A 520 -7.15 20.15 -7.90
N TRP A 521 -8.19 19.41 -8.25
CA TRP A 521 -8.19 17.95 -8.14
C TRP A 521 -8.00 17.25 -9.48
N LEU A 522 -7.12 17.76 -10.34
CA LEU A 522 -6.81 17.08 -11.60
C LEU A 522 -6.45 15.63 -11.34
N GLY A 523 -6.80 14.76 -12.27
CA GLY A 523 -6.30 13.41 -12.26
C GLY A 523 -7.37 12.42 -11.89
N GLY A 524 -6.95 11.15 -11.74
CA GLY A 524 -7.85 10.09 -11.38
C GLY A 524 -7.50 9.51 -10.02
N LEU A 525 -8.27 8.48 -9.63
CA LEU A 525 -8.11 7.83 -8.33
C LEU A 525 -8.17 8.82 -7.18
N ASP A 526 -8.83 9.96 -7.40
CA ASP A 526 -8.83 11.00 -6.38
C ASP A 526 -9.65 10.63 -5.16
N SER A 527 -10.18 9.41 -5.10
CA SER A 527 -10.90 8.97 -3.91
C SER A 527 -9.94 8.75 -2.73
N THR A 528 -8.77 8.19 -3.01
CA THR A 528 -7.78 7.92 -1.97
C THR A 528 -6.76 9.03 -1.84
N GLY A 529 -6.97 10.18 -2.46
CA GLY A 529 -6.15 11.36 -2.26
C GLY A 529 -5.04 11.56 -3.26
N LYS A 530 -5.02 10.82 -4.36
CA LYS A 530 -3.95 10.94 -5.35
C LYS A 530 -4.40 11.91 -6.43
N GLY A 531 -3.82 13.11 -6.43
CA GLY A 531 -4.13 14.03 -7.51
C GLY A 531 -4.27 15.51 -7.17
N ARG A 532 -4.13 15.90 -5.91
CA ARG A 532 -4.27 17.31 -5.58
C ARG A 532 -3.16 18.14 -6.21
N PHE A 533 -3.53 19.26 -6.80
CA PHE A 533 -2.60 20.13 -7.52
C PHE A 533 -2.83 21.56 -7.09
N ALA A 534 -1.77 22.37 -7.13
CA ALA A 534 -1.84 23.77 -6.76
C ALA A 534 -1.09 24.63 -7.77
N LEU A 535 -1.66 25.78 -8.13
CA LEU A 535 -0.96 26.73 -8.97
C LEU A 535 0.07 27.52 -8.16
N LYS A 536 1.10 28.01 -8.85
CA LYS A 536 2.05 28.93 -8.25
C LYS A 536 2.54 29.91 -9.31
N ASP A 537 2.84 31.13 -8.87
CA ASP A 537 3.44 32.17 -9.71
C ASP A 537 2.52 32.58 -10.85
N ILE A 538 1.28 32.94 -10.51
CA ILE A 538 0.35 33.42 -11.53
C ILE A 538 0.69 34.86 -11.91
N LYS A 539 0.69 35.13 -13.21
CA LYS A 539 0.89 36.49 -13.73
C LYS A 539 0.04 36.62 -14.98
N ILE A 540 -0.83 37.64 -15.00
CA ILE A 540 -1.79 37.81 -16.10
C ILE A 540 -1.34 38.96 -16.98
N PHE A 541 -1.24 38.69 -18.28
CA PHE A 541 -0.91 39.70 -19.28
C PHE A 541 -2.10 39.82 -20.22
N GLU A 542 -2.49 41.06 -20.55
CA GLU A 542 -3.60 41.24 -21.48
C GLU A 542 -3.14 41.83 -22.79
N TRP A 543 -3.83 41.44 -23.85
CA TRP A 543 -3.62 41.97 -25.19
C TRP A 543 -4.74 42.97 -25.48
N ASP A 544 -4.61 43.69 -26.59
CA ASP A 544 -5.70 44.52 -27.09
C ASP A 544 -5.94 44.16 -28.56
N LEU A 545 -7.10 43.55 -28.84
CA LEU A 545 -7.45 43.13 -30.18
C LEU A 545 -8.28 44.17 -30.92
N ASN A 546 -8.65 45.27 -30.28
CA ASN A 546 -9.49 46.27 -30.94
C ASN A 546 -8.69 47.23 -31.79
N GLN A 547 -7.63 47.81 -31.22
CA GLN A 547 -6.83 48.81 -31.90
C GLN A 547 -5.35 48.47 -31.98
N LYS A 548 -4.93 47.33 -31.44
CA LYS A 548 -3.54 46.88 -31.50
C LYS A 548 -3.48 45.46 -32.09
N ILE A 549 -4.22 45.27 -33.18
CA ILE A 549 -4.33 43.94 -33.79
C ILE A 549 -3.05 43.57 -34.52
N ASN A 550 -2.41 44.54 -35.18
CA ASN A 550 -1.24 44.23 -36.00
C ASN A 550 -0.10 43.65 -35.18
N GLU A 551 0.13 44.18 -33.97
CA GLU A 551 1.15 43.60 -33.11
C GLU A 551 0.77 42.20 -32.68
N TYR A 552 -0.53 41.90 -32.60
CA TYR A 552 -0.95 40.54 -32.32
C TYR A 552 -0.60 39.61 -33.48
N ILE A 553 -0.94 40.01 -34.71
CA ILE A 553 -0.67 39.15 -35.86
C ILE A 553 0.82 38.93 -36.04
N LYS A 554 1.61 40.00 -35.90
CA LYS A 554 3.03 39.88 -36.18
C LYS A 554 3.74 38.96 -35.19
N GLU A 555 3.24 38.89 -33.95
CA GLU A 555 3.77 37.96 -32.96
C GLU A 555 3.03 36.63 -32.97
N ARG A 556 2.18 36.40 -33.97
CA ARG A 556 1.43 35.15 -34.13
C ARG A 556 0.67 34.77 -32.87
N GLY A 557 0.30 35.75 -32.05
CA GLY A 557 -0.44 35.48 -30.84
C GLY A 557 0.38 34.94 -29.69
N MET A 558 1.70 34.89 -29.84
CA MET A 558 2.58 34.28 -28.85
C MET A 558 2.12 32.87 -28.51
N ARG A 559 2.02 32.04 -29.54
CA ARG A 559 1.73 30.62 -29.39
C ARG A 559 3.01 29.84 -29.55
N GLY A 560 3.37 29.04 -28.54
CA GLY A 560 4.57 28.24 -28.59
C GLY A 560 5.78 28.84 -27.91
N LYS A 561 5.68 30.07 -27.39
CA LYS A 561 6.77 30.72 -26.69
C LYS A 561 6.36 31.06 -25.26
N GLU A 562 5.54 30.21 -24.65
CA GLU A 562 4.93 30.57 -23.37
C GLU A 562 5.92 30.42 -22.22
N LYS A 563 7.07 29.80 -22.47
CA LYS A 563 8.06 29.67 -21.41
C LYS A 563 8.78 30.97 -21.13
N GLU A 564 8.88 31.85 -22.13
CA GLU A 564 9.55 33.13 -21.93
C GLU A 564 8.79 34.01 -20.95
N LEU A 565 7.46 34.08 -21.08
CA LEU A 565 6.68 35.06 -20.34
C LEU A 565 6.80 34.89 -18.83
N LEU A 566 7.04 33.67 -18.36
CA LEU A 566 6.90 33.41 -16.93
C LEU A 566 8.04 34.05 -16.14
N GLU A 567 9.20 34.22 -16.75
CA GLU A 567 10.38 34.74 -16.04
C GLU A 567 11.05 35.90 -16.77
N MET A 568 10.47 36.37 -17.87
CA MET A 568 11.10 37.46 -18.61
C MET A 568 10.95 38.78 -17.86
N GLY A 569 11.86 39.70 -18.16
CA GLY A 569 11.80 41.01 -17.54
C GLY A 569 10.60 41.80 -18.03
N GLU A 570 10.05 42.63 -17.15
CA GLU A 570 8.88 43.43 -17.48
C GLU A 570 9.19 44.49 -18.54
N SER A 571 10.47 44.82 -18.74
CA SER A 571 10.80 45.89 -19.68
C SER A 571 10.71 45.42 -21.13
N SER A 572 10.83 44.12 -21.37
CA SER A 572 10.99 43.62 -22.72
C SER A 572 9.74 42.91 -23.25
N LEU A 573 8.57 43.21 -22.70
CA LEU A 573 7.34 42.64 -23.24
C LEU A 573 7.15 43.11 -24.68
N PRO A 574 6.65 42.26 -25.57
CA PRO A 574 6.37 42.70 -26.94
C PRO A 574 5.31 43.79 -26.95
N ASP A 575 5.47 44.72 -27.88
CA ASP A 575 4.58 45.88 -27.92
C ASP A 575 3.14 45.45 -28.11
N GLY A 576 2.25 46.03 -27.31
CA GLY A 576 0.86 45.67 -27.33
C GLY A 576 0.42 44.69 -26.26
N LEU A 577 1.27 44.42 -25.28
CA LEU A 577 0.94 43.52 -24.18
C LEU A 577 1.14 44.25 -22.86
N ILE A 578 0.15 44.17 -21.98
CA ILE A 578 0.19 44.98 -20.76
C ILE A 578 0.00 44.10 -19.53
N PRO A 579 0.74 44.33 -18.45
CA PRO A 579 0.43 43.64 -17.19
C PRO A 579 -0.97 43.98 -16.72
N TYR A 580 -1.65 43.00 -16.15
CA TYR A 580 -3.05 43.13 -15.79
C TYR A 580 -3.17 43.52 -14.31
N LYS A 581 -3.74 44.69 -14.08
CA LYS A 581 -4.22 45.08 -12.76
C LYS A 581 -5.66 44.59 -12.62
N PHE A 582 -6.36 45.05 -11.59
CA PHE A 582 -7.79 44.74 -11.41
C PHE A 582 -8.02 43.25 -11.27
N PHE A 583 -7.09 42.57 -10.61
CA PHE A 583 -7.21 41.14 -10.33
C PHE A 583 -7.74 41.00 -8.91
N GLU A 584 -9.02 40.69 -8.78
CA GLU A 584 -9.65 40.59 -7.46
C GLU A 584 -9.02 39.47 -6.65
N GLU A 585 -8.88 39.69 -5.35
CA GLU A 585 -8.13 38.79 -4.49
C GLU A 585 -9.00 38.26 -3.34
N ARG A 586 -9.80 37.23 -3.63
CA ARG A 586 -10.39 36.37 -2.60
C ARG A 586 -11.41 37.08 -1.73
N GLU A 587 -11.58 38.40 -1.89
CA GLU A 587 -12.54 39.11 -1.07
C GLU A 587 -13.61 39.77 -1.91
N CYS A 588 -13.22 40.51 -2.95
CA CYS A 588 -14.20 41.04 -3.87
C CYS A 588 -14.83 39.92 -4.69
N LEU A 589 -14.11 38.83 -4.89
CA LEU A 589 -14.66 37.67 -5.59
C LEU A 589 -15.82 37.09 -4.79
N PHE A 590 -17.02 37.22 -5.34
CA PHE A 590 -18.22 36.76 -4.63
C PHE A 590 -18.43 35.26 -4.78
N PRO A 591 -18.35 34.68 -5.99
CA PRO A 591 -18.54 33.22 -6.10
C PRO A 591 -17.57 32.41 -5.26
N TYR A 592 -16.32 32.87 -5.11
CA TYR A 592 -15.40 32.16 -4.23
C TYR A 592 -15.89 32.17 -2.80
N LYS A 593 -16.43 33.31 -2.35
CA LYS A 593 -16.81 33.41 -0.95
C LYS A 593 -18.08 32.61 -0.67
N GLU A 594 -18.99 32.50 -1.64
CA GLU A 594 -20.23 31.78 -1.38
C GLU A 594 -20.19 30.32 -1.82
N ASN A 595 -19.85 30.05 -3.07
CA ASN A 595 -20.09 28.73 -3.65
C ASN A 595 -18.93 27.77 -3.58
N LEU A 596 -17.70 28.23 -3.81
CA LEU A 596 -16.57 27.32 -3.91
C LEU A 596 -15.90 26.99 -2.58
N LYS A 597 -15.77 27.97 -1.68
CA LYS A 597 -15.08 27.70 -0.43
C LYS A 597 -15.76 26.63 0.42
N PRO A 598 -17.08 26.64 0.64
CA PRO A 598 -17.70 25.58 1.45
C PRO A 598 -17.76 24.23 0.76
N GLN A 599 -17.14 24.06 -0.41
CA GLN A 599 -17.21 22.78 -1.10
C GLN A 599 -16.57 21.67 -0.27
N TRP A 600 -15.27 21.78 0.00
CA TRP A 600 -14.55 20.80 0.79
C TRP A 600 -14.05 21.45 2.06
N SER A 601 -14.10 20.71 3.16
CA SER A 601 -13.53 21.15 4.42
C SER A 601 -12.54 20.10 4.91
N GLU A 602 -11.43 20.57 5.47
CA GLU A 602 -10.32 19.72 5.84
C GLU A 602 -10.36 19.38 7.32
N VAL A 603 -9.79 18.22 7.65
CA VAL A 603 -9.54 17.85 9.04
C VAL A 603 -8.10 17.36 9.13
N GLN A 604 -7.41 17.78 10.19
CA GLN A 604 -5.99 17.53 10.37
C GLN A 604 -5.79 17.02 11.79
N TYR A 605 -4.99 15.96 11.95
CA TYR A 605 -4.73 15.47 13.30
C TYR A 605 -3.48 14.62 13.34
N THR A 606 -2.98 14.41 14.56
CA THR A 606 -1.72 13.72 14.82
C THR A 606 -1.96 12.54 15.74
N ILE A 607 -1.98 11.33 15.19
CA ILE A 607 -1.99 10.13 16.01
C ILE A 607 -0.62 9.93 16.63
N GLU A 608 -0.60 9.34 17.83
CA GLU A 608 0.62 9.21 18.63
C GLU A 608 0.86 7.74 18.95
N VAL A 609 1.55 7.04 18.06
CA VAL A 609 1.81 5.61 18.23
C VAL A 609 2.86 5.41 19.32
N GLY A 610 2.58 4.48 20.23
CA GLY A 610 3.44 4.26 21.38
C GLY A 610 3.99 2.87 21.51
N SER A 611 4.33 2.25 20.39
CA SER A 611 4.91 0.90 20.35
C SER A 611 5.55 0.71 18.98
N PRO A 612 6.28 -0.37 18.75
CA PRO A 612 6.86 -0.59 17.41
C PRO A 612 5.79 -0.61 16.34
N LEU A 613 6.17 -0.15 15.15
CA LEU A 613 5.24 0.01 14.04
C LEU A 613 5.84 -0.61 12.79
N LEU A 614 5.03 -1.35 12.05
CA LEU A 614 5.52 -2.07 10.87
C LEU A 614 4.40 -2.17 9.84
N THR A 615 4.60 -1.56 8.68
CA THR A 615 3.74 -1.73 7.52
C THR A 615 4.56 -2.48 6.47
N ALA A 616 4.26 -3.76 6.28
CA ALA A 616 5.14 -4.65 5.55
C ALA A 616 5.33 -4.22 4.10
N ASP A 617 6.58 -4.27 3.64
CA ASP A 617 6.94 -4.06 2.24
C ASP A 617 7.84 -5.24 1.86
N THR A 618 7.22 -6.34 1.44
CA THR A 618 7.98 -7.58 1.24
C THR A 618 8.92 -7.45 0.05
N ILE A 619 8.44 -6.87 -1.05
CA ILE A 619 9.24 -6.83 -2.28
C ILE A 619 10.51 -6.02 -2.10
N SER A 620 10.42 -4.86 -1.45
CA SER A 620 11.59 -4.01 -1.30
C SER A 620 12.64 -4.66 -0.43
N ALA A 621 12.23 -5.58 0.45
CA ALA A 621 13.17 -6.23 1.36
C ALA A 621 14.14 -7.12 0.59
N LEU A 622 13.79 -7.51 -0.64
CA LEU A 622 14.60 -8.47 -1.37
C LEU A 622 15.77 -7.83 -2.10
N THR A 623 15.85 -6.50 -2.16
CA THR A 623 16.83 -5.84 -3.00
C THR A 623 17.58 -4.72 -2.27
N GLU A 624 17.74 -4.84 -0.96
CA GLU A 624 18.51 -3.89 -0.19
C GLU A 624 19.44 -4.63 0.78
N PRO A 625 20.54 -4.01 1.19
CA PRO A 625 21.58 -4.75 1.94
C PRO A 625 21.14 -5.27 3.30
N GLY A 626 19.89 -5.09 3.70
CA GLY A 626 19.47 -5.51 5.03
C GLY A 626 19.53 -7.01 5.22
N ASN A 627 19.18 -7.78 4.19
CA ASN A 627 19.07 -9.24 4.27
C ASN A 627 17.86 -9.59 5.15
N ARG A 628 16.91 -8.66 5.23
CA ARG A 628 15.85 -8.78 6.21
C ARG A 628 14.54 -9.20 5.54
N ASP A 629 13.56 -9.54 6.37
CA ASP A 629 12.31 -10.10 5.82
C ASP A 629 11.24 -9.04 5.63
N ALA A 630 11.04 -8.17 6.63
CA ALA A 630 9.99 -7.17 6.56
C ALA A 630 10.60 -5.80 6.85
N ILE A 631 10.21 -4.80 6.06
CA ILE A 631 10.71 -3.44 6.20
C ILE A 631 9.53 -2.49 6.21
N ALA A 632 9.70 -1.36 6.89
CA ALA A 632 8.69 -0.32 6.92
C ALA A 632 8.61 0.37 5.55
N TYR A 633 7.46 1.01 5.30
CA TYR A 633 7.21 1.62 4.02
C TYR A 633 8.06 2.89 3.85
N LYS A 634 8.49 3.15 2.62
CA LYS A 634 9.35 4.29 2.33
C LYS A 634 8.83 5.01 1.09
N LYS A 635 8.46 6.28 1.26
CA LYS A 635 8.12 7.14 0.14
C LYS A 635 9.37 7.81 -0.42
N ARG A 636 9.29 8.21 -1.68
CA ARG A 636 10.27 9.09 -2.29
C ARG A 636 9.55 10.36 -2.71
N VAL A 637 10.16 11.50 -2.42
CA VAL A 637 9.53 12.80 -2.66
C VAL A 637 10.51 13.70 -3.40
N TYR A 638 10.08 14.24 -4.53
CA TYR A 638 10.87 15.19 -5.29
C TYR A 638 11.04 16.47 -4.47
N ASN A 639 12.15 17.16 -4.72
CA ASN A 639 12.48 18.39 -4.00
C ASN A 639 12.80 19.47 -5.02
N ASP A 640 11.91 20.47 -5.13
CA ASP A 640 12.05 21.46 -6.18
C ASP A 640 13.31 22.31 -6.00
N GLY A 641 13.88 22.33 -4.80
CA GLY A 641 15.08 23.14 -4.58
C GLY A 641 16.28 22.62 -5.33
N ASN A 642 16.46 21.30 -5.38
CA ASN A 642 17.65 20.68 -5.94
C ASN A 642 17.42 20.05 -7.30
N ASN A 643 16.17 20.00 -7.77
CA ASN A 643 15.83 19.35 -9.05
C ASN A 643 16.23 17.88 -9.04
N ALA A 644 16.21 17.27 -7.85
CA ALA A 644 16.58 15.88 -7.71
C ALA A 644 15.85 15.28 -6.53
N ILE A 645 15.72 13.96 -6.53
CA ILE A 645 15.01 13.27 -5.46
C ILE A 645 15.71 13.51 -4.13
N GLU A 646 14.90 13.68 -3.08
CA GLU A 646 15.43 13.89 -1.74
C GLU A 646 16.29 12.69 -1.33
N PRO A 647 17.51 12.95 -0.83
CA PRO A 647 18.40 11.83 -0.48
C PRO A 647 17.85 10.90 0.58
N GLU A 648 17.08 11.43 1.53
CA GLU A 648 16.57 10.57 2.58
C GLU A 648 15.10 10.27 2.38
N PRO A 649 14.69 9.00 2.46
CA PRO A 649 13.27 8.67 2.33
C PRO A 649 12.49 9.15 3.54
N ARG A 650 11.19 9.31 3.34
CA ARG A 650 10.28 9.71 4.40
C ARG A 650 9.34 8.54 4.69
N PHE A 651 9.38 8.05 5.93
CA PHE A 651 8.50 6.95 6.31
C PHE A 651 7.06 7.43 6.38
N ALA A 652 6.13 6.49 6.20
CA ALA A 652 4.72 6.85 6.15
C ALA A 652 3.87 5.60 6.31
N VAL A 653 2.57 5.83 6.47
CA VAL A 653 1.56 4.79 6.44
C VAL A 653 0.61 5.10 5.28
N LYS A 654 0.45 4.14 4.38
CA LYS A 654 -0.24 4.40 3.12
C LYS A 654 -1.66 4.89 3.37
N SER A 655 -2.11 5.83 2.54
CA SER A 655 -3.38 6.50 2.76
C SER A 655 -4.56 5.52 2.68
N GLU A 656 -4.51 4.58 1.74
CA GLU A 656 -5.61 3.64 1.60
C GLU A 656 -5.76 2.76 2.84
N THR A 657 -4.68 2.59 3.61
CA THR A 657 -4.81 1.93 4.90
C THR A 657 -5.66 2.76 5.85
N HIS A 658 -5.41 4.07 5.87
CA HIS A 658 -6.27 5.01 6.61
C HIS A 658 -7.73 4.84 6.20
N ARG A 659 -7.98 4.82 4.89
CA ARG A 659 -9.34 4.66 4.39
C ARG A 659 -9.95 3.35 4.86
N GLY A 660 -9.18 2.27 4.78
CA GLY A 660 -9.69 0.98 5.20
C GLY A 660 -10.04 0.95 6.68
N ILE A 661 -9.20 1.55 7.51
CA ILE A 661 -9.47 1.55 8.94
C ILE A 661 -10.78 2.29 9.23
N PHE A 662 -10.94 3.47 8.64
CA PHE A 662 -12.17 4.22 8.88
C PHE A 662 -13.39 3.44 8.36
N ARG A 663 -13.26 2.84 7.18
CA ARG A 663 -14.37 2.10 6.60
C ARG A 663 -14.77 0.94 7.49
N THR A 664 -13.79 0.19 7.98
CA THR A 664 -14.10 -0.96 8.83
C THR A 664 -14.74 -0.52 10.12
N ALA A 665 -14.26 0.57 10.72
CA ALA A 665 -14.85 1.04 11.97
C ALA A 665 -16.31 1.42 11.77
N VAL A 666 -16.59 2.21 10.73
CA VAL A 666 -17.97 2.64 10.49
C VAL A 666 -18.86 1.44 10.19
N GLY A 667 -18.37 0.51 9.38
CA GLY A 667 -19.16 -0.65 9.03
C GLY A 667 -19.48 -1.52 10.24
N ARG A 668 -18.46 -1.80 11.06
CA ARG A 668 -18.70 -2.58 12.26
C ARG A 668 -19.72 -1.90 13.17
N ARG A 669 -19.64 -0.57 13.29
CA ARG A 669 -20.58 0.11 14.16
C ARG A 669 -22.01 0.02 13.64
N THR A 670 -22.22 0.32 12.36
CA THR A 670 -23.57 0.32 11.83
C THR A 670 -24.06 -1.05 11.40
N GLY A 671 -23.25 -2.09 11.57
CA GLY A 671 -23.69 -3.44 11.23
C GLY A 671 -24.00 -3.65 9.78
N ASP A 672 -23.20 -3.12 8.87
CA ASP A 672 -23.48 -3.17 7.44
C ASP A 672 -22.32 -3.74 6.64
N LEU A 673 -21.30 -4.30 7.30
CA LEU A 673 -20.11 -4.73 6.59
C LEU A 673 -20.23 -6.11 5.96
N GLY A 674 -21.25 -6.89 6.33
CA GLY A 674 -21.29 -8.26 5.88
C GLY A 674 -22.45 -8.65 4.98
N LYS A 675 -23.48 -7.81 4.92
CA LYS A 675 -24.69 -8.17 4.20
C LYS A 675 -24.42 -8.30 2.71
N GLU A 676 -25.20 -9.17 2.06
CA GLU A 676 -24.87 -9.63 0.71
C GLU A 676 -25.30 -8.63 -0.36
N ASP A 677 -26.50 -8.06 -0.24
CA ASP A 677 -27.04 -7.14 -1.24
C ASP A 677 -26.28 -5.81 -1.12
N HIS A 678 -25.00 -5.86 -1.48
CA HIS A 678 -24.08 -4.77 -1.21
C HIS A 678 -23.65 -4.01 -2.46
N GLU A 679 -23.77 -4.61 -3.65
CA GLU A 679 -23.53 -3.87 -4.88
C GLU A 679 -24.58 -2.78 -5.06
N ASP A 680 -25.79 -3.00 -4.54
CA ASP A 680 -26.87 -2.03 -4.61
C ASP A 680 -27.39 -1.67 -3.22
N CYS A 681 -26.52 -1.74 -2.21
CA CYS A 681 -26.94 -1.49 -0.83
C CYS A 681 -27.33 -0.04 -0.63
N THR A 682 -28.18 0.20 0.37
CA THR A 682 -28.76 1.52 0.60
C THR A 682 -28.48 2.06 2.00
N CYS A 683 -27.57 1.45 2.75
CA CYS A 683 -27.31 1.85 4.12
C CYS A 683 -26.49 3.14 4.16
N ASP A 684 -26.07 3.53 5.36
CA ASP A 684 -25.33 4.78 5.52
C ASP A 684 -23.88 4.64 5.05
N MET A 685 -23.30 3.45 5.22
CA MET A 685 -21.91 3.25 4.83
C MET A 685 -21.74 3.44 3.33
N CYS A 686 -22.68 2.93 2.54
CA CYS A 686 -22.59 3.10 1.09
C CYS A 686 -22.68 4.56 0.69
N ILE A 687 -23.58 5.32 1.33
CA ILE A 687 -23.73 6.73 1.00
C ILE A 687 -22.47 7.49 1.35
N ILE A 688 -21.93 7.28 2.55
CA ILE A 688 -20.78 8.07 2.97
C ILE A 688 -19.53 7.69 2.18
N PHE A 689 -19.26 6.39 2.03
CA PHE A 689 -18.01 5.96 1.41
C PHE A 689 -18.11 5.76 -0.08
N GLY A 690 -19.24 5.30 -0.59
CA GLY A 690 -19.42 5.21 -2.03
C GLY A 690 -19.37 3.81 -2.59
N ASN A 691 -20.51 3.33 -3.09
CA ASN A 691 -20.58 2.05 -3.77
C ASN A 691 -20.21 2.24 -5.24
N GLU A 692 -20.47 1.20 -6.04
CA GLU A 692 -20.13 1.28 -7.45
C GLU A 692 -20.96 2.33 -8.18
N HIS A 693 -22.21 2.51 -7.76
CA HIS A 693 -23.10 3.41 -8.50
C HIS A 693 -22.63 4.86 -8.41
N GLU A 694 -22.14 5.27 -7.24
CA GLU A 694 -21.87 6.68 -7.00
C GLU A 694 -20.39 6.93 -6.73
N SER A 695 -20.06 8.18 -6.36
CA SER A 695 -18.71 8.53 -5.97
C SER A 695 -18.66 8.72 -4.47
N SER A 696 -17.45 8.77 -3.93
CA SER A 696 -17.26 8.93 -2.50
C SER A 696 -17.55 10.36 -2.08
N LYS A 697 -17.81 10.53 -0.78
CA LYS A 697 -17.98 11.86 -0.20
C LYS A 697 -16.93 12.18 0.84
N ILE A 698 -16.02 11.25 1.13
CA ILE A 698 -14.86 11.49 1.97
C ILE A 698 -13.62 11.13 1.16
N ARG A 699 -12.62 12.01 1.17
CA ARG A 699 -11.38 11.74 0.45
C ARG A 699 -10.22 11.76 1.42
N PHE A 700 -9.54 10.63 1.55
CA PHE A 700 -8.46 10.47 2.51
C PHE A 700 -7.14 10.88 1.91
N GLU A 701 -6.13 11.02 2.78
CA GLU A 701 -4.81 11.47 2.36
C GLU A 701 -3.78 10.76 3.24
N ASP A 702 -2.51 10.87 2.85
CA ASP A 702 -1.46 10.07 3.46
C ASP A 702 -1.20 10.48 4.91
N LEU A 703 -0.65 9.55 5.67
CA LEU A 703 -0.18 9.79 7.02
C LEU A 703 1.34 9.81 6.99
N GLU A 704 1.95 10.87 7.52
CA GLU A 704 3.39 11.02 7.45
C GLU A 704 3.97 11.12 8.85
N LEU A 705 5.29 11.00 8.92
CA LEU A 705 6.02 11.02 10.18
C LEU A 705 6.84 12.30 10.27
N ILE A 706 6.68 13.03 11.37
CA ILE A 706 7.35 14.31 11.56
C ILE A 706 8.38 14.24 12.68
N ASN A 707 8.21 13.32 13.63
CA ASN A 707 9.10 13.21 14.78
C ASN A 707 10.14 12.13 14.52
N GLY A 708 11.02 12.42 13.56
CA GLY A 708 12.01 11.44 13.14
C GLY A 708 13.43 11.76 13.54
N ASN A 709 13.73 13.04 13.76
CA ASN A 709 15.12 13.43 14.00
C ASN A 709 15.58 13.06 15.39
N GLU A 710 14.70 13.19 16.40
CA GLU A 710 15.12 12.97 17.78
C GLU A 710 15.54 11.52 18.01
N PHE A 711 14.88 10.58 17.33
CA PHE A 711 15.23 9.18 17.50
C PHE A 711 16.62 8.91 16.91
N GLU A 712 17.54 8.47 17.77
CA GLU A 712 18.91 8.22 17.31
C GLU A 712 18.98 7.00 16.40
N LYS A 713 18.13 6.02 16.64
CA LYS A 713 18.04 4.83 15.80
C LYS A 713 16.58 4.48 15.63
N LEU A 714 16.03 4.77 14.45
CA LEU A 714 14.59 4.63 14.24
C LEU A 714 14.14 3.18 14.25
N GLU A 715 14.92 2.29 13.65
CA GLU A 715 14.45 0.97 13.27
C GLU A 715 15.28 -0.11 13.96
N LYS A 716 14.60 -1.07 14.58
CA LYS A 716 15.22 -2.02 15.49
C LYS A 716 14.99 -3.45 15.03
N HIS A 717 16.06 -4.24 15.01
CA HIS A 717 15.95 -5.66 14.68
C HIS A 717 15.27 -6.44 15.80
N ILE A 718 14.40 -7.37 15.43
CA ILE A 718 13.76 -8.28 16.38
C ILE A 718 13.68 -9.65 15.72
N ASP A 719 13.86 -10.71 16.50
CA ASP A 719 13.73 -12.07 15.99
C ASP A 719 12.55 -12.77 16.65
N HIS A 720 11.95 -13.71 15.93
CA HIS A 720 10.96 -14.62 16.47
C HIS A 720 11.24 -16.03 15.97
N VAL A 721 10.81 -17.01 16.75
CA VAL A 721 10.99 -18.42 16.46
C VAL A 721 9.69 -19.13 16.81
N ALA A 722 9.57 -20.38 16.35
CA ALA A 722 8.50 -21.25 16.79
C ALA A 722 9.09 -22.34 17.66
N ILE A 723 8.22 -23.09 18.34
CA ILE A 723 8.66 -24.24 19.13
C ILE A 723 7.74 -25.41 18.83
N ASP A 724 8.25 -26.61 19.11
CA ASP A 724 7.51 -27.84 18.94
C ASP A 724 6.92 -28.21 20.30
N ARG A 725 5.61 -28.42 20.35
CA ARG A 725 4.96 -28.69 21.63
C ARG A 725 5.42 -30.01 22.23
N PHE A 726 6.01 -30.89 21.42
CA PHE A 726 6.48 -32.17 21.96
C PHE A 726 7.89 -32.05 22.52
N THR A 727 8.78 -31.36 21.83
CA THR A 727 10.13 -31.11 22.32
C THR A 727 10.37 -29.60 22.29
N GLY A 728 10.70 -29.03 23.44
CA GLY A 728 10.80 -27.59 23.54
C GLY A 728 12.00 -27.01 22.82
N GLY A 729 12.10 -27.29 21.52
CA GLY A 729 13.14 -26.71 20.70
C GLY A 729 12.54 -26.09 19.45
N ALA A 730 13.40 -25.43 18.68
CA ALA A 730 12.93 -24.74 17.49
C ALA A 730 12.49 -25.73 16.43
N LEU A 731 11.27 -25.54 15.93
CA LEU A 731 10.81 -26.33 14.80
C LEU A 731 11.62 -25.98 13.55
N ASP A 732 11.73 -26.96 12.65
CA ASP A 732 12.47 -26.73 11.41
C ASP A 732 11.79 -25.65 10.58
N LYS A 733 12.63 -24.83 9.93
CA LYS A 733 12.15 -23.83 8.99
C LYS A 733 11.27 -22.78 9.67
N ALA A 734 11.52 -22.52 10.96
CA ALA A 734 10.61 -21.66 11.70
C ALA A 734 11.37 -20.64 12.53
N LYS A 735 12.36 -19.98 11.92
CA LYS A 735 13.01 -18.83 12.54
C LYS A 735 12.95 -17.66 11.56
N PHE A 736 12.38 -16.54 12.01
CA PHE A 736 12.22 -15.38 11.16
C PHE A 736 12.52 -14.13 11.96
N ASP A 737 12.58 -12.99 11.28
CA ASP A 737 12.90 -11.74 11.94
C ASP A 737 12.15 -10.59 11.27
N THR A 738 12.03 -9.50 12.02
CA THR A 738 11.35 -8.30 11.57
C THR A 738 12.21 -7.10 11.92
N TYR A 739 11.98 -6.00 11.20
CA TYR A 739 12.80 -4.79 11.30
C TYR A 739 11.91 -3.56 11.26
N PRO A 740 11.14 -3.32 12.32
CA PRO A 740 10.19 -2.22 12.33
C PRO A 740 10.77 -0.96 12.96
N LEU A 741 10.04 0.14 12.77
CA LEU A 741 10.35 1.39 13.45
C LEU A 741 10.13 1.22 14.95
N ALA A 742 10.92 1.94 15.74
CA ALA A 742 10.94 1.79 17.19
C ALA A 742 10.23 2.97 17.84
N GLY A 743 9.47 2.69 18.89
CA GLY A 743 8.85 3.73 19.68
C GLY A 743 8.49 3.26 21.07
N SER A 744 8.96 3.97 22.08
CA SER A 744 8.76 3.61 23.47
C SER A 744 7.48 4.22 24.01
N PRO A 745 6.93 3.68 25.11
CA PRO A 745 5.81 4.36 25.76
C PRO A 745 6.18 5.72 26.32
N LYS A 746 7.46 5.99 26.51
CA LYS A 746 7.87 7.30 26.99
C LYS A 746 8.27 8.21 25.83
N LYS A 747 8.87 7.67 24.78
CA LYS A 747 9.17 8.43 23.59
C LYS A 747 8.40 7.85 22.41
N PRO A 748 7.23 8.40 22.09
CA PRO A 748 6.41 7.83 21.02
C PRO A 748 6.63 8.46 19.67
N LEU A 749 6.38 7.70 18.60
CA LEU A 749 6.30 8.28 17.27
C LEU A 749 5.15 9.28 17.19
N LYS A 750 5.14 10.10 16.16
CA LYS A 750 4.05 11.03 15.92
C LYS A 750 3.73 11.04 14.43
N LEU A 751 2.49 10.74 14.09
CA LEU A 751 2.05 10.68 12.70
C LEU A 751 0.98 11.74 12.45
N LYS A 752 1.14 12.50 11.38
CA LYS A 752 0.24 13.59 11.07
C LYS A 752 -0.47 13.30 9.75
N GLY A 753 -1.76 13.63 9.69
CA GLY A 753 -2.53 13.34 8.50
C GLY A 753 -3.76 14.21 8.38
N ARG A 754 -4.38 14.13 7.20
CA ARG A 754 -5.56 14.91 6.86
C ARG A 754 -6.63 14.02 6.26
N PHE A 755 -7.84 14.57 6.17
CA PHE A 755 -8.88 14.01 5.31
C PHE A 755 -9.94 15.07 5.01
N TRP A 756 -10.54 14.97 3.84
CA TRP A 756 -11.41 16.00 3.30
C TRP A 756 -12.85 15.52 3.28
N ILE A 757 -13.77 16.41 3.63
CA ILE A 757 -15.20 16.12 3.67
C ILE A 757 -15.94 17.11 2.78
N LYS A 758 -16.83 16.59 1.95
CA LYS A 758 -17.65 17.38 1.04
C LYS A 758 -18.82 18.00 1.78
N LYS A 759 -19.27 19.15 1.29
CA LYS A 759 -20.51 19.74 1.75
C LYS A 759 -21.67 18.80 1.47
N GLY A 760 -22.62 18.76 2.39
CA GLY A 760 -23.79 17.94 2.26
C GLY A 760 -24.01 16.96 3.40
N PHE A 761 -22.99 16.69 4.21
CA PHE A 761 -23.18 15.88 5.39
C PHE A 761 -24.20 16.56 6.30
N SER A 762 -25.16 15.78 6.78
CA SER A 762 -26.21 16.33 7.63
C SER A 762 -26.44 15.42 8.82
N GLY A 763 -26.20 15.97 10.00
CA GLY A 763 -26.53 15.26 11.22
C GLY A 763 -25.81 13.94 11.34
N ASP A 764 -26.59 12.86 11.42
CA ASP A 764 -26.07 11.58 11.88
C ASP A 764 -24.85 11.14 11.09
N HIS A 765 -24.88 11.27 9.76
CA HIS A 765 -23.72 10.92 8.95
C HIS A 765 -22.45 11.51 9.52
N LYS A 766 -22.39 12.84 9.62
CA LYS A 766 -21.20 13.47 10.17
C LYS A 766 -20.85 12.89 11.53
N LEU A 767 -21.86 12.74 12.39
CA LEU A 767 -21.62 12.23 13.74
C LEU A 767 -20.85 10.92 13.70
N LEU A 768 -21.24 10.02 12.79
CA LEU A 768 -20.59 8.72 12.73
C LEU A 768 -19.08 8.85 12.57
N ILE A 769 -18.64 9.75 11.68
CA ILE A 769 -17.21 9.92 11.49
C ILE A 769 -16.54 10.26 12.81
N THR A 770 -17.09 11.24 13.54
CA THR A 770 -16.52 11.55 14.84
C THR A 770 -16.51 10.33 15.74
N THR A 771 -17.64 9.62 15.80
CA THR A 771 -17.69 8.44 16.64
C THR A 771 -16.71 7.38 16.16
N ALA A 772 -16.45 7.33 14.85
CA ALA A 772 -15.39 6.45 14.37
C ALA A 772 -14.03 6.93 14.85
N LEU A 773 -13.76 8.23 14.71
CA LEU A 773 -12.44 8.76 15.06
C LEU A 773 -12.10 8.48 16.51
N SER A 774 -13.07 8.71 17.41
CA SER A 774 -12.82 8.47 18.82
C SER A 774 -12.37 7.03 19.08
N ASP A 775 -12.89 6.08 18.30
CA ASP A 775 -12.48 4.70 18.49
C ASP A 775 -10.97 4.55 18.28
N ILE A 776 -10.44 5.18 17.23
CA ILE A 776 -9.01 5.06 16.98
C ILE A 776 -8.21 5.63 18.14
N ARG A 777 -8.80 6.58 18.88
CA ARG A 777 -8.12 7.09 20.07
C ARG A 777 -8.02 6.02 21.14
N ASP A 778 -9.09 5.25 21.34
CA ASP A 778 -9.09 4.26 22.43
C ASP A 778 -8.06 3.17 22.16
N GLY A 779 -7.93 2.73 20.92
CA GLY A 779 -6.92 1.76 20.56
C GLY A 779 -7.47 0.46 20.04
N LEU A 780 -8.70 0.49 19.53
CA LEU A 780 -9.35 -0.75 19.09
C LEU A 780 -8.70 -1.30 17.83
N TYR A 781 -8.20 -0.43 16.95
CA TYR A 781 -7.67 -0.87 15.67
C TYR A 781 -6.17 -0.59 15.61
N PRO A 782 -5.34 -1.62 15.55
CA PRO A 782 -3.90 -1.39 15.45
C PRO A 782 -3.45 -1.10 14.04
N LEU A 783 -2.67 -0.03 13.86
CA LEU A 783 -2.17 0.36 12.54
C LEU A 783 -1.00 -0.55 12.19
N GLY A 784 -1.15 -1.36 11.15
CA GLY A 784 -0.04 -2.14 10.66
C GLY A 784 -0.29 -3.63 10.64
N SER A 785 0.77 -4.41 10.84
CA SER A 785 0.69 -5.86 10.80
C SER A 785 1.12 -6.43 12.14
N LYS A 786 0.96 -7.75 12.27
CA LYS A 786 1.21 -8.44 13.53
C LYS A 786 0.57 -7.70 14.71
N GLY A 787 -0.65 -7.24 14.50
CA GLY A 787 -1.32 -6.46 15.53
C GLY A 787 -1.54 -7.25 16.81
N GLY A 788 -1.66 -8.56 16.69
CA GLY A 788 -1.93 -9.38 17.86
C GLY A 788 -0.77 -9.40 18.85
N VAL A 789 0.46 -9.48 18.35
CA VAL A 789 1.61 -9.75 19.20
C VAL A 789 2.15 -8.47 19.84
N GLY A 790 1.51 -7.33 19.55
CA GLY A 790 1.81 -6.08 20.24
C GLY A 790 2.05 -4.90 19.32
N TYR A 791 2.47 -5.14 18.08
CA TYR A 791 2.85 -4.06 17.19
C TYR A 791 1.67 -3.15 16.89
N GLY A 792 1.96 -1.86 16.76
CA GLY A 792 1.06 -0.93 16.10
C GLY A 792 -0.04 -0.32 16.94
N TRP A 793 0.05 -0.35 18.26
CA TRP A 793 -1.00 0.23 19.07
C TRP A 793 -0.92 1.75 19.02
N VAL A 794 -1.97 2.41 19.55
CA VAL A 794 -2.06 3.86 19.55
C VAL A 794 -2.41 4.32 20.95
N ALA A 795 -2.10 5.58 21.23
CA ALA A 795 -2.33 6.09 22.58
C ALA A 795 -2.85 7.52 22.65
N GLY A 796 -3.14 8.18 21.53
CA GLY A 796 -3.64 9.55 21.63
C GLY A 796 -3.94 10.18 20.29
N ILE A 797 -4.81 11.19 20.34
CA ILE A 797 -5.15 12.01 19.18
C ILE A 797 -5.20 13.46 19.65
N SER A 798 -4.67 14.36 18.83
CA SER A 798 -4.65 15.79 19.14
C SER A 798 -5.12 16.56 17.91
N ILE A 799 -6.43 16.80 17.83
CA ILE A 799 -6.97 17.58 16.73
C ILE A 799 -6.48 19.02 16.85
N ASP A 800 -5.85 19.51 15.79
CA ASP A 800 -5.23 20.83 15.82
C ASP A 800 -6.29 21.93 15.87
N ASP A 801 -5.81 23.17 15.98
CA ASP A 801 -6.70 24.30 16.24
C ASP A 801 -7.59 24.62 15.05
N ASN A 802 -7.06 24.48 13.82
CA ASN A 802 -7.77 24.94 12.63
C ASN A 802 -8.55 23.78 12.01
N VAL A 803 -9.72 23.52 12.59
CA VAL A 803 -10.69 22.57 12.05
C VAL A 803 -12.08 23.18 12.21
N PRO A 804 -13.08 22.69 11.48
CA PRO A 804 -14.46 23.13 11.75
C PRO A 804 -14.86 22.82 13.19
N ASP A 805 -15.61 23.74 13.79
CA ASP A 805 -15.93 23.63 15.22
C ASP A 805 -16.80 22.43 15.52
N ASP A 806 -17.59 21.95 14.54
CA ASP A 806 -18.47 20.82 14.78
C ASP A 806 -17.66 19.57 15.15
N PHE A 807 -16.57 19.31 14.43
CA PHE A 807 -15.73 18.16 14.75
C PHE A 807 -15.13 18.29 16.14
N LYS A 808 -14.63 19.48 16.48
CA LYS A 808 -14.06 19.69 17.81
C LYS A 808 -15.08 19.43 18.90
N GLU A 809 -16.30 19.95 18.73
CA GLU A 809 -17.34 19.74 19.74
C GLU A 809 -17.71 18.27 19.87
N MET A 810 -17.94 17.60 18.73
CA MET A 810 -18.42 16.22 18.79
C MET A 810 -17.32 15.28 19.27
N ILE A 811 -16.06 15.64 19.10
CA ILE A 811 -14.99 14.80 19.61
C ILE A 811 -14.72 15.12 21.08
N ASN A 812 -14.92 16.37 21.48
CA ASN A 812 -14.73 16.75 22.88
C ASN A 812 -15.79 16.11 23.76
N LYS A 813 -17.02 15.97 23.24
CA LYS A 813 -18.08 15.31 24.00
C LYS A 813 -17.67 13.90 24.42
N THR A 814 -16.96 13.18 23.56
CA THR A 814 -16.50 11.82 23.87
C THR A 814 -15.20 11.93 24.67
N GLU A 815 -15.36 12.25 25.95
CA GLU A 815 -14.24 12.40 26.88
C GLU A 815 -13.24 13.45 26.39
N ALA A 816 -8.50 -1.56 43.08
CA ALA A 816 -9.38 -1.54 44.24
C ALA A 816 -10.07 -2.90 44.42
N ALA A 817 -9.65 -3.87 43.62
CA ALA A 817 -10.28 -5.19 43.59
C ALA A 817 -9.40 -6.20 42.87
N ALA A 818 -9.96 -7.39 42.59
CA ALA A 818 -9.28 -8.40 41.82
C ALA A 818 -7.99 -8.86 42.48
N ALA A 819 -8.10 -9.50 43.63
CA ALA A 819 -6.94 -10.01 44.37
C ALA A 819 -6.78 -11.49 44.01
N ALA A 820 -5.87 -12.16 44.71
CA ALA A 820 -5.55 -13.56 44.42
C ALA A 820 -6.78 -14.45 44.53
N ALA A 821 -6.66 -15.65 43.97
CA ALA A 821 -7.77 -16.59 43.89
C ALA A 821 -7.88 -17.51 45.11
N ALA A 822 -6.81 -17.69 45.86
CA ALA A 822 -6.78 -18.58 47.03
C ALA A 822 -7.17 -20.00 46.64
N ALA A 823 -6.29 -20.62 45.84
CA ALA A 823 -6.53 -21.93 45.27
C ALA A 823 -6.00 -23.07 46.12
N ALA A 824 -4.75 -22.98 46.59
CA ALA A 824 -4.17 -24.01 47.45
C ALA A 824 -4.20 -25.38 46.77
N ALA A 825 -3.41 -25.55 45.71
CA ALA A 825 -3.57 -26.66 44.77
C ALA A 825 -3.40 -28.04 45.37
N ALA A 826 -3.13 -28.12 46.68
CA ALA A 826 -3.15 -29.37 47.43
C ALA A 826 -2.05 -30.34 46.99
N ALA A 827 -1.22 -29.91 46.04
CA ALA A 827 -0.09 -30.71 45.59
C ALA A 827 1.15 -30.39 46.44
N ALA A 828 1.14 -30.91 47.67
CA ALA A 828 2.01 -30.41 48.73
C ALA A 828 2.40 -31.57 49.62
N ALA A 829 2.78 -31.23 50.86
CA ALA A 829 3.27 -32.15 51.88
C ALA A 829 4.67 -32.67 51.56
N ALA A 830 5.55 -31.77 51.14
CA ALA A 830 7.00 -31.92 51.01
C ALA A 830 7.42 -32.72 49.78
N ALA A 831 6.49 -33.20 48.97
CA ALA A 831 6.76 -33.94 47.74
C ALA A 831 7.58 -35.20 47.98
N ALA A 832 7.46 -35.81 49.17
CA ALA A 832 8.12 -37.07 49.51
C ALA A 832 9.63 -36.93 49.63
N ALA A 833 10.13 -35.70 49.63
CA ALA A 833 11.58 -35.50 49.74
C ALA A 833 12.10 -35.91 51.11
N ALA A 834 11.43 -35.47 52.18
CA ALA A 834 11.84 -35.75 53.56
C ALA A 834 13.23 -35.18 53.85
N LYS A 835 13.65 -34.23 53.01
CA LYS A 835 14.86 -33.41 53.20
C LYS A 835 16.11 -34.27 52.97
N ASN A 836 15.99 -35.59 52.88
CA ASN A 836 17.18 -36.45 52.79
C ASN A 836 17.88 -36.18 51.45
N LYS A 837 17.33 -36.65 50.33
CA LYS A 837 17.81 -36.32 49.00
C LYS A 837 16.91 -36.98 47.97
N ASN A 838 16.62 -36.25 46.90
CA ASN A 838 15.98 -36.82 45.73
C ASN A 838 16.33 -36.00 44.49
N ILE A 839 17.30 -36.46 43.71
CA ILE A 839 17.63 -35.79 42.47
C ILE A 839 16.51 -36.10 41.47
N TYR A 840 15.76 -35.07 41.09
CA TYR A 840 14.63 -35.25 40.16
C TYR A 840 15.09 -35.03 38.73
N TYR A 841 14.14 -34.91 37.81
CA TYR A 841 14.45 -34.66 36.41
C TYR A 841 13.96 -33.28 36.03
N PRO A 842 14.68 -32.58 35.14
CA PRO A 842 14.30 -31.19 34.83
C PRO A 842 12.96 -31.06 34.15
N HIS A 843 12.71 -31.80 33.07
CA HIS A 843 11.49 -31.69 32.29
C HIS A 843 10.67 -32.97 32.42
N TYR A 844 9.38 -32.82 32.64
CA TYR A 844 8.48 -33.96 32.74
C TYR A 844 7.44 -33.86 31.64
N PHE A 845 7.01 -34.99 31.11
CA PHE A 845 6.01 -34.99 30.06
C PHE A 845 4.60 -35.06 30.66
N LEU A 846 3.63 -34.70 29.84
CA LEU A 846 2.22 -34.68 30.25
C LEU A 846 1.39 -35.35 29.17
N ASP A 847 0.48 -36.23 29.59
CA ASP A 847 -0.40 -36.95 28.68
C ASP A 847 -1.81 -36.40 28.79
N SER A 848 -2.44 -36.12 27.65
CA SER A 848 -3.71 -35.41 27.62
C SER A 848 -4.78 -36.13 26.81
N GLY A 849 -4.91 -37.45 26.97
CA GLY A 849 -6.01 -38.15 26.33
C GLY A 849 -5.90 -38.13 24.81
N SER A 850 -7.02 -38.46 24.16
CA SER A 850 -7.05 -38.47 22.70
C SER A 850 -8.20 -37.65 22.12
N LYS A 851 -9.37 -37.70 22.75
CA LYS A 851 -10.54 -37.05 22.18
C LYS A 851 -10.38 -35.53 22.22
N VAL A 852 -10.91 -34.87 21.20
CA VAL A 852 -10.85 -33.41 21.06
C VAL A 852 -12.20 -32.91 20.60
N TYR A 853 -12.69 -31.84 21.23
CA TYR A 853 -13.94 -31.24 20.79
C TYR A 853 -13.68 -30.26 19.65
N ARG A 854 -14.73 -30.02 18.87
CA ARG A 854 -14.62 -29.14 17.71
C ARG A 854 -15.97 -28.47 17.48
N GLU A 855 -15.93 -27.28 16.91
CA GLU A 855 -17.13 -26.54 16.56
C GLU A 855 -17.11 -26.24 15.07
N LYS A 856 -18.19 -26.61 14.38
CA LYS A 856 -18.26 -26.37 12.94
C LYS A 856 -18.55 -24.91 12.64
N ASP A 857 -19.67 -24.39 13.12
CA ASP A 857 -19.97 -22.97 12.97
C ASP A 857 -18.98 -22.15 13.79
N ILE A 858 -18.68 -20.96 13.29
CA ILE A 858 -17.62 -20.12 13.83
C ILE A 858 -18.15 -18.72 14.07
N ILE A 859 -17.62 -18.04 15.09
CA ILE A 859 -18.03 -16.67 15.35
C ILE A 859 -17.41 -15.74 14.33
N THR A 860 -18.24 -14.88 13.76
CA THR A 860 -17.82 -13.98 12.69
C THR A 860 -17.18 -12.72 13.26
N HIS A 861 -16.61 -11.93 12.35
CA HIS A 861 -16.00 -10.64 12.70
C HIS A 861 -16.71 -9.46 12.04
N GLU A 862 -17.92 -9.66 11.53
CA GLU A 862 -18.64 -8.56 10.89
C GLU A 862 -18.98 -7.47 11.89
N GLU A 863 -19.75 -7.81 12.92
CA GLU A 863 -20.32 -6.84 13.83
C GLU A 863 -20.00 -7.22 15.26
N PHE A 864 -20.10 -6.22 16.15
CA PHE A 864 -19.94 -6.45 17.59
C PHE A 864 -21.22 -7.09 18.09
N THR A 865 -21.24 -8.43 18.12
CA THR A 865 -22.46 -9.15 18.47
C THR A 865 -22.87 -8.85 19.91
N GLU A 866 -24.17 -8.69 20.13
CA GLU A 866 -24.65 -8.17 21.40
C GLU A 866 -24.41 -9.13 22.55
N GLU A 867 -24.70 -10.41 22.36
CA GLU A 867 -24.60 -11.38 23.45
C GLU A 867 -23.18 -11.80 23.76
N LEU A 868 -22.20 -11.13 23.17
CA LEU A 868 -20.79 -11.36 23.47
C LEU A 868 -20.17 -10.06 23.93
N LEU A 869 -19.14 -10.16 24.76
CA LEU A 869 -18.56 -9.01 25.44
C LEU A 869 -17.11 -8.80 25.05
N SER A 870 -16.65 -7.55 25.10
CA SER A 870 -15.31 -7.16 24.69
C SER A 870 -14.75 -6.18 25.72
N GLY A 871 -13.44 -6.23 25.95
CA GLY A 871 -12.86 -5.35 26.94
C GLY A 871 -11.35 -5.43 26.95
N LYS A 872 -10.77 -4.91 28.04
CA LYS A 872 -9.34 -4.97 28.26
C LYS A 872 -9.02 -5.27 29.72
N ILE A 873 -7.88 -5.90 29.93
CA ILE A 873 -7.44 -6.34 31.25
C ILE A 873 -6.05 -5.78 31.52
N ASN A 874 -5.85 -5.22 32.71
CA ASN A 874 -4.56 -4.70 33.13
C ASN A 874 -3.98 -5.63 34.20
N CYS A 875 -2.74 -6.06 34.00
CA CYS A 875 -2.09 -7.04 34.84
C CYS A 875 -0.68 -6.57 35.21
N LYS A 876 -0.19 -7.11 36.32
CA LYS A 876 1.18 -6.88 36.78
C LYS A 876 1.92 -8.20 36.83
N LEU A 877 3.18 -8.19 36.43
CA LEU A 877 4.00 -9.39 36.32
C LEU A 877 5.18 -9.26 37.28
N GLU A 878 5.23 -10.13 38.29
CA GLU A 878 6.27 -10.05 39.31
C GLU A 878 7.21 -11.23 39.18
N THR A 879 8.50 -10.95 39.15
CA THR A 879 9.52 -11.98 38.94
C THR A 879 9.87 -12.63 40.26
N LEU A 880 9.88 -13.97 40.29
CA LEU A 880 10.21 -14.69 41.52
C LEU A 880 11.65 -15.19 41.49
N THR A 881 12.26 -15.27 40.32
CA THR A 881 13.54 -15.92 40.12
C THR A 881 14.23 -15.27 38.92
N PRO A 882 15.55 -15.07 39.00
CA PRO A 882 16.26 -14.33 37.95
C PRO A 882 15.80 -14.68 36.55
N LEU A 883 15.64 -13.64 35.73
CA LEU A 883 14.98 -13.70 34.44
C LEU A 883 15.93 -13.25 33.34
N ILE A 884 15.80 -13.86 32.16
CA ILE A 884 16.65 -13.51 31.01
C ILE A 884 15.79 -13.52 29.75
N ILE A 885 15.85 -12.43 28.99
CA ILE A 885 15.29 -12.36 27.64
C ILE A 885 16.29 -11.60 26.78
N PRO A 886 17.28 -12.28 26.19
CA PRO A 886 18.38 -11.55 25.56
C PRO A 886 17.92 -10.74 24.35
N ASP A 887 18.61 -9.63 24.13
CA ASP A 887 18.41 -8.82 22.93
C ASP A 887 19.22 -9.42 21.79
N THR A 888 18.54 -10.06 20.86
CA THR A 888 19.21 -10.84 19.82
C THR A 888 19.79 -9.99 18.69
N SER A 889 19.48 -8.70 18.64
CA SER A 889 19.95 -7.88 17.53
C SER A 889 21.47 -7.76 17.54
N ASP A 890 22.05 -7.47 18.70
CA ASP A 890 23.49 -7.23 18.82
C ASP A 890 24.12 -8.39 19.60
N GLU A 891 25.07 -9.07 18.95
CA GLU A 891 25.76 -10.19 19.57
C GLU A 891 27.05 -9.77 20.26
N ASN A 892 27.31 -8.48 20.39
CA ASN A 892 28.52 -7.99 21.02
C ASN A 892 28.21 -6.82 21.95
N GLY A 893 27.10 -6.90 22.67
CA GLY A 893 26.63 -5.76 23.44
C GLY A 893 27.60 -5.33 24.53
N LEU A 894 28.13 -6.29 25.28
CA LEU A 894 29.00 -5.99 26.40
C LEU A 894 30.47 -5.88 26.02
N LYS A 895 30.78 -6.02 24.73
CA LYS A 895 32.13 -5.80 24.21
C LYS A 895 33.13 -6.82 24.76
N LEU A 896 32.66 -8.05 24.96
CA LEU A 896 33.50 -9.10 25.54
C LEU A 896 34.24 -9.92 24.50
N GLN A 897 34.11 -9.60 23.22
CA GLN A 897 34.91 -10.25 22.20
C GLN A 897 36.27 -9.59 22.03
N GLY A 898 36.57 -8.57 22.83
CA GLY A 898 37.90 -7.97 22.79
C GLY A 898 38.96 -8.88 23.37
N ASN A 899 38.56 -9.84 24.19
CA ASN A 899 39.51 -10.78 24.76
C ASN A 899 39.21 -12.22 24.34
N LYS A 900 37.95 -12.63 24.40
CA LYS A 900 37.58 -14.00 24.09
C LYS A 900 36.75 -14.04 22.81
N PRO A 901 37.36 -14.18 21.64
CA PRO A 901 36.57 -14.21 20.40
C PRO A 901 35.68 -15.43 20.33
N GLY A 902 34.52 -15.25 19.69
CA GLY A 902 33.55 -16.32 19.55
C GLY A 902 32.63 -16.50 20.74
N HIS A 903 32.76 -15.68 21.78
CA HIS A 903 31.92 -15.78 22.97
C HIS A 903 30.74 -14.83 22.81
N LYS A 904 29.62 -15.37 22.34
CA LYS A 904 28.42 -14.56 22.21
C LYS A 904 28.03 -13.96 23.55
N ASN A 905 27.70 -12.67 23.56
CA ASN A 905 27.17 -12.01 24.73
C ASN A 905 25.98 -11.15 24.33
N TYR A 906 25.25 -10.65 25.32
CA TYR A 906 24.00 -9.98 25.05
C TYR A 906 23.73 -8.95 26.13
N LYS A 907 22.65 -8.20 25.95
CA LYS A 907 22.10 -7.33 26.99
C LYS A 907 20.60 -7.53 27.04
N PHE A 908 20.02 -7.20 28.19
CA PHE A 908 18.59 -7.42 28.39
C PHE A 908 17.80 -6.58 27.40
N PHE A 909 16.71 -7.16 26.89
CA PHE A 909 15.91 -6.50 25.86
C PHE A 909 15.46 -5.13 26.32
N ASN A 910 15.69 -4.13 25.47
CA ASN A 910 15.31 -2.76 25.80
C ASN A 910 15.12 -1.95 24.52
N ILE A 911 14.20 -0.99 24.57
CA ILE A 911 13.94 -0.09 23.46
C ILE A 911 14.19 1.32 23.96
N ASN A 912 15.18 1.99 23.37
CA ASN A 912 15.56 3.36 23.75
C ASN A 912 15.88 3.43 25.25
N GLY A 913 16.54 2.41 25.76
CA GLY A 913 16.94 2.39 27.15
C GLY A 913 15.84 2.19 28.15
N GLU A 914 14.84 1.36 27.85
CA GLU A 914 13.76 1.06 28.77
C GLU A 914 13.54 -0.44 28.79
N LEU A 915 13.79 -1.07 29.95
CA LEU A 915 13.61 -2.51 30.07
C LEU A 915 12.19 -2.90 29.71
N MET A 916 12.05 -4.00 28.98
CA MET A 916 10.80 -4.31 28.32
C MET A 916 10.81 -5.75 27.83
N ILE A 917 9.67 -6.40 27.86
CA ILE A 917 9.53 -7.79 27.42
C ILE A 917 8.70 -7.81 26.15
N PRO A 918 9.13 -8.52 25.11
CA PRO A 918 8.30 -8.61 23.89
C PRO A 918 6.97 -9.28 24.20
N GLY A 919 5.93 -8.84 23.51
CA GLY A 919 4.60 -9.37 23.78
C GLY A 919 4.40 -10.76 23.21
N SER A 920 5.06 -11.07 22.10
CA SER A 920 4.86 -12.36 21.46
C SER A 920 5.21 -13.50 22.39
N GLU A 921 6.21 -13.31 23.25
CA GLU A 921 6.60 -14.37 24.18
C GLU A 921 5.50 -14.63 25.20
N LEU A 922 4.90 -13.56 25.73
CA LEU A 922 3.76 -13.73 26.62
C LEU A 922 2.61 -14.44 25.91
N ARG A 923 2.35 -14.06 24.66
CA ARG A 923 1.28 -14.72 23.90
C ARG A 923 1.56 -16.21 23.76
N GLY A 924 2.79 -16.56 23.41
CA GLY A 924 3.12 -17.97 23.25
C GLY A 924 2.99 -18.75 24.54
N MET A 925 3.48 -18.18 25.65
CA MET A 925 3.36 -18.86 26.94
C MET A 925 1.90 -19.10 27.30
N LEU A 926 1.07 -18.07 27.19
CA LEU A 926 -0.34 -18.25 27.53
C LEU A 926 -1.02 -19.22 26.58
N ARG A 927 -0.63 -19.22 25.30
CA ARG A 927 -1.25 -20.15 24.37
C ARG A 927 -0.90 -21.59 24.71
N THR A 928 0.36 -21.85 25.06
CA THR A 928 0.73 -23.21 25.45
C THR A 928 -0.02 -23.64 26.69
N HIS A 929 -0.12 -22.76 27.69
CA HIS A 929 -0.84 -23.11 28.90
C HIS A 929 -2.32 -23.38 28.62
N PHE A 930 -2.95 -22.53 27.80
CA PHE A 930 -4.35 -22.70 27.47
C PHE A 930 -4.57 -24.00 26.69
N GLU A 931 -3.70 -24.30 25.74
CA GLU A 931 -3.81 -25.54 24.98
C GLU A 931 -3.72 -26.76 25.89
N ALA A 932 -2.78 -26.72 26.84
CA ALA A 932 -2.68 -27.83 27.78
C ALA A 932 -3.94 -27.94 28.63
N LEU A 933 -4.51 -26.80 29.04
CA LEU A 933 -5.68 -26.83 29.89
C LEU A 933 -6.90 -27.40 29.18
N THR A 934 -7.19 -26.91 27.98
CA THR A 934 -8.49 -27.16 27.34
C THR A 934 -8.49 -28.38 26.45
N LYS A 935 -7.42 -29.18 26.48
CA LYS A 935 -7.35 -30.44 25.73
C LYS A 935 -7.46 -30.19 24.22
N SER A 936 -6.72 -29.22 23.72
CA SER A 936 -6.75 -28.88 22.31
C SER A 936 -5.67 -29.66 21.56
N CYS A 937 -5.41 -29.29 20.31
CA CYS A 937 -4.54 -30.05 19.44
C CYS A 937 -3.12 -29.49 19.45
N PHE A 938 -2.19 -30.28 18.92
CA PHE A 938 -0.79 -29.89 18.81
C PHE A 938 -0.69 -28.85 17.71
N ALA A 939 -0.66 -27.57 18.12
CA ALA A 939 -0.73 -26.48 17.15
C ALA A 939 0.50 -26.47 16.24
N ILE A 940 1.69 -26.52 16.83
CA ILE A 940 2.94 -26.43 16.10
C ILE A 940 3.70 -27.73 16.34
N PHE A 941 3.72 -28.61 15.34
CA PHE A 941 4.29 -29.94 15.49
C PHE A 941 5.03 -30.32 14.22
N GLY A 942 6.06 -31.13 14.37
CA GLY A 942 6.81 -31.62 13.22
C GLY A 942 6.23 -32.90 12.67
N GLU A 943 5.44 -32.78 11.60
CA GLU A 943 4.76 -33.94 11.05
C GLU A 943 5.74 -34.90 10.37
N ASP A 944 6.71 -34.36 9.65
CA ASP A 944 7.64 -35.17 8.86
C ASP A 944 8.98 -35.20 9.59
N SER A 945 9.29 -36.34 10.19
CA SER A 945 10.58 -36.56 10.85
C SER A 945 10.69 -38.04 11.18
N THR A 946 11.89 -38.58 10.97
CA THR A 946 12.15 -39.99 11.22
C THR A 946 13.21 -40.12 12.29
N LEU A 947 12.98 -41.01 13.25
CA LEU A 947 13.96 -41.26 14.28
C LEU A 947 14.41 -42.72 14.24
N SER A 948 15.66 -42.94 14.65
CA SER A 948 16.31 -44.24 14.50
C SER A 948 16.87 -44.68 15.86
N TRP A 949 16.15 -45.59 16.53
CA TRP A 949 16.68 -46.20 17.73
C TRP A 949 17.96 -46.97 17.41
N ARG A 950 18.92 -46.94 18.32
CA ARG A 950 20.20 -47.60 18.07
C ARG A 950 20.68 -48.38 19.29
N ARG A 951 20.58 -50.55 14.06
CA ARG A 951 19.89 -49.33 13.64
C ARG A 951 18.45 -49.62 13.24
N LYS A 952 17.60 -49.90 14.24
CA LYS A 952 16.18 -50.11 13.98
C LYS A 952 15.56 -48.80 13.50
N CYS A 953 15.21 -48.75 12.22
CA CYS A 953 14.71 -47.51 11.65
C CYS A 953 13.24 -47.32 11.99
N ALA A 954 12.70 -46.18 11.58
CA ALA A 954 11.31 -45.86 11.88
C ALA A 954 10.39 -46.53 10.88
N SER A 955 9.52 -47.41 11.37
CA SER A 955 8.49 -47.98 10.51
C SER A 955 7.55 -46.90 9.99
N LYS A 956 7.16 -45.97 10.86
CA LYS A 956 6.41 -44.80 10.46
C LYS A 956 7.05 -43.57 11.10
N THR A 957 6.90 -42.43 10.43
CA THR A 957 7.41 -41.19 10.98
C THR A 957 6.57 -40.75 12.17
N LEU A 958 7.00 -39.66 12.82
CA LEU A 958 6.23 -39.13 13.94
C LEU A 958 4.82 -38.75 13.54
N GLY A 959 4.60 -38.46 12.25
CA GLY A 959 3.26 -38.26 11.77
C GLY A 959 2.44 -39.54 11.78
N GLY A 960 3.10 -40.68 11.99
CA GLY A 960 2.38 -41.93 12.05
C GLY A 960 2.01 -42.32 13.48
N LYS A 961 2.96 -42.20 14.40
CA LYS A 961 2.69 -42.59 15.78
C LYS A 961 1.59 -41.73 16.40
N LEU A 962 1.63 -40.42 16.15
CA LEU A 962 0.63 -39.52 16.71
C LEU A 962 -0.75 -39.85 16.17
N ASP A 963 -1.74 -39.86 17.06
CA ASP A 963 -3.10 -40.17 16.65
C ASP A 963 -3.62 -39.11 15.69
N LYS A 964 -4.48 -39.54 14.76
CA LYS A 964 -4.96 -38.63 13.73
C LYS A 964 -5.78 -37.50 14.31
N ALA A 965 -6.36 -37.69 15.50
CA ALA A 965 -7.26 -36.69 16.06
C ALA A 965 -6.51 -35.43 16.47
N LEU A 966 -5.22 -35.55 16.78
CA LEU A 966 -4.48 -34.41 17.31
C LEU A 966 -3.64 -33.68 16.25
N HIS A 967 -3.76 -34.03 14.97
CA HIS A 967 -3.04 -33.29 13.95
C HIS A 967 -3.54 -31.86 13.89
N PRO A 968 -2.71 -30.92 13.44
CA PRO A 968 -3.11 -29.51 13.43
C PRO A 968 -4.38 -29.24 12.65
N CYS A 969 -5.18 -28.29 13.13
CA CYS A 969 -6.42 -27.93 12.46
C CYS A 969 -6.13 -27.36 11.08
N THR A 970 -6.64 -28.03 10.04
CA THR A 970 -6.28 -27.69 8.68
C THR A 970 -7.26 -26.72 8.03
N GLY A 971 -8.52 -27.13 7.90
CA GLY A 971 -9.47 -26.35 7.13
C GLY A 971 -10.61 -25.81 7.96
N LEU A 972 -11.41 -24.95 7.31
CA LEU A 972 -12.58 -24.39 7.97
C LEU A 972 -13.77 -25.34 7.96
N SER A 973 -13.71 -26.39 7.14
CA SER A 973 -14.85 -27.30 7.02
C SER A 973 -14.82 -28.38 8.08
N ASP A 974 -13.62 -28.86 8.42
CA ASP A 974 -13.51 -29.95 9.39
C ASP A 974 -13.88 -29.48 10.79
N GLY A 975 -13.54 -28.24 11.11
CA GLY A 975 -13.83 -27.67 12.42
C GLY A 975 -12.60 -26.97 12.98
N LEU A 976 -12.81 -26.25 14.06
CA LEU A 976 -11.74 -25.55 14.76
C LEU A 976 -11.75 -25.93 16.23
N CYS A 977 -10.62 -26.45 16.71
CA CYS A 977 -10.51 -26.87 18.09
C CYS A 977 -10.58 -25.66 19.01
N PRO A 978 -11.01 -25.84 20.26
CA PRO A 978 -11.16 -24.68 21.15
C PRO A 978 -9.86 -23.92 21.36
N GLY A 979 -8.72 -24.61 21.30
CA GLY A 979 -7.45 -23.90 21.43
C GLY A 979 -7.21 -22.93 20.29
N CYS A 980 -7.44 -23.37 19.06
CA CYS A 980 -7.25 -22.50 17.90
C CYS A 980 -8.41 -21.53 17.70
N HIS A 981 -9.57 -21.82 18.29
CA HIS A 981 -10.72 -20.94 18.11
C HIS A 981 -10.48 -19.59 18.78
N LEU A 982 -9.77 -19.59 19.90
CA LEU A 982 -9.57 -18.36 20.65
C LEU A 982 -8.33 -17.61 20.20
N PHE A 983 -7.27 -18.33 19.85
CA PHE A 983 -5.98 -17.72 19.56
C PHE A 983 -5.74 -17.60 18.06
N GLY A 984 -6.73 -17.94 17.26
CA GLY A 984 -6.62 -17.80 15.81
C GLY A 984 -5.75 -18.86 15.18
N THR A 985 -5.74 -18.85 13.85
CA THR A 985 -4.98 -19.81 13.05
C THR A 985 -4.84 -19.23 11.65
N THR A 986 -4.26 -20.03 10.75
CA THR A 986 -3.87 -19.56 9.43
C THR A 986 -5.01 -18.90 8.66
N ASP A 987 -6.26 -19.32 8.88
CA ASP A 987 -7.37 -18.78 8.12
C ASP A 987 -8.50 -18.20 8.97
N TYR A 988 -8.21 -17.75 10.19
CA TYR A 988 -9.20 -17.09 11.04
C TYR A 988 -8.46 -16.28 12.08
N LYS A 989 -8.57 -14.95 12.01
CA LYS A 989 -7.82 -14.08 12.88
C LYS A 989 -8.20 -14.30 14.34
N GLY A 990 -7.20 -14.22 15.21
CA GLY A 990 -7.43 -14.43 16.62
C GLY A 990 -8.17 -13.28 17.27
N ARG A 991 -8.77 -13.57 18.42
CA ARG A 991 -9.57 -12.60 19.14
C ARG A 991 -8.93 -12.16 20.45
N VAL A 992 -7.63 -12.39 20.64
CA VAL A 992 -6.92 -11.97 21.82
C VAL A 992 -5.62 -11.32 21.40
N LYS A 993 -5.48 -10.03 21.64
CA LYS A 993 -4.31 -9.25 21.23
C LYS A 993 -3.52 -8.86 22.47
N PHE A 994 -2.33 -9.42 22.62
CA PHE A 994 -1.49 -9.15 23.78
C PHE A 994 -0.77 -7.83 23.59
N GLY A 995 0.18 -7.52 24.46
CA GLY A 995 0.86 -6.24 24.37
C GLY A 995 2.18 -6.25 25.12
N PHE A 996 3.03 -5.31 24.73
CA PHE A 996 4.35 -5.17 25.34
C PHE A 996 4.23 -4.83 26.81
N ALA A 997 5.31 -5.08 27.55
CA ALA A 997 5.34 -4.90 29.00
C ALA A 997 6.35 -3.82 29.37
N LYS A 998 5.90 -2.83 30.12
CA LYS A 998 6.74 -1.71 30.52
C LYS A 998 7.46 -2.08 31.81
N TYR A 999 8.12 -1.12 32.47
CA TYR A 999 8.90 -1.38 33.67
C TYR A 999 8.55 -0.37 34.76
N GLU A 1000 8.71 -0.82 36.01
CA GLU A 1000 8.23 -0.17 37.23
C GLU A 1000 9.18 -0.53 38.37
N ASN A 1001 8.63 -0.62 39.58
CA ASN A 1001 9.34 -0.69 40.87
C ASN A 1001 10.56 -1.60 40.91
N GLY A 1002 11.34 -1.50 41.99
CA GLY A 1002 12.78 -1.52 41.93
C GLY A 1002 13.48 -2.86 41.82
N PRO A 1003 14.21 -3.28 42.88
CA PRO A 1003 15.60 -3.75 42.71
C PRO A 1003 15.90 -4.42 41.38
N GLU A 1004 16.92 -3.90 40.71
CA GLU A 1004 17.00 -4.01 39.25
C GLU A 1004 17.88 -5.18 38.81
N TRP A 1005 19.16 -5.15 39.15
CA TRP A 1005 20.13 -6.07 38.57
C TRP A 1005 20.68 -7.00 39.64
N LEU A 1006 20.75 -8.29 39.32
CA LEU A 1006 21.45 -9.23 40.17
C LEU A 1006 22.95 -8.95 40.13
N ILE A 1007 23.50 -8.54 41.26
CA ILE A 1007 24.88 -8.06 41.35
C ILE A 1007 25.75 -9.19 41.87
N THR A 1008 26.78 -9.53 41.12
CA THR A 1008 27.75 -10.56 41.49
C THR A 1008 29.11 -9.92 41.63
N ARG A 1009 30.00 -10.54 42.42
CA ARG A 1009 31.29 -9.94 42.70
C ARG A 1009 32.35 -10.38 41.69
N GLY A 1010 32.41 -11.68 41.38
CA GLY A 1010 33.47 -12.18 40.53
C GLY A 1010 33.38 -11.70 39.10
N ASN A 1011 32.17 -11.64 38.55
CA ASN A 1011 32.01 -11.36 37.12
C ASN A 1011 32.51 -9.97 36.76
N ASN A 1012 33.05 -9.85 35.56
CA ASN A 1012 33.65 -8.59 35.12
C ASN A 1012 32.62 -7.55 34.71
N PRO A 1013 31.57 -7.91 33.95
CA PRO A 1013 30.49 -6.93 33.76
C PRO A 1013 29.80 -6.57 35.06
N GLU A 1014 29.93 -7.40 36.09
CA GLU A 1014 29.43 -7.21 37.45
C GLU A 1014 27.91 -7.32 37.51
N ARG A 1015 27.27 -7.66 36.40
CA ARG A 1015 25.83 -7.88 36.46
C ARG A 1015 25.40 -9.07 35.60
N SER A 1016 26.32 -9.89 35.11
CA SER A 1016 26.02 -10.92 34.13
C SER A 1016 26.49 -12.27 34.63
N LEU A 1017 25.74 -13.31 34.30
CA LEU A 1017 26.05 -14.69 34.66
C LEU A 1017 26.37 -15.48 33.41
N THR A 1018 27.37 -16.36 33.51
CA THR A 1018 27.79 -17.18 32.37
C THR A 1018 26.99 -18.48 32.39
N LEU A 1019 25.97 -18.53 31.54
CA LEU A 1019 25.15 -19.73 31.44
C LEU A 1019 25.98 -20.92 30.97
N GLY A 1020 25.61 -22.10 31.46
CA GLY A 1020 26.31 -23.33 31.12
C GLY A 1020 26.11 -23.73 29.67
N VAL A 1021 26.50 -24.96 29.37
CA VAL A 1021 26.37 -25.47 28.01
C VAL A 1021 24.91 -25.86 27.75
N LEU A 1022 24.43 -25.58 26.55
CA LEU A 1022 23.08 -25.91 26.14
C LEU A 1022 23.13 -26.56 24.76
N GLU A 1023 22.39 -27.66 24.59
CA GLU A 1023 22.29 -28.31 23.29
C GLU A 1023 20.87 -28.78 23.04
N SER A 1024 20.65 -29.30 21.84
CA SER A 1024 19.31 -29.56 21.35
C SER A 1024 18.68 -30.75 22.05
N PRO A 1025 17.35 -30.83 22.05
CA PRO A 1025 16.68 -31.98 22.67
C PRO A 1025 16.88 -33.24 21.87
N ARG A 1026 16.66 -34.37 22.51
CA ARG A 1026 16.86 -35.69 21.90
C ARG A 1026 15.59 -36.50 22.05
N PRO A 1027 14.72 -36.55 21.02
CA PRO A 1027 13.43 -37.23 21.22
C PRO A 1027 13.54 -38.74 21.39
N ALA A 1028 14.67 -39.33 21.00
CA ALA A 1028 14.77 -40.79 21.04
C ALA A 1028 14.66 -41.33 22.46
N PHE A 1029 15.12 -40.57 23.45
CA PHE A 1029 15.07 -41.03 24.82
C PHE A 1029 13.65 -41.04 25.36
N SER A 1030 12.71 -40.43 24.65
CA SER A 1030 11.32 -40.43 25.10
C SER A 1030 10.53 -41.55 24.42
N ILE A 1031 10.99 -41.99 23.26
CA ILE A 1031 10.37 -43.10 22.53
C ILE A 1031 11.39 -44.23 22.48
N PRO A 1032 11.33 -45.20 23.40
CA PRO A 1032 12.45 -46.15 23.54
C PRO A 1032 12.72 -47.00 22.32
N ASP A 1033 11.69 -47.53 21.66
CA ASP A 1033 11.90 -48.41 20.51
C ASP A 1033 10.64 -48.41 19.66
N ASP A 1034 10.57 -49.39 18.75
CA ASP A 1034 9.64 -49.33 17.63
C ASP A 1034 8.18 -49.27 18.08
N GLU A 1035 7.85 -49.93 19.19
CA GLU A 1035 6.47 -50.16 19.54
C GLU A 1035 5.86 -49.05 20.40
N SER A 1036 6.65 -48.05 20.80
CA SER A 1036 6.19 -47.08 21.78
C SER A 1036 5.28 -46.01 21.16
N GLU A 1037 4.91 -45.03 21.97
CA GLU A 1037 3.93 -44.02 21.59
C GLU A 1037 4.42 -42.64 22.03
N ILE A 1038 3.89 -41.60 21.38
CA ILE A 1038 4.22 -40.22 21.73
C ILE A 1038 3.63 -39.90 23.10
N PRO A 1039 4.45 -39.50 24.08
CA PRO A 1039 3.91 -39.26 25.42
C PRO A 1039 2.97 -38.07 25.51
N GLY A 1040 3.38 -36.90 25.06
CA GLY A 1040 2.52 -35.73 25.17
C GLY A 1040 3.33 -34.45 25.10
N ARG A 1041 2.93 -33.48 25.94
CA ARG A 1041 3.59 -32.19 25.96
C ARG A 1041 4.75 -32.20 26.95
N LYS A 1042 5.62 -31.20 26.83
CA LYS A 1042 6.77 -31.04 27.72
C LYS A 1042 6.54 -29.86 28.65
N PHE A 1043 6.91 -30.02 29.91
CA PHE A 1043 6.83 -28.95 30.89
C PHE A 1043 8.06 -28.99 31.79
N TYR A 1044 8.63 -27.82 32.05
CA TYR A 1044 9.85 -27.72 32.85
C TYR A 1044 9.48 -27.48 34.31
N LEU A 1045 10.40 -27.84 35.20
CA LEU A 1045 10.10 -27.86 36.62
C LEU A 1045 10.46 -26.55 37.29
N HIS A 1046 10.02 -26.40 38.53
CA HIS A 1046 10.24 -25.21 39.35
C HIS A 1046 11.26 -25.56 40.44
N HIS A 1047 12.44 -24.94 40.39
CA HIS A 1047 13.41 -25.19 41.46
C HIS A 1047 14.27 -23.95 41.64
N ASN A 1048 14.86 -23.86 42.83
CA ASN A 1048 15.81 -22.80 43.14
C ASN A 1048 17.23 -23.34 42.94
N GLY A 1049 17.48 -23.83 41.73
CA GLY A 1049 18.76 -24.38 41.35
C GLY A 1049 19.63 -23.44 40.55
N TRP A 1050 19.35 -22.15 40.53
CA TRP A 1050 20.19 -21.22 39.78
C TRP A 1050 21.34 -20.71 40.62
N ARG A 1051 21.25 -20.84 41.95
CA ARG A 1051 22.29 -20.28 42.81
C ARG A 1051 23.59 -21.07 42.69
N ILE A 1052 23.53 -22.27 42.11
CA ILE A 1052 24.75 -23.03 41.86
C ILE A 1052 25.60 -22.34 40.80
N ILE A 1053 25.00 -21.97 39.67
CA ILE A 1053 25.72 -21.34 38.58
C ILE A 1053 26.43 -20.07 39.02
N ARG A 1054 25.96 -19.42 40.08
CA ARG A 1054 26.61 -18.23 40.61
C ARG A 1054 27.80 -18.55 41.49
N GLN A 1055 28.09 -19.84 41.71
CA GLN A 1055 29.23 -20.25 42.50
C GLN A 1055 30.33 -20.92 41.69
N LYS A 1056 30.08 -21.26 40.43
CA LYS A 1056 31.05 -21.94 39.59
C LYS A 1056 31.47 -21.12 38.38
N GLN A 1057 31.31 -19.80 38.42
CA GLN A 1057 31.74 -18.96 37.31
C GLN A 1057 33.22 -19.16 37.02
N LEU A 1058 34.05 -19.05 38.06
CA LEU A 1058 35.48 -19.20 37.91
C LEU A 1058 35.86 -20.59 37.43
N GLU A 1059 34.98 -21.58 37.62
CA GLU A 1059 35.23 -22.91 37.08
C GLU A 1059 34.69 -23.05 35.67
N ILE A 1060 33.50 -22.52 35.40
CA ILE A 1060 32.89 -22.69 34.07
C ILE A 1060 33.73 -22.00 33.01
N ARG A 1061 34.21 -20.79 33.28
CA ARG A 1061 34.99 -20.11 32.25
C ARG A 1061 36.32 -20.82 31.97
N GLU A 1062 36.73 -21.74 32.83
CA GLU A 1062 37.97 -22.46 32.61
C GLU A 1062 37.85 -23.54 31.52
N THR A 1063 36.98 -24.53 31.74
CA THR A 1063 37.07 -25.75 30.96
C THR A 1063 36.20 -25.69 29.71
N VAL A 1064 35.01 -25.09 29.80
CA VAL A 1064 34.11 -25.07 28.67
C VAL A 1064 34.69 -24.22 27.55
N GLN A 1065 34.71 -24.77 26.34
CA GLN A 1065 35.25 -24.04 25.21
C GLN A 1065 34.36 -22.84 24.88
N PRO A 1066 34.95 -21.66 24.71
CA PRO A 1066 34.14 -20.43 24.76
C PRO A 1066 33.10 -20.29 23.65
N GLU A 1067 33.20 -21.04 22.55
CA GLU A 1067 32.27 -20.85 21.45
C GLU A 1067 30.86 -21.32 21.79
N ARG A 1068 30.70 -22.06 22.90
CA ARG A 1068 29.38 -22.58 23.22
C ARG A 1068 28.76 -21.84 24.41
N ASN A 1069 29.57 -21.17 25.22
CA ASN A 1069 29.03 -20.41 26.34
C ASN A 1069 28.29 -19.17 25.85
N VAL A 1070 27.45 -18.62 26.71
CA VAL A 1070 26.72 -17.39 26.46
C VAL A 1070 26.74 -16.56 27.73
N THR A 1071 26.98 -15.27 27.61
CA THR A 1071 27.02 -14.36 28.74
C THR A 1071 25.98 -13.26 28.54
N THR A 1072 25.19 -12.99 29.57
CA THR A 1072 24.08 -12.06 29.42
C THR A 1072 23.69 -11.48 30.77
N GLU A 1073 23.04 -10.33 30.74
CA GLU A 1073 22.56 -9.68 31.96
C GLU A 1073 21.30 -10.39 32.46
N VAL A 1074 21.06 -10.28 33.77
CA VAL A 1074 19.96 -10.95 34.43
C VAL A 1074 19.27 -9.97 35.38
N MET A 1075 18.01 -10.21 35.67
CA MET A 1075 17.24 -9.33 36.54
C MET A 1075 16.92 -10.05 37.85
N ASP A 1076 16.83 -9.28 38.94
CA ASP A 1076 16.79 -9.87 40.27
C ASP A 1076 15.37 -10.28 40.65
N LYS A 1077 15.18 -10.66 41.91
CA LYS A 1077 13.86 -11.00 42.43
C LYS A 1077 13.14 -9.75 42.90
N GLY A 1078 11.84 -9.66 42.59
CA GLY A 1078 11.01 -8.59 43.10
C GLY A 1078 10.69 -7.49 42.10
N ASN A 1079 11.03 -7.67 40.83
CA ASN A 1079 10.69 -6.67 39.83
C ASN A 1079 9.21 -6.73 39.49
N VAL A 1080 8.69 -5.62 38.95
CA VAL A 1080 7.27 -5.52 38.69
C VAL A 1080 7.02 -4.87 37.34
N PHE A 1081 6.67 -5.68 36.34
CA PHE A 1081 6.35 -5.17 35.01
C PHE A 1081 4.85 -4.92 34.93
N SER A 1082 4.43 -4.06 34.00
CA SER A 1082 3.02 -3.85 33.74
C SER A 1082 2.69 -4.52 32.41
N PHE A 1083 1.39 -4.74 32.17
CA PHE A 1083 0.98 -5.62 31.10
C PHE A 1083 -0.51 -5.45 30.86
N ASP A 1084 -0.95 -5.68 29.62
CA ASP A 1084 -2.36 -5.48 29.29
C ASP A 1084 -2.76 -6.32 28.09
N VAL A 1085 -3.97 -6.88 28.14
CA VAL A 1085 -4.53 -7.65 27.04
C VAL A 1085 -5.83 -7.02 26.61
N LYS A 1086 -6.02 -6.90 25.30
CA LYS A 1086 -7.22 -6.30 24.73
C LYS A 1086 -7.97 -7.36 23.95
N PHE A 1087 -9.10 -7.80 24.45
CA PHE A 1087 -9.87 -8.89 23.85
C PHE A 1087 -11.17 -8.33 23.29
N GLU A 1088 -11.60 -8.85 22.15
CA GLU A 1088 -12.82 -8.40 21.50
C GLU A 1088 -13.67 -9.61 21.12
N ASN A 1089 -14.97 -9.52 21.40
CA ASN A 1089 -16.01 -10.41 20.90
C ASN A 1089 -15.94 -11.82 21.49
N LEU A 1090 -15.29 -12.01 22.63
CA LEU A 1090 -15.23 -13.34 23.23
C LEU A 1090 -16.62 -13.77 23.69
N ARG A 1091 -16.75 -15.07 23.94
CA ARG A 1091 -17.98 -15.62 24.47
C ARG A 1091 -17.95 -15.57 25.99
N GLU A 1092 -18.90 -16.25 26.63
CA GLU A 1092 -19.07 -16.11 28.07
C GLU A 1092 -18.01 -16.87 28.84
N TRP A 1093 -17.95 -18.20 28.65
CA TRP A 1093 -17.04 -19.02 29.45
C TRP A 1093 -15.61 -18.90 28.96
N GLU A 1094 -15.42 -18.43 27.72
CA GLU A 1094 -14.06 -18.23 27.22
C GLU A 1094 -13.31 -17.23 28.08
N LEU A 1095 -13.98 -16.15 28.49
CA LEU A 1095 -13.34 -15.17 29.36
C LEU A 1095 -12.98 -15.78 30.71
N GLY A 1096 -13.84 -16.63 31.25
CA GLY A 1096 -13.52 -17.28 32.51
C GLY A 1096 -12.29 -18.16 32.39
N LEU A 1097 -12.20 -18.94 31.31
CA LEU A 1097 -11.03 -19.79 31.14
C LEU A 1097 -9.77 -18.96 30.90
N LEU A 1098 -9.87 -17.85 30.19
CA LEU A 1098 -8.69 -16.99 30.02
C LEU A 1098 -8.23 -16.43 31.36
N LEU A 1099 -9.16 -15.96 32.19
CA LEU A 1099 -8.79 -15.44 33.51
C LEU A 1099 -8.16 -16.53 34.36
N GLN A 1100 -8.72 -17.74 34.33
CA GLN A 1100 -8.14 -18.84 35.09
C GLN A 1100 -6.75 -19.18 34.57
N SER A 1101 -6.51 -18.97 33.28
CA SER A 1101 -5.20 -19.27 32.73
C SER A 1101 -4.17 -18.22 33.13
N LEU A 1102 -4.57 -16.95 33.16
CA LEU A 1102 -3.61 -15.89 33.51
C LEU A 1102 -3.11 -16.06 34.94
N ASP A 1103 -4.01 -16.19 35.90
CA ASP A 1103 -3.67 -16.25 37.32
C ASP A 1103 -4.27 -17.51 37.91
N PRO A 1104 -3.58 -18.65 37.79
CA PRO A 1104 -4.17 -19.90 38.29
C PRO A 1104 -4.47 -19.88 39.77
N GLY A 1105 -3.80 -19.04 40.54
CA GLY A 1105 -4.10 -18.92 41.94
C GLY A 1105 -2.84 -18.68 42.73
N LYS A 1106 -3.00 -18.69 44.05
CA LYS A 1106 -1.84 -18.65 44.92
C LYS A 1106 -1.02 -19.92 44.75
N ASN A 1107 0.26 -19.83 45.07
CA ASN A 1107 1.13 -21.00 45.16
C ASN A 1107 1.36 -21.66 43.81
N ILE A 1108 1.11 -20.94 42.72
CA ILE A 1108 1.27 -21.45 41.37
C ILE A 1108 1.92 -20.37 40.51
N ALA A 1109 2.79 -20.77 39.59
CA ALA A 1109 3.55 -19.80 38.81
C ALA A 1109 4.00 -20.41 37.50
N HIS A 1110 4.10 -19.57 36.47
CA HIS A 1110 4.47 -19.99 35.13
C HIS A 1110 5.98 -20.13 35.00
N LYS A 1111 6.46 -20.29 33.77
CA LYS A 1111 7.87 -20.31 33.45
C LYS A 1111 8.08 -19.54 32.15
N LEU A 1112 9.19 -18.81 32.05
CA LEU A 1112 9.40 -17.90 30.93
C LEU A 1112 10.85 -17.46 30.87
N GLY A 1113 11.40 -17.37 29.67
CA GLY A 1113 12.72 -16.84 29.48
C GLY A 1113 13.76 -17.92 29.24
N LYS A 1114 14.86 -17.52 28.60
CA LYS A 1114 15.91 -18.47 28.23
C LYS A 1114 16.54 -19.09 29.47
N GLY A 1115 16.86 -20.38 29.37
CA GLY A 1115 17.45 -21.12 30.46
C GLY A 1115 16.49 -21.77 31.42
N LYS A 1116 15.31 -22.16 30.95
CA LYS A 1116 14.29 -22.71 31.86
C LYS A 1116 14.75 -23.93 32.64
N PRO A 1117 15.43 -24.93 32.05
CA PRO A 1117 15.77 -26.12 32.84
C PRO A 1117 16.70 -25.82 34.01
N TYR A 1118 17.60 -24.85 33.87
CA TYR A 1118 18.52 -24.55 34.97
C TYR A 1118 17.77 -23.98 36.17
N GLY A 1119 16.73 -23.20 35.92
CA GLY A 1119 15.94 -22.64 37.01
C GLY A 1119 15.60 -21.17 36.83
N PHE A 1120 15.98 -20.60 35.69
CA PHE A 1120 15.80 -19.19 35.42
C PHE A 1120 14.42 -18.94 34.82
N GLY A 1121 13.62 -18.11 35.47
CA GLY A 1121 12.49 -17.56 34.75
C GLY A 1121 11.10 -17.57 35.38
N SER A 1122 10.96 -18.06 36.61
CA SER A 1122 9.62 -18.16 37.19
C SER A 1122 8.99 -16.78 37.34
N VAL A 1123 7.74 -16.65 36.89
CA VAL A 1123 7.00 -15.40 36.96
C VAL A 1123 5.64 -15.64 37.58
N LYS A 1124 5.01 -14.57 38.04
CA LYS A 1124 3.72 -14.65 38.72
C LYS A 1124 2.91 -13.43 38.33
N ILE A 1125 1.69 -13.65 37.83
CA ILE A 1125 0.88 -12.56 37.28
C ILE A 1125 -0.29 -12.29 38.21
N LYS A 1126 -0.76 -11.04 38.21
CA LYS A 1126 -1.93 -10.62 38.97
C LYS A 1126 -2.84 -9.80 38.06
N ILE A 1127 -4.07 -9.57 38.50
CA ILE A 1127 -5.03 -8.76 37.77
C ILE A 1127 -5.35 -7.54 38.61
N ASP A 1128 -5.45 -6.37 37.99
CA ASP A 1128 -5.84 -5.17 38.74
C ASP A 1128 -7.16 -4.60 38.24
N SER A 1129 -7.46 -4.75 36.95
CA SER A 1129 -8.67 -4.12 36.44
C SER A 1129 -9.14 -4.83 35.19
N LEU A 1130 -10.45 -5.06 35.12
CA LEU A 1130 -11.11 -5.60 33.94
C LEU A 1130 -12.15 -4.57 33.50
N HIS A 1131 -12.09 -4.18 32.23
CA HIS A 1131 -12.99 -3.17 31.68
C HIS A 1131 -13.77 -3.80 30.53
N THR A 1132 -15.08 -3.93 30.70
CA THR A 1132 -15.96 -4.53 29.72
C THR A 1132 -16.90 -3.46 29.19
N PHE A 1133 -16.80 -3.16 27.90
CA PHE A 1133 -17.71 -2.24 27.24
C PHE A 1133 -18.42 -2.93 26.10
N LYS A 1134 -19.74 -2.78 26.04
CA LYS A 1134 -20.54 -3.35 24.97
C LYS A 1134 -20.87 -2.22 24.01
N ILE A 1135 -19.99 -2.01 23.02
CA ILE A 1135 -20.18 -0.95 22.05
C ILE A 1135 -21.31 -1.37 21.11
N ASN A 1136 -22.10 -0.40 20.68
CA ASN A 1136 -23.31 -0.67 19.91
C ASN A 1136 -23.79 0.65 19.33
N SER A 1137 -24.99 0.67 18.76
CA SER A 1137 -25.69 1.94 18.56
C SER A 1137 -26.15 2.53 19.89
N ASN A 1138 -26.04 1.78 20.98
CA ASN A 1138 -26.28 2.29 22.31
C ASN A 1138 -25.18 3.26 22.72
N ASN A 1139 -25.44 4.01 23.79
CA ASN A 1139 -24.49 5.00 24.27
C ASN A 1139 -23.69 4.54 25.48
N ASP A 1140 -23.75 3.25 25.83
CA ASP A 1140 -22.96 2.76 26.94
C ASP A 1140 -21.47 2.89 26.64
N LYS A 1141 -20.71 3.25 27.67
CA LYS A 1141 -19.30 3.56 27.53
C LYS A 1141 -18.47 2.59 28.38
N ILE A 1142 -17.16 2.88 28.45
CA ILE A 1142 -16.25 2.05 29.24
C ILE A 1142 -16.70 2.06 30.69
N LYS A 1143 -16.99 0.87 31.23
CA LYS A 1143 -17.36 0.71 32.62
C LYS A 1143 -16.43 -0.29 33.27
N ARG A 1144 -16.30 -0.18 34.59
CA ARG A 1144 -15.62 -1.21 35.36
C ARG A 1144 -16.61 -2.32 35.68
N VAL A 1145 -16.08 -3.51 35.94
CA VAL A 1145 -16.88 -4.64 36.38
C VAL A 1145 -16.63 -4.85 37.87
N PRO A 1146 -17.65 -4.78 38.72
CA PRO A 1146 -17.43 -5.02 40.14
C PRO A 1146 -17.00 -6.46 40.36
N GLN A 1147 -16.02 -6.64 41.25
CA GLN A 1147 -15.56 -7.97 41.58
C GLN A 1147 -16.73 -8.80 42.12
N SER A 1148 -16.59 -10.12 42.09
CA SER A 1148 -17.66 -11.08 42.26
C SER A 1148 -18.50 -11.15 41.01
N ASP A 1149 -18.03 -10.53 39.93
CA ASP A 1149 -18.52 -10.88 38.61
C ASP A 1149 -17.47 -11.67 37.83
N ILE A 1150 -16.19 -11.38 38.06
CA ILE A 1150 -15.15 -12.23 37.49
C ILE A 1150 -15.19 -13.60 38.14
N ARG A 1151 -15.59 -13.66 39.41
CA ARG A 1151 -15.86 -14.96 40.03
C ARG A 1151 -16.99 -15.68 39.29
N GLU A 1152 -18.02 -14.93 38.89
CA GLU A 1152 -19.10 -15.52 38.11
C GLU A 1152 -18.60 -16.08 36.79
N TYR A 1153 -17.75 -15.32 36.09
CA TYR A 1153 -17.22 -15.78 34.82
C TYR A 1153 -16.37 -17.04 35.00
N ILE A 1154 -15.53 -17.07 36.04
CA ILE A 1154 -14.69 -18.25 36.29
C ILE A 1154 -15.56 -19.46 36.62
N ASN A 1155 -16.56 -19.28 37.48
CA ASN A 1155 -17.43 -20.39 37.85
C ASN A 1155 -18.18 -20.92 36.65
N LYS A 1156 -18.66 -20.04 35.77
CA LYS A 1156 -19.33 -20.52 34.58
C LYS A 1156 -18.36 -21.12 33.56
N GLY A 1157 -17.09 -20.73 33.61
CA GLY A 1157 -16.12 -21.35 32.72
C GLY A 1157 -15.80 -22.79 33.11
N TYR A 1158 -15.65 -23.03 34.41
CA TYR A 1158 -15.26 -24.37 34.88
C TYR A 1158 -16.29 -25.42 34.49
N GLN A 1159 -17.56 -25.04 34.43
CA GLN A 1159 -18.60 -26.00 34.07
C GLN A 1159 -18.44 -26.50 32.66
N LYS A 1160 -17.92 -25.67 31.75
CA LYS A 1160 -17.70 -26.12 30.38
C LYS A 1160 -16.60 -27.16 30.32
N LEU A 1161 -15.53 -26.98 31.11
CA LEU A 1161 -14.49 -28.00 31.19
C LEU A 1161 -15.05 -29.31 31.70
N ILE A 1162 -15.93 -29.25 32.70
CA ILE A 1162 -16.57 -30.50 33.14
C ILE A 1162 -17.34 -31.12 31.99
N GLU A 1163 -18.09 -30.31 31.24
CA GLU A 1163 -18.98 -30.86 30.23
C GLU A 1163 -18.22 -31.54 29.09
N TRP A 1164 -17.10 -30.94 28.67
CA TRP A 1164 -16.42 -31.45 27.47
C TRP A 1164 -15.93 -32.88 27.64
N SER A 1165 -15.38 -33.20 28.81
CA SER A 1165 -14.82 -34.53 29.01
C SER A 1165 -15.88 -35.61 28.91
N GLY A 1166 -17.14 -35.23 29.07
CA GLY A 1166 -18.22 -36.20 29.13
C GLY A 1166 -18.25 -36.99 30.42
N ASN A 1167 -17.30 -36.77 31.32
CA ASN A 1167 -17.24 -37.46 32.59
C ASN A 1167 -18.21 -36.82 33.56
N ASN A 1168 -19.51 -36.94 33.28
CA ASN A 1168 -20.53 -36.35 34.15
C ASN A 1168 -20.44 -36.90 35.57
N SER A 1169 -19.70 -38.01 35.74
CA SER A 1169 -19.47 -38.55 37.07
C SER A 1169 -18.76 -37.56 37.98
N ILE A 1170 -18.08 -36.56 37.42
CA ILE A 1170 -17.51 -35.50 38.24
C ILE A 1170 -18.61 -34.84 39.07
N GLN A 1171 -18.27 -34.46 40.30
CA GLN A 1171 -19.25 -33.94 41.24
C GLN A 1171 -19.99 -32.74 40.66
N LYS A 1172 -21.31 -32.81 40.69
CA LYS A 1172 -22.17 -31.76 40.17
C LYS A 1172 -22.90 -31.09 41.32
N GLY A 1173 -22.81 -29.75 41.38
CA GLY A 1173 -23.44 -29.02 42.46
C GLY A 1173 -23.00 -27.58 42.45
N ASN A 1174 -23.04 -26.97 43.65
CA ASN A 1174 -22.62 -25.58 43.84
C ASN A 1174 -21.54 -25.55 44.91
N VAL A 1175 -20.35 -25.08 44.54
CA VAL A 1175 -19.22 -24.99 45.45
C VAL A 1175 -18.18 -24.07 44.81
N LEU A 1176 -17.29 -23.51 45.63
CA LEU A 1176 -16.13 -22.81 45.11
C LEU A 1176 -15.35 -23.77 44.20
N PRO A 1177 -14.84 -23.29 43.07
CA PRO A 1177 -14.26 -24.20 42.08
C PRO A 1177 -13.13 -25.05 42.66
N GLN A 1178 -13.17 -26.33 42.34
CA GLN A 1178 -12.10 -27.28 42.67
C GLN A 1178 -11.52 -27.75 41.33
N TRP A 1179 -10.24 -27.47 41.12
CA TRP A 1179 -9.60 -27.80 39.85
C TRP A 1179 -8.75 -29.05 39.93
N HIS A 1180 -8.83 -29.81 41.02
CA HIS A 1180 -8.11 -31.07 41.12
C HIS A 1180 -9.08 -32.25 41.20
N VAL A 1181 -10.13 -32.21 40.40
CA VAL A 1181 -11.00 -33.36 40.19
C VAL A 1181 -10.93 -33.86 38.76
N ILE A 1182 -10.85 -32.96 37.79
CA ILE A 1182 -10.55 -33.37 36.42
C ILE A 1182 -9.14 -33.94 36.38
N PRO A 1183 -8.93 -35.12 35.79
CA PRO A 1183 -7.63 -35.80 35.95
C PRO A 1183 -6.43 -35.01 35.47
N HIS A 1184 -6.40 -34.57 34.21
CA HIS A 1184 -5.16 -34.05 33.65
C HIS A 1184 -4.82 -32.68 34.24
N ILE A 1185 -5.82 -31.94 34.71
CA ILE A 1185 -5.54 -30.65 35.34
C ILE A 1185 -4.74 -30.84 36.62
N ASP A 1186 -5.02 -31.91 37.36
CA ASP A 1186 -4.24 -32.19 38.57
C ASP A 1186 -2.78 -32.41 38.22
N LYS A 1187 -2.50 -33.17 37.17
CA LYS A 1187 -1.11 -33.40 36.78
C LYS A 1187 -0.45 -32.13 36.29
N LEU A 1188 -1.20 -31.27 35.59
CA LEU A 1188 -0.62 -30.00 35.18
C LEU A 1188 -0.21 -29.16 36.38
N TYR A 1189 -1.10 -29.03 37.37
CA TYR A 1189 -0.79 -28.19 38.52
C TYR A 1189 0.33 -28.80 39.35
N LYS A 1190 0.42 -30.14 39.40
CA LYS A 1190 1.60 -30.75 39.99
C LYS A 1190 2.86 -30.38 39.23
N LEU A 1191 2.78 -30.38 37.89
CA LEU A 1191 3.93 -30.06 37.07
C LEU A 1191 4.46 -28.68 37.32
N LEU A 1192 3.60 -27.69 37.53
CA LEU A 1192 4.07 -26.33 37.80
C LEU A 1192 3.55 -25.85 39.16
N TRP A 1193 4.40 -26.00 40.16
CA TRP A 1193 4.09 -25.76 41.58
C TRP A 1193 5.35 -25.30 42.30
N VAL A 1194 5.42 -24.01 42.62
CA VAL A 1194 6.62 -23.43 43.22
C VAL A 1194 6.81 -23.95 44.64
N PRO A 1195 7.89 -24.67 44.93
CA PRO A 1195 8.07 -25.20 46.29
C PRO A 1195 8.50 -24.16 47.31
N PHE A 1196 9.45 -23.29 46.97
CA PHE A 1196 10.10 -22.48 48.00
C PHE A 1196 9.19 -21.39 48.53
N LEU A 1197 8.12 -21.06 47.81
CA LEU A 1197 7.24 -19.98 48.24
C LEU A 1197 6.54 -20.32 49.54
N ASN A 1198 6.07 -21.57 49.67
CA ASN A 1198 5.29 -21.94 50.84
C ASN A 1198 6.18 -22.25 52.04
N ASP A 1199 7.03 -23.26 51.91
CA ASP A 1199 8.04 -23.59 52.93
C ASP A 1199 9.34 -22.91 52.54
N SER A 1200 9.71 -21.87 53.28
CA SER A 1200 10.77 -20.98 52.83
C SER A 1200 12.10 -21.70 52.68
N LYS A 1201 12.33 -22.76 53.45
CA LYS A 1201 13.59 -23.48 53.42
C LYS A 1201 13.46 -24.88 52.84
N LEU A 1202 12.48 -25.11 51.95
CA LEU A 1202 12.33 -26.38 51.27
C LEU A 1202 12.83 -26.21 49.83
N GLU A 1203 14.10 -26.52 49.61
CA GLU A 1203 14.69 -26.40 48.28
C GLU A 1203 15.00 -27.79 47.72
N PRO A 1204 14.31 -28.23 46.67
CA PRO A 1204 14.65 -29.49 46.03
C PRO A 1204 15.94 -29.36 45.22
N ASP A 1205 16.45 -30.50 44.80
CA ASP A 1205 17.68 -30.57 44.02
C ASP A 1205 17.38 -31.21 42.68
N VAL A 1206 17.66 -30.48 41.59
CA VAL A 1206 17.32 -30.92 40.24
C VAL A 1206 18.55 -30.80 39.36
N ARG A 1207 18.80 -31.83 38.54
CA ARG A 1207 19.93 -31.81 37.63
C ARG A 1207 19.82 -32.95 36.65
N TYR A 1208 20.41 -32.79 35.47
CA TYR A 1208 20.48 -33.87 34.50
C TYR A 1208 21.55 -34.89 34.92
N PRO A 1209 21.39 -36.15 34.54
CA PRO A 1209 22.47 -37.12 34.75
C PRO A 1209 23.67 -36.82 33.87
N VAL A 1210 24.83 -37.24 34.36
CA VAL A 1210 26.08 -37.08 33.61
C VAL A 1210 26.20 -38.24 32.63
N LEU A 1211 27.09 -38.09 31.65
CA LEU A 1211 27.08 -38.98 30.50
C LEU A 1211 27.61 -40.37 30.84
N ASN A 1212 28.91 -40.49 31.13
CA ASN A 1212 29.54 -41.81 31.25
C ASN A 1212 30.51 -41.94 32.42
N GLU A 1213 30.17 -41.46 33.61
CA GLU A 1213 30.78 -42.04 34.80
C GLU A 1213 32.30 -41.90 34.85
N GLU A 1214 32.80 -40.72 35.26
CA GLU A 1214 34.07 -40.04 34.91
C GLU A 1214 33.87 -38.94 33.87
N SER A 1215 32.63 -38.53 33.62
CA SER A 1215 32.39 -37.26 32.95
C SER A 1215 32.67 -36.14 33.95
N LYS A 1216 32.32 -34.90 33.60
CA LYS A 1216 32.77 -33.76 34.40
C LYS A 1216 32.17 -33.75 35.80
N GLY A 1217 30.85 -33.88 35.91
CA GLY A 1217 30.20 -33.68 37.19
C GLY A 1217 29.70 -34.94 37.86
N TYR A 1218 30.50 -35.99 37.83
CA TYR A 1218 30.11 -37.29 38.38
C TYR A 1218 30.38 -37.28 39.89
N ILE A 1219 29.29 -37.29 40.68
CA ILE A 1219 29.44 -37.48 42.11
C ILE A 1219 29.90 -38.91 42.38
N GLU A 1220 31.00 -39.05 43.10
CA GLU A 1220 31.54 -40.38 43.36
C GLU A 1220 30.56 -41.22 44.17
N GLY A 1221 30.37 -42.46 43.74
CA GLY A 1221 29.46 -43.37 44.40
C GLY A 1221 27.99 -43.02 44.26
N SER A 1222 27.65 -42.03 43.44
CA SER A 1222 26.25 -41.61 43.34
C SER A 1222 25.42 -42.60 42.53
N ASP A 1223 26.01 -43.16 41.45
CA ASP A 1223 25.27 -44.02 40.52
C ASP A 1223 24.06 -43.31 39.94
N TYR A 1224 24.31 -42.21 39.24
CA TYR A 1224 23.27 -41.38 38.62
C TYR A 1224 23.68 -41.04 37.19
N THR A 1225 24.12 -42.06 36.47
CA THR A 1225 24.77 -41.85 35.18
C THR A 1225 24.16 -42.78 34.15
N TYR A 1226 24.18 -42.36 32.88
CA TYR A 1226 23.89 -43.28 31.79
C TYR A 1226 24.91 -44.41 31.81
N LYS A 1227 24.62 -45.48 31.09
CA LYS A 1227 25.28 -46.79 31.23
C LYS A 1227 24.81 -47.47 32.50
N LYS A 1228 24.03 -46.74 33.30
CA LYS A 1228 23.41 -47.27 34.51
C LYS A 1228 21.99 -46.78 34.68
N LEU A 1229 21.47 -46.01 33.71
CA LEU A 1229 20.12 -45.48 33.79
C LEU A 1229 19.41 -45.59 32.44
N GLY A 1230 20.12 -46.05 31.40
CA GLY A 1230 19.52 -46.20 30.08
C GLY A 1230 19.76 -47.58 29.52
N ASP A 1231 20.43 -48.43 30.29
CA ASP A 1231 20.61 -49.83 29.91
C ASP A 1231 19.25 -50.52 29.84
N LYS A 1232 19.11 -51.44 28.89
CA LYS A 1232 17.86 -52.20 28.78
C LYS A 1232 17.61 -53.00 30.05
N ASP A 1233 18.64 -53.64 30.58
CA ASP A 1233 18.57 -54.20 31.92
C ASP A 1233 18.73 -53.08 32.95
N ASN A 1234 18.26 -53.35 34.17
CA ASN A 1234 18.34 -52.44 35.31
C ASN A 1234 17.35 -51.29 35.13
N LEU A 1235 16.77 -51.16 33.94
CA LEU A 1235 15.68 -50.20 33.73
C LEU A 1235 14.98 -50.52 32.41
N PRO A 1236 13.96 -51.37 32.43
CA PRO A 1236 13.25 -51.67 31.17
C PRO A 1236 12.51 -50.46 30.64
N TYR A 1237 12.22 -50.49 29.33
CA TYR A 1237 11.67 -49.32 28.66
C TYR A 1237 10.30 -48.95 29.19
N LYS A 1238 9.45 -49.94 29.44
CA LYS A 1238 8.10 -49.67 29.91
C LYS A 1238 8.13 -48.98 31.28
N THR A 1239 9.19 -49.20 32.05
CA THR A 1239 9.34 -48.46 33.30
C THR A 1239 9.82 -47.05 33.04
N ARG A 1240 10.68 -46.85 32.03
CA ARG A 1240 11.18 -45.51 31.73
C ARG A 1240 10.06 -44.59 31.28
N VAL A 1241 9.23 -45.05 30.34
CA VAL A 1241 8.14 -44.20 29.84
C VAL A 1241 7.19 -43.85 30.98
N LYS A 1242 6.94 -44.82 31.88
CA LYS A 1242 6.11 -44.53 33.04
C LYS A 1242 6.78 -43.52 33.97
N GLY A 1243 8.10 -43.60 34.11
CA GLY A 1243 8.80 -42.69 35.00
C GLY A 1243 8.90 -41.28 34.44
N LEU A 1244 8.76 -41.13 33.12
CA LEU A 1244 8.83 -39.80 32.54
C LEU A 1244 7.51 -39.05 32.57
N THR A 1245 6.38 -39.74 32.66
CA THR A 1245 5.08 -39.09 32.63
C THR A 1245 4.44 -38.98 34.01
N THR A 1246 5.21 -39.21 35.08
CA THR A 1246 4.70 -39.04 36.43
C THR A 1246 5.35 -37.81 37.05
N PRO A 1247 4.62 -36.71 37.20
CA PRO A 1247 5.25 -35.46 37.65
C PRO A 1247 5.82 -35.57 39.06
N TRP A 1248 6.96 -34.90 39.25
CA TRP A 1248 7.61 -34.79 40.56
C TRP A 1248 7.85 -36.16 41.18
N SER A 1249 8.58 -37.00 40.46
CA SER A 1249 8.87 -38.35 40.92
C SER A 1249 10.36 -38.52 41.14
N PRO A 1250 10.78 -39.09 42.27
CA PRO A 1250 12.21 -39.27 42.54
C PRO A 1250 12.90 -40.06 41.44
N TRP A 1251 14.18 -39.78 41.22
CA TRP A 1251 14.90 -40.42 40.12
C TRP A 1251 16.28 -40.94 40.51
N ASN A 1252 16.86 -40.52 41.64
CA ASN A 1252 18.16 -41.05 42.00
C ASN A 1252 18.07 -42.47 42.51
N PRO A 1253 17.27 -42.80 43.53
CA PRO A 1253 16.93 -44.21 43.78
C PRO A 1253 15.84 -44.75 42.88
N PHE A 1254 15.22 -43.89 42.07
CA PHE A 1254 14.27 -44.28 41.04
C PHE A 1254 13.07 -45.05 41.62
N GLN A 1255 12.32 -44.38 42.48
CA GLN A 1255 11.03 -44.91 42.90
C GLN A 1255 9.99 -44.66 41.81
N VAL A 1256 8.82 -45.26 42.01
CA VAL A 1256 7.69 -45.12 41.08
C VAL A 1256 8.09 -45.40 39.64
ZN ZN D . -18.74 40.19 -49.57
ZN ZN E . -23.17 22.73 -21.85
ZN ZN F . -23.51 -1.12 0.65
ZN ZN G . -5.88 -26.40 16.39
#